data_3PCV
# 
_entry.id   3PCV 
# 
_audit_conform.dict_name       mmcif_pdbx.dic 
_audit_conform.dict_version    5.380 
_audit_conform.dict_location   http://mmcif.pdb.org/dictionaries/ascii/mmcif_pdbx.dic 
# 
loop_
_database_2.database_id 
_database_2.database_code 
_database_2.pdbx_database_accession 
_database_2.pdbx_DOI 
PDB   3PCV         pdb_00003pcv 10.2210/pdb3pcv/pdb 
RCSB  RCSB062223   ?            ?                   
WWPDB D_1000062223 ?            ?                   
# 
_pdbx_database_related.db_name        PDB 
_pdbx_database_related.db_id          2PNO 
_pdbx_database_related.details        'The same protein in the crystal belonging to different space group.' 
_pdbx_database_related.content_type   unspecified 
# 
_pdbx_database_status.status_code                     REL 
_pdbx_database_status.entry_id                        3PCV 
_pdbx_database_status.recvd_initial_deposition_date   2010-10-22 
_pdbx_database_status.deposit_site                    RCSB 
_pdbx_database_status.process_site                    PDBJ 
_pdbx_database_status.status_code_sf                  REL 
_pdbx_database_status.status_code_mr                  ? 
_pdbx_database_status.SG_entry                        ? 
_pdbx_database_status.status_code_cs                  ? 
_pdbx_database_status.pdb_format_compatible           Y 
_pdbx_database_status.status_code_nmr_data            ? 
_pdbx_database_status.methods_development_category    ? 
# 
loop_
_audit_author.name 
_audit_author.pdbx_ordinal 
'Saino, H.'  1 
'Ago, H.'    2 
'Miyano, M.' 3 
# 
loop_
_citation.id 
_citation.title 
_citation.journal_abbrev 
_citation.journal_volume 
_citation.page_first 
_citation.page_last 
_citation.year 
_citation.journal_id_ASTM 
_citation.country 
_citation.journal_id_ISSN 
_citation.journal_id_CSD 
_citation.book_publisher 
_citation.pdbx_database_id_PubMed 
_citation.pdbx_database_id_DOI 
primary 'The catalytic architecture of leukotriene C4 synthase with two arginine residues'             J.Biol.Chem. 286 16392 
16401 2011 JBCHA3 US 0021-9258 0071 ? 21454538 10.1074/jbc.M110.150177 
1       'Crystal structure of a human membrane protein involved in cysteinyl leukotriene biosynthesis' Nature       448 609   612 
2007 NATUAS UK 0028-0836 0006 ? 17632548 10.1038/nature05936     
# 
loop_
_citation_author.citation_id 
_citation_author.name 
_citation_author.ordinal 
_citation_author.identifier_ORCID 
primary 'Saino, H.'     1  ? 
primary 'Ukita, Y.'     2  ? 
primary 'Ago, H.'       3  ? 
primary 'Irikura, D.'   4  ? 
primary 'Nisawa, A.'    5  ? 
primary 'Ueno, G.'      6  ? 
primary 'Yamamoto, M.'  7  ? 
primary 'Kanaoka, Y.'   8  ? 
primary 'Lam, B.K.'     9  ? 
primary 'Austen, K.F.'  10 ? 
primary 'Miyano, M.'    11 ? 
1       'Ago, H.'       12 ? 
1       'Kanaoka, Y.'   13 ? 
1       'Irikura, D.'   14 ? 
1       'Lam, B.K.'     15 ? 
1       'Shimamura, T.' 16 ? 
1       'Austen, K.F.'  17 ? 
1       'Miyano, M.'    18 ? 
# 
_cell.entry_id           3PCV 
_cell.length_a           168.0295 
_cell.length_b           168.0295 
_cell.length_c           168.0295 
_cell.angle_alpha        90.0 
_cell.angle_beta         90.0 
_cell.angle_gamma        90.0 
_cell.Z_PDB              48 
_cell.pdbx_unique_axis   ? 
_cell.length_a_esd       ? 
_cell.length_b_esd       ? 
_cell.length_c_esd       ? 
_cell.angle_alpha_esd    ? 
_cell.angle_beta_esd     ? 
_cell.angle_gamma_esd    ? 
# 
_symmetry.entry_id                         3PCV 
_symmetry.space_group_name_H-M             'F 2 3' 
_symmetry.pdbx_full_space_group_name_H-M   ? 
_symmetry.cell_setting                     ? 
_symmetry.Int_Tables_number                196 
_symmetry.space_group_name_Hall            ? 
# 
loop_
_entity.id 
_entity.type 
_entity.src_method 
_entity.pdbx_description 
_entity.formula_weight 
_entity.pdbx_number_of_molecules 
_entity.pdbx_ec 
_entity.pdbx_mutation 
_entity.pdbx_fragment 
_entity.details 
1 polymer     man 'Leukotriene C4 synthase' 17411.539 1  4.4.1.20 ? ? ? 
2 non-polymer syn GLUTATHIONE               307.323   1  ?        ? ? ? 
3 non-polymer syn DODECYL-BETA-D-MALTOSIDE  510.615   11 ?        ? ? ? 
4 non-polymer syn 1,2-ETHANEDIOL            62.068    4  ?        ? ? ? 
5 non-polymer syn 'UNKNOWN LIGAND'          ?         4  ?        ? ? ? 
6 non-polymer syn 'SULFATE ION'             96.063    2  ?        ? ? ? 
7 water       nat water                     18.015    94 ?        ? ? ? 
# 
_entity_name_com.entity_id   1 
_entity_name_com.name        'LTC4 synthase, Leukotriene-C(4) synthase' 
# 
_entity_poly.entity_id                      1 
_entity_poly.type                           'polypeptide(L)' 
_entity_poly.nstd_linkage                   no 
_entity_poly.nstd_monomer                   no 
_entity_poly.pdbx_seq_one_letter_code       
;MKDEVALLAAVTLLGVLLQAYFSLQVISARRAFRVSPPLTTGPPEFERVYRAQVNCSEYFPLFLATLWVAGIFFHEGAAA
LCGLVYLFARLRYFQGYARSAQLRLAPLYASARALWLLVALAALGLLAHFLPAALRAALLGRLRTLLPWAHHHHHH
;
_entity_poly.pdbx_seq_one_letter_code_can   
;MKDEVALLAAVTLLGVLLQAYFSLQVISARRAFRVSPPLTTGPPEFERVYRAQVNCSEYFPLFLATLWVAGIFFHEGAAA
LCGLVYLFARLRYFQGYARSAQLRLAPLYASARALWLLVALAALGLLAHFLPAALRAALLGRLRTLLPWAHHHHHH
;
_entity_poly.pdbx_strand_id                 A 
_entity_poly.pdbx_target_identifier         ? 
# 
loop_
_entity_poly_seq.entity_id 
_entity_poly_seq.num 
_entity_poly_seq.mon_id 
_entity_poly_seq.hetero 
1 1   MET n 
1 2   LYS n 
1 3   ASP n 
1 4   GLU n 
1 5   VAL n 
1 6   ALA n 
1 7   LEU n 
1 8   LEU n 
1 9   ALA n 
1 10  ALA n 
1 11  VAL n 
1 12  THR n 
1 13  LEU n 
1 14  LEU n 
1 15  GLY n 
1 16  VAL n 
1 17  LEU n 
1 18  LEU n 
1 19  GLN n 
1 20  ALA n 
1 21  TYR n 
1 22  PHE n 
1 23  SER n 
1 24  LEU n 
1 25  GLN n 
1 26  VAL n 
1 27  ILE n 
1 28  SER n 
1 29  ALA n 
1 30  ARG n 
1 31  ARG n 
1 32  ALA n 
1 33  PHE n 
1 34  ARG n 
1 35  VAL n 
1 36  SER n 
1 37  PRO n 
1 38  PRO n 
1 39  LEU n 
1 40  THR n 
1 41  THR n 
1 42  GLY n 
1 43  PRO n 
1 44  PRO n 
1 45  GLU n 
1 46  PHE n 
1 47  GLU n 
1 48  ARG n 
1 49  VAL n 
1 50  TYR n 
1 51  ARG n 
1 52  ALA n 
1 53  GLN n 
1 54  VAL n 
1 55  ASN n 
1 56  CYS n 
1 57  SER n 
1 58  GLU n 
1 59  TYR n 
1 60  PHE n 
1 61  PRO n 
1 62  LEU n 
1 63  PHE n 
1 64  LEU n 
1 65  ALA n 
1 66  THR n 
1 67  LEU n 
1 68  TRP n 
1 69  VAL n 
1 70  ALA n 
1 71  GLY n 
1 72  ILE n 
1 73  PHE n 
1 74  PHE n 
1 75  HIS n 
1 76  GLU n 
1 77  GLY n 
1 78  ALA n 
1 79  ALA n 
1 80  ALA n 
1 81  LEU n 
1 82  CYS n 
1 83  GLY n 
1 84  LEU n 
1 85  VAL n 
1 86  TYR n 
1 87  LEU n 
1 88  PHE n 
1 89  ALA n 
1 90  ARG n 
1 91  LEU n 
1 92  ARG n 
1 93  TYR n 
1 94  PHE n 
1 95  GLN n 
1 96  GLY n 
1 97  TYR n 
1 98  ALA n 
1 99  ARG n 
1 100 SER n 
1 101 ALA n 
1 102 GLN n 
1 103 LEU n 
1 104 ARG n 
1 105 LEU n 
1 106 ALA n 
1 107 PRO n 
1 108 LEU n 
1 109 TYR n 
1 110 ALA n 
1 111 SER n 
1 112 ALA n 
1 113 ARG n 
1 114 ALA n 
1 115 LEU n 
1 116 TRP n 
1 117 LEU n 
1 118 LEU n 
1 119 VAL n 
1 120 ALA n 
1 121 LEU n 
1 122 ALA n 
1 123 ALA n 
1 124 LEU n 
1 125 GLY n 
1 126 LEU n 
1 127 LEU n 
1 128 ALA n 
1 129 HIS n 
1 130 PHE n 
1 131 LEU n 
1 132 PRO n 
1 133 ALA n 
1 134 ALA n 
1 135 LEU n 
1 136 ARG n 
1 137 ALA n 
1 138 ALA n 
1 139 LEU n 
1 140 LEU n 
1 141 GLY n 
1 142 ARG n 
1 143 LEU n 
1 144 ARG n 
1 145 THR n 
1 146 LEU n 
1 147 LEU n 
1 148 PRO n 
1 149 TRP n 
1 150 ALA n 
1 151 HIS n 
1 152 HIS n 
1 153 HIS n 
1 154 HIS n 
1 155 HIS n 
1 156 HIS n 
# 
_entity_src_gen.entity_id                          1 
_entity_src_gen.pdbx_src_id                        1 
_entity_src_gen.pdbx_alt_source_flag               sample 
_entity_src_gen.pdbx_seq_type                      ? 
_entity_src_gen.pdbx_beg_seq_num                   ? 
_entity_src_gen.pdbx_end_seq_num                   ? 
_entity_src_gen.gene_src_common_name               human 
_entity_src_gen.gene_src_genus                     ? 
_entity_src_gen.pdbx_gene_src_gene                 LTC4S 
_entity_src_gen.gene_src_species                   ? 
_entity_src_gen.gene_src_strain                    ? 
_entity_src_gen.gene_src_tissue                    ? 
_entity_src_gen.gene_src_tissue_fraction           ? 
_entity_src_gen.gene_src_details                   ? 
_entity_src_gen.pdbx_gene_src_fragment             ? 
_entity_src_gen.pdbx_gene_src_scientific_name      'Homo sapiens' 
_entity_src_gen.pdbx_gene_src_ncbi_taxonomy_id     9606 
_entity_src_gen.pdbx_gene_src_variant              ? 
_entity_src_gen.pdbx_gene_src_cell_line            ? 
_entity_src_gen.pdbx_gene_src_atcc                 ? 
_entity_src_gen.pdbx_gene_src_organ                ? 
_entity_src_gen.pdbx_gene_src_organelle            ? 
_entity_src_gen.pdbx_gene_src_cell                 ? 
_entity_src_gen.pdbx_gene_src_cellular_location    ? 
_entity_src_gen.host_org_common_name               ? 
_entity_src_gen.pdbx_host_org_scientific_name      'Schizosaccharomyces pombe' 
_entity_src_gen.pdbx_host_org_ncbi_taxonomy_id     4896 
_entity_src_gen.host_org_genus                     ? 
_entity_src_gen.pdbx_host_org_gene                 ? 
_entity_src_gen.pdbx_host_org_organ                ? 
_entity_src_gen.host_org_species                   ? 
_entity_src_gen.pdbx_host_org_tissue               ? 
_entity_src_gen.pdbx_host_org_tissue_fraction      ? 
_entity_src_gen.pdbx_host_org_strain               ? 
_entity_src_gen.pdbx_host_org_variant              ? 
_entity_src_gen.pdbx_host_org_cell_line            ? 
_entity_src_gen.pdbx_host_org_atcc                 ? 
_entity_src_gen.pdbx_host_org_culture_collection   ? 
_entity_src_gen.pdbx_host_org_cell                 ? 
_entity_src_gen.pdbx_host_org_organelle            ? 
_entity_src_gen.pdbx_host_org_cellular_location    ? 
_entity_src_gen.pdbx_host_org_vector_type          PLASMID 
_entity_src_gen.pdbx_host_org_vector               ? 
_entity_src_gen.host_org_details                   ? 
_entity_src_gen.expression_system_id               ? 
_entity_src_gen.plasmid_name                       pESP 
_entity_src_gen.plasmid_details                    ? 
_entity_src_gen.pdbx_description                   ? 
# 
_struct_ref.id                         1 
_struct_ref.db_name                    UNP 
_struct_ref.db_code                    LTC4S_HUMAN 
_struct_ref.pdbx_db_accession          Q16873 
_struct_ref.entity_id                  1 
_struct_ref.pdbx_seq_one_letter_code   
;MKDEVALLAAVTLLGVLLQAYFSLQVISARRAFRVSPPLTTGPPEFERVYRAQVNCSEYFPLFLATLWVAGIFFHEGAAA
LCGLVYLFARLRYFQGYARSAQLRLAPLYASARALWLLVALAALGLLAHFLPAALRAALLGRLRTLLPWA
;
_struct_ref.pdbx_align_begin           1 
_struct_ref.pdbx_db_isoform            ? 
# 
_struct_ref_seq.align_id                      1 
_struct_ref_seq.ref_id                        1 
_struct_ref_seq.pdbx_PDB_id_code              3PCV 
_struct_ref_seq.pdbx_strand_id                A 
_struct_ref_seq.seq_align_beg                 1 
_struct_ref_seq.pdbx_seq_align_beg_ins_code   ? 
_struct_ref_seq.seq_align_end                 150 
_struct_ref_seq.pdbx_seq_align_end_ins_code   ? 
_struct_ref_seq.pdbx_db_accession             Q16873 
_struct_ref_seq.db_align_beg                  1 
_struct_ref_seq.pdbx_db_align_beg_ins_code    ? 
_struct_ref_seq.db_align_end                  150 
_struct_ref_seq.pdbx_db_align_end_ins_code    ? 
_struct_ref_seq.pdbx_auth_seq_align_beg       1 
_struct_ref_seq.pdbx_auth_seq_align_end       150 
# 
loop_
_struct_ref_seq_dif.align_id 
_struct_ref_seq_dif.pdbx_pdb_id_code 
_struct_ref_seq_dif.mon_id 
_struct_ref_seq_dif.pdbx_pdb_strand_id 
_struct_ref_seq_dif.seq_num 
_struct_ref_seq_dif.pdbx_pdb_ins_code 
_struct_ref_seq_dif.pdbx_seq_db_name 
_struct_ref_seq_dif.pdbx_seq_db_accession_code 
_struct_ref_seq_dif.db_mon_id 
_struct_ref_seq_dif.pdbx_seq_db_seq_num 
_struct_ref_seq_dif.details 
_struct_ref_seq_dif.pdbx_auth_seq_num 
_struct_ref_seq_dif.pdbx_ordinal 
1 3PCV HIS A 151 ? UNP Q16873 ? ? 'expression tag' 151 1 
1 3PCV HIS A 152 ? UNP Q16873 ? ? 'expression tag' 152 2 
1 3PCV HIS A 153 ? UNP Q16873 ? ? 'expression tag' 153 3 
1 3PCV HIS A 154 ? UNP Q16873 ? ? 'expression tag' 154 4 
1 3PCV HIS A 155 ? UNP Q16873 ? ? 'expression tag' 155 5 
1 3PCV HIS A 156 ? UNP Q16873 ? ? 'expression tag' 156 6 
# 
loop_
_chem_comp.id 
_chem_comp.type 
_chem_comp.mon_nstd_flag 
_chem_comp.name 
_chem_comp.pdbx_synonyms 
_chem_comp.formula 
_chem_comp.formula_weight 
ALA 'L-peptide linking' y ALANINE                  ?                 'C3 H7 N O2'      89.093  
ARG 'L-peptide linking' y ARGININE                 ?                 'C6 H15 N4 O2 1'  175.209 
ASN 'L-peptide linking' y ASPARAGINE               ?                 'C4 H8 N2 O3'     132.118 
ASP 'L-peptide linking' y 'ASPARTIC ACID'          ?                 'C4 H7 N O4'      133.103 
CYS 'L-peptide linking' y CYSTEINE                 ?                 'C3 H7 N O2 S'    121.158 
EDO non-polymer         . 1,2-ETHANEDIOL           'ETHYLENE GLYCOL' 'C2 H6 O2'        62.068  
GLN 'L-peptide linking' y GLUTAMINE                ?                 'C5 H10 N2 O3'    146.144 
GLU 'L-peptide linking' y 'GLUTAMIC ACID'          ?                 'C5 H9 N O4'      147.129 
GLY 'peptide linking'   y GLYCINE                  ?                 'C2 H5 N O2'      75.067  
GSH non-polymer         . GLUTATHIONE              ?                 'C10 H17 N3 O6 S' 307.323 
HIS 'L-peptide linking' y HISTIDINE                ?                 'C6 H10 N3 O2 1'  156.162 
HOH non-polymer         . WATER                    ?                 'H2 O'            18.015  
ILE 'L-peptide linking' y ISOLEUCINE               ?                 'C6 H13 N O2'     131.173 
LEU 'L-peptide linking' y LEUCINE                  ?                 'C6 H13 N O2'     131.173 
LMT D-saccharide        . DODECYL-BETA-D-MALTOSIDE ?                 'C24 H46 O11'     510.615 
LYS 'L-peptide linking' y LYSINE                   ?                 'C6 H15 N2 O2 1'  147.195 
MET 'L-peptide linking' y METHIONINE               ?                 'C5 H11 N O2 S'   149.211 
PHE 'L-peptide linking' y PHENYLALANINE            ?                 'C9 H11 N O2'     165.189 
PRO 'L-peptide linking' y PROLINE                  ?                 'C5 H9 N O2'      115.130 
SER 'L-peptide linking' y SERINE                   ?                 'C3 H7 N O3'      105.093 
SO4 non-polymer         . 'SULFATE ION'            ?                 'O4 S -2'         96.063  
THR 'L-peptide linking' y THREONINE                ?                 'C4 H9 N O3'      119.119 
TRP 'L-peptide linking' y TRYPTOPHAN               ?                 'C11 H12 N2 O2'   204.225 
TYR 'L-peptide linking' y TYROSINE                 ?                 'C9 H11 N O3'     181.189 
UNL non-polymer         . 'UNKNOWN LIGAND'         ?                 ?                 ?       
VAL 'L-peptide linking' y VALINE                   ?                 'C5 H11 N O2'     117.146 
# 
_exptl.entry_id          3PCV 
_exptl.method            'X-RAY DIFFRACTION' 
_exptl.crystals_number   2 
# 
_exptl_crystal.id                    1 
_exptl_crystal.density_meas          ? 
_exptl_crystal.density_Matthews      4.91 
_exptl_crystal.density_percent_sol   74.77 
_exptl_crystal.description           ? 
_exptl_crystal.F_000                 ? 
_exptl_crystal.preparation           ? 
# 
_exptl_crystal_grow.crystal_id      1 
_exptl_crystal_grow.method          'VAPOR DIFFUSION, SITTING DROP' 
_exptl_crystal_grow.temp            293 
_exptl_crystal_grow.temp_details    ? 
_exptl_crystal_grow.pH              6.5 
_exptl_crystal_grow.pdbx_details    
'0.1M MES-NaOH (pH 6.5), 1.6M ammonium sulfate, 0.8M magnesium chloride, VAPOR DIFFUSION, SITTING DROP, temperature 293K' 
_exptl_crystal_grow.pdbx_pH_range   ? 
# 
_diffrn.id                     1 
_diffrn.ambient_temp           100 
_diffrn.ambient_temp_details   ? 
_diffrn.crystal_id             1 
# 
_diffrn_detector.diffrn_id              1 
_diffrn_detector.detector               CCD 
_diffrn_detector.type                   'MARMOSAIC 225 mm CCD' 
_diffrn_detector.pdbx_collection_date   2008-09-05 
_diffrn_detector.details                ? 
# 
_diffrn_radiation.diffrn_id                        1 
_diffrn_radiation.wavelength_id                    1 
_diffrn_radiation.pdbx_monochromatic_or_laue_m_l   M 
_diffrn_radiation.monochromator                    'SAGITALLY FOCUSED Si(111)' 
_diffrn_radiation.pdbx_diffrn_protocol             'SINGLE WAVELENGTH' 
_diffrn_radiation.pdbx_scattering_type             x-ray 
# 
_diffrn_radiation_wavelength.id           1 
_diffrn_radiation_wavelength.wavelength   0.97 
_diffrn_radiation_wavelength.wt           1.0 
# 
_diffrn_source.diffrn_id                   1 
_diffrn_source.source                      SYNCHROTRON 
_diffrn_source.type                        'SPRING-8 BEAMLINE BL26B2' 
_diffrn_source.pdbx_synchrotron_site       SPring-8 
_diffrn_source.pdbx_synchrotron_beamline   BL26B2 
_diffrn_source.pdbx_wavelength             ? 
_diffrn_source.pdbx_wavelength_list        0.97 
# 
_reflns.entry_id                     3PCV 
_reflns.observed_criterion_sigma_I   0 
_reflns.observed_criterion_sigma_F   0 
_reflns.d_resolution_low             20.4 
_reflns.d_resolution_high            1.9 
_reflns.number_obs                   30950 
_reflns.number_all                   ? 
_reflns.percent_possible_obs         99.9 
_reflns.pdbx_Rmerge_I_obs            0.08 
_reflns.pdbx_Rsym_value              ? 
_reflns.pdbx_netI_over_sigmaI        ? 
_reflns.B_iso_Wilson_estimate        ? 
_reflns.pdbx_redundancy              9.9 
_reflns.R_free_details               ? 
_reflns.limit_h_max                  ? 
_reflns.limit_h_min                  ? 
_reflns.limit_k_max                  ? 
_reflns.limit_k_min                  ? 
_reflns.limit_l_max                  ? 
_reflns.limit_l_min                  ? 
_reflns.observed_criterion_F_max     ? 
_reflns.observed_criterion_F_min     ? 
_reflns.pdbx_chi_squared             ? 
_reflns.pdbx_scaling_rejects         ? 
_reflns.pdbx_ordinal                 1 
_reflns.pdbx_diffrn_id               1 
# 
_reflns_shell.d_res_high                  1.9 
_reflns_shell.d_res_low                   2.0 
_reflns_shell.percent_possible_all        100 
_reflns_shell.Rmerge_I_obs                0.302 
_reflns_shell.pdbx_Rsym_value             ? 
_reflns_shell.meanI_over_sigI_obs         ? 
_reflns_shell.pdbx_redundancy             7.7 
_reflns_shell.percent_possible_obs        ? 
_reflns_shell.number_unique_all           4517 
_reflns_shell.number_measured_all         ? 
_reflns_shell.number_measured_obs         ? 
_reflns_shell.number_unique_obs           ? 
_reflns_shell.pdbx_chi_squared            ? 
_reflns_shell.pdbx_rejects                ? 
_reflns_shell.pdbx_netI_over_sigmaI_obs   ? 
_reflns_shell.number_possible             ? 
_reflns_shell.Rmerge_F_all                ? 
_reflns_shell.Rmerge_F_obs                ? 
_reflns_shell.Rmerge_I_all                ? 
_reflns_shell.meanI_over_sigI_all         ? 
_reflns_shell.pdbx_Rrim_I_all             ? 
_reflns_shell.pdbx_Rpim_I_all             ? 
_reflns_shell.pdbx_ordinal                1 
_reflns_shell.pdbx_diffrn_id              1 
# 
_refine.entry_id                                 3PCV 
_refine.ls_number_reflns_obs                     29381 
_refine.ls_number_reflns_all                     30949 
_refine.pdbx_ls_sigma_I                          ? 
_refine.pdbx_ls_sigma_F                          ? 
_refine.pdbx_data_cutoff_high_absF               ? 
_refine.pdbx_data_cutoff_low_absF                ? 
_refine.pdbx_data_cutoff_high_rms_absF           ? 
_refine.ls_d_res_low                             18.78 
_refine.ls_d_res_high                            1.90 
_refine.ls_percent_reflns_obs                    99.97 
_refine.ls_R_factor_obs                          0.17919 
_refine.ls_R_factor_all                          0.17919 
_refine.ls_R_factor_R_work                       0.17819 
_refine.ls_R_factor_R_free                       0.19763 
_refine.ls_R_factor_R_free_error                 ? 
_refine.ls_R_factor_R_free_error_details         ? 
_refine.ls_percent_reflns_R_free                 5.1 
_refine.ls_number_reflns_R_free                  1568 
_refine.ls_number_parameters                     ? 
_refine.ls_number_restraints                     ? 
_refine.occupancy_min                            ? 
_refine.occupancy_max                            ? 
_refine.correlation_coeff_Fo_to_Fc               0.958 
_refine.correlation_coeff_Fo_to_Fc_free          0.947 
_refine.B_iso_mean                               29.263 
_refine.aniso_B[1][1]                            ? 
_refine.aniso_B[2][2]                            ? 
_refine.aniso_B[3][3]                            ? 
_refine.aniso_B[1][2]                            ? 
_refine.aniso_B[1][3]                            ? 
_refine.aniso_B[2][3]                            ? 
_refine.solvent_model_details                    'BABINET MODEL WITH MASK' 
_refine.solvent_model_param_ksol                 ? 
_refine.solvent_model_param_bsol                 ? 
_refine.pdbx_solvent_vdw_probe_radii             1.40 
_refine.pdbx_solvent_ion_probe_radii             0.80 
_refine.pdbx_solvent_shrinkage_radii             0.80 
_refine.pdbx_ls_cross_valid_method               THROUGHOUT 
_refine.details                                  ? 
_refine.pdbx_starting_model                      'PDB ENTRY 2UUI' 
_refine.pdbx_method_to_determine_struct          'MOLECULAR REPLACEMENT' 
_refine.pdbx_isotropic_thermal_model             ? 
_refine.pdbx_stereochemistry_target_values       'MON_LIB in CCP4' 
_refine.pdbx_stereochem_target_val_spec_case     ? 
_refine.pdbx_R_Free_selection_details            RANDOM 
_refine.pdbx_overall_ESU_R_Free                  0.084 
_refine.overall_SU_ML                            0.049 
_refine.overall_SU_B                             1.600 
_refine.overall_SU_R_Cruickshank_DPI             ? 
_refine.ls_redundancy_reflns_obs                 ? 
_refine.B_iso_min                                ? 
_refine.B_iso_max                                ? 
_refine.overall_SU_R_free                        ? 
_refine.ls_wR_factor_R_free                      ? 
_refine.ls_wR_factor_R_work                      ? 
_refine.overall_FOM_free_R_set                   ? 
_refine.overall_FOM_work_R_set                   ? 
_refine.pdbx_overall_phase_error                 ? 
_refine.pdbx_refine_id                           'X-RAY DIFFRACTION' 
_refine.pdbx_overall_ESU_R                       ? 
_refine.pdbx_diffrn_id                           1 
_refine.pdbx_TLS_residual_ADP_flag               ? 
_refine.pdbx_overall_SU_R_free_Cruickshank_DPI   ? 
_refine.pdbx_overall_SU_R_Blow_DPI               ? 
_refine.pdbx_overall_SU_R_free_Blow_DPI          ? 
# 
_refine_hist.pdbx_refine_id                   'X-RAY DIFFRACTION' 
_refine_hist.cycle_id                         LAST 
_refine_hist.pdbx_number_atoms_protein        1110 
_refine_hist.pdbx_number_atoms_nucleic_acid   0 
_refine_hist.pdbx_number_atoms_ligand         156 
_refine_hist.number_atoms_solvent             94 
_refine_hist.number_atoms_total               1360 
_refine_hist.d_res_high                       1.90 
_refine_hist.d_res_low                        18.78 
# 
loop_
_refine_ls_restr.type 
_refine_ls_restr.dev_ideal 
_refine_ls_restr.dev_ideal_target 
_refine_ls_restr.weight 
_refine_ls_restr.number 
_refine_ls_restr.pdbx_refine_id 
_refine_ls_restr.pdbx_restraint_function 
r_bond_refined_d       0.013  ? ? ? 'X-RAY DIFFRACTION' ? 
r_angle_refined_deg    1.174  ? ? ? 'X-RAY DIFFRACTION' ? 
r_dihedral_angle_1_deg 4.119  ? ? ? 'X-RAY DIFFRACTION' ? 
r_dihedral_angle_2_deg 31.661 ? ? ? 'X-RAY DIFFRACTION' ? 
r_dihedral_angle_3_deg 12.317 ? ? ? 'X-RAY DIFFRACTION' ? 
r_dihedral_angle_4_deg 15.514 ? ? ? 'X-RAY DIFFRACTION' ? 
r_chiral_restr         0.086  ? ? ? 'X-RAY DIFFRACTION' ? 
r_gen_planes_refined   0.008  ? ? ? 'X-RAY DIFFRACTION' ? 
r_mcbond_it            2.651  ? ? ? 'X-RAY DIFFRACTION' ? 
r_mcangle_it           3.361  ? ? ? 'X-RAY DIFFRACTION' ? 
r_scbond_it            4.620  ? ? ? 'X-RAY DIFFRACTION' ? 
r_scangle_it           6.338  ? ? ? 'X-RAY DIFFRACTION' ? 
# 
_refine_ls_shell.pdbx_refine_id                   'X-RAY DIFFRACTION' 
_refine_ls_shell.pdbx_total_number_of_bins_used   20 
_refine_ls_shell.d_res_high                       1.901 
_refine_ls_shell.d_res_low                        1.949 
_refine_ls_shell.number_reflns_R_work             2161 
_refine_ls_shell.R_factor_R_work                  0.225 
_refine_ls_shell.percent_reflns_obs               100.00 
_refine_ls_shell.R_factor_R_free                  0.246 
_refine_ls_shell.R_factor_R_free_error            ? 
_refine_ls_shell.percent_reflns_R_free            ? 
_refine_ls_shell.number_reflns_R_free             113 
_refine_ls_shell.number_reflns_all                ? 
_refine_ls_shell.R_factor_all                     ? 
_refine_ls_shell.number_reflns_obs                ? 
_refine_ls_shell.redundancy_reflns_obs            ? 
# 
_struct.entry_id                  3PCV 
_struct.title                     'Crystal structure analysis of human leukotriene C4 synthase at 1.9 angstrom resolution' 
_struct.pdbx_model_details        ? 
_struct.pdbx_CASP_flag            ? 
_struct.pdbx_model_type_details   ? 
# 
_struct_keywords.entry_id        3PCV 
_struct_keywords.pdbx_keywords   LYASE 
_struct_keywords.text            'membrane protein, helix bundle, homo trimer, mGST, MAPEG, LYASE' 
# 
loop_
_struct_asym.id 
_struct_asym.pdbx_blank_PDB_chainid_flag 
_struct_asym.pdbx_modified 
_struct_asym.entity_id 
_struct_asym.details 
A N N 1 ? 
B N N 2 ? 
C N N 3 ? 
D N N 3 ? 
E N N 3 ? 
F N N 3 ? 
G N N 3 ? 
H N N 3 ? 
I N N 3 ? 
J N N 3 ? 
K N N 3 ? 
L N N 3 ? 
M N N 3 ? 
N N N 4 ? 
O N N 4 ? 
P N N 4 ? 
Q N N 4 ? 
R N N 5 ? 
S N N 5 ? 
T N N 5 ? 
U N N 5 ? 
V N N 6 ? 
W N N 6 ? 
X N N 7 ? 
# 
_struct_biol.id        1 
_struct_biol.details   ? 
# 
loop_
_struct_conf.conf_type_id 
_struct_conf.id 
_struct_conf.pdbx_PDB_helix_id 
_struct_conf.beg_label_comp_id 
_struct_conf.beg_label_asym_id 
_struct_conf.beg_label_seq_id 
_struct_conf.pdbx_beg_PDB_ins_code 
_struct_conf.end_label_comp_id 
_struct_conf.end_label_asym_id 
_struct_conf.end_label_seq_id 
_struct_conf.pdbx_end_PDB_ins_code 
_struct_conf.beg_auth_comp_id 
_struct_conf.beg_auth_asym_id 
_struct_conf.beg_auth_seq_id 
_struct_conf.end_auth_comp_id 
_struct_conf.end_auth_asym_id 
_struct_conf.end_auth_seq_id 
_struct_conf.pdbx_PDB_helix_class 
_struct_conf.details 
_struct_conf.pdbx_PDB_helix_length 
HELX_P HELX_P1 1 MET A 1   ? PHE A 33  ? MET A 1   PHE A 33  1 ? 33 
HELX_P HELX_P2 2 PRO A 43  ? PHE A 74  ? PRO A 43  PHE A 74  1 ? 32 
HELX_P HELX_P3 3 HIS A 75  ? SER A 100 ? HIS A 75  SER A 100 1 ? 26 
HELX_P HELX_P4 4 ALA A 101 ? LEU A 103 ? ALA A 101 LEU A 103 5 ? 3  
HELX_P HELX_P5 5 ARG A 104 ? LEU A 146 ? ARG A 104 LEU A 146 1 ? 43 
# 
_struct_conf_type.id          HELX_P 
_struct_conf_type.criteria    ? 
_struct_conf_type.reference   ? 
# 
_struct_mon_prot_cis.pdbx_id                1 
_struct_mon_prot_cis.label_comp_id          PRO 
_struct_mon_prot_cis.label_seq_id           37 
_struct_mon_prot_cis.label_asym_id          A 
_struct_mon_prot_cis.label_alt_id           . 
_struct_mon_prot_cis.pdbx_PDB_ins_code      ? 
_struct_mon_prot_cis.auth_comp_id           PRO 
_struct_mon_prot_cis.auth_seq_id            37 
_struct_mon_prot_cis.auth_asym_id           A 
_struct_mon_prot_cis.pdbx_label_comp_id_2   PRO 
_struct_mon_prot_cis.pdbx_label_seq_id_2    38 
_struct_mon_prot_cis.pdbx_label_asym_id_2   A 
_struct_mon_prot_cis.pdbx_PDB_ins_code_2    ? 
_struct_mon_prot_cis.pdbx_auth_comp_id_2    PRO 
_struct_mon_prot_cis.pdbx_auth_seq_id_2     38 
_struct_mon_prot_cis.pdbx_auth_asym_id_2    A 
_struct_mon_prot_cis.pdbx_PDB_model_num     1 
_struct_mon_prot_cis.pdbx_omega_angle       10.55 
# 
loop_
_struct_site.id 
_struct_site.pdbx_evidence_code 
_struct_site.pdbx_auth_asym_id 
_struct_site.pdbx_auth_comp_id 
_struct_site.pdbx_auth_seq_id 
_struct_site.pdbx_auth_ins_code 
_struct_site.pdbx_num_residues 
_struct_site.details 
AC1 Software A GSH 201 ? 15 'BINDING SITE FOR RESIDUE GSH A 201' 
AC2 Software A LMT 203 ? 3  'BINDING SITE FOR RESIDUE LMT A 203' 
AC3 Software A LMT 204 ? 3  'BINDING SITE FOR RESIDUE LMT A 204' 
AC4 Software A LMT 205 ? 2  'BINDING SITE FOR RESIDUE LMT A 205' 
AC5 Software A LMT 206 ? 4  'BINDING SITE FOR RESIDUE LMT A 206' 
AC6 Software A LMT 207 ? 4  'BINDING SITE FOR RESIDUE LMT A 207' 
AC7 Software A LMT 208 ? 2  'BINDING SITE FOR RESIDUE LMT A 208' 
AC8 Software A LMT 209 ? 2  'BINDING SITE FOR RESIDUE LMT A 209' 
AC9 Software A LMT 211 ? 2  'BINDING SITE FOR RESIDUE LMT A 211' 
BC1 Software A LMT 213 ? 2  'BINDING SITE FOR RESIDUE LMT A 213' 
BC2 Software A EDO 214 ? 5  'BINDING SITE FOR RESIDUE EDO A 214' 
BC3 Software A EDO 215 ? 5  'BINDING SITE FOR RESIDUE EDO A 215' 
BC4 Software A EDO 216 ? 5  'BINDING SITE FOR RESIDUE EDO A 216' 
BC5 Software A EDO 217 ? 4  'BINDING SITE FOR RESIDUE EDO A 217' 
BC6 Software A SO4 250 ? 9  'BINDING SITE FOR RESIDUE SO4 A 250' 
BC7 Software A SO4 251 ? 6  'BINDING SITE FOR RESIDUE SO4 A 251' 
# 
loop_
_struct_site_gen.id 
_struct_site_gen.site_id 
_struct_site_gen.pdbx_num_res 
_struct_site_gen.label_comp_id 
_struct_site_gen.label_asym_id 
_struct_site_gen.label_seq_id 
_struct_site_gen.pdbx_auth_ins_code 
_struct_site_gen.auth_comp_id 
_struct_site_gen.auth_asym_id 
_struct_site_gen.auth_seq_id 
_struct_site_gen.label_atom_id 
_struct_site_gen.label_alt_id 
_struct_site_gen.symmetry 
_struct_site_gen.details 
1  AC1 15 SER A 23  ? SER A 23  . ? 48_555 ? 
2  AC1 15 ILE A 27  ? ILE A 27  . ? 48_555 ? 
3  AC1 15 ARG A 30  ? ARG A 30  . ? 48_555 ? 
4  AC1 15 TYR A 50  ? TYR A 50  . ? 48_555 ? 
5  AC1 15 ARG A 51  ? ARG A 51  . ? 1_555  ? 
6  AC1 15 GLN A 53  ? GLN A 53  . ? 48_555 ? 
7  AC1 15 ASN A 55  ? ASN A 55  . ? 1_555  ? 
8  AC1 15 GLU A 58  ? GLU A 58  . ? 1_555  ? 
9  AC1 15 TYR A 59  ? TYR A 59  . ? 1_555  ? 
10 AC1 15 TYR A 93  ? TYR A 93  . ? 1_555  ? 
11 AC1 15 TYR A 97  ? TYR A 97  . ? 1_555  ? 
12 AC1 15 ARG A 104 ? ARG A 104 . ? 1_555  ? 
13 AC1 15 LEU A 108 ? LEU A 108 . ? 1_555  ? 
14 AC1 15 EDO Q .   ? EDO A 217 . ? 48_555 ? 
15 AC1 15 HOH X .   ? HOH A 303 . ? 48_555 ? 
16 AC2 3  LEU A 7   ? LEU A 7   . ? 1_555  ? 
17 AC2 3  LEU A 127 ? LEU A 127 . ? 18_555 ? 
18 AC2 3  PHE A 130 ? PHE A 130 . ? 18_555 ? 
19 AC3 3  ALA A 20  ? ALA A 20  . ? 1_555  ? 
20 AC3 3  TRP A 116 ? TRP A 116 . ? 18_555 ? 
21 AC3 3  EDO Q .   ? EDO A 217 . ? 1_555  ? 
22 AC4 2  LEU A 18  ? LEU A 18  . ? 1_555  ? 
23 AC4 2  GLN A 95  ? GLN A 95  . ? 1_555  ? 
24 AC5 4  PHE A 74  ? PHE A 74  . ? 1_555  ? 
25 AC5 4  ALA A 128 ? ALA A 128 . ? 1_555  ? 
26 AC5 4  PRO A 132 ? PRO A 132 . ? 4_565  ? 
27 AC5 4  LEU A 135 ? LEU A 135 . ? 4_565  ? 
28 AC6 4  ALA A 10  ? ALA A 10  . ? 1_555  ? 
29 AC6 4  GLY A 77  ? GLY A 77  . ? 1_555  ? 
30 AC6 4  LEU A 81  ? LEU A 81  . ? 1_555  ? 
31 AC6 4  LEU A 84  ? LEU A 84  . ? 1_555  ? 
32 AC7 2  MET A 1   ? MET A 1   . ? 48_555 ? 
33 AC7 2  ILE A 72  ? ILE A 72  . ? 1_555  ? 
34 AC8 2  TRP A 116 ? TRP A 116 . ? 1_555  ? 
35 AC8 2  LEU A 117 ? LEU A 117 . ? 1_555  ? 
36 AC9 2  LEU A 84  ? LEU A 84  . ? 1_555  ? 
37 AC9 2  PHE A 88  ? PHE A 88  . ? 1_555  ? 
38 BC1 2  LEU A 18  ? LEU A 18  . ? 1_555  ? 
39 BC1 2  PHE A 88  ? PHE A 88  . ? 1_555  ? 
40 BC2 5  THR A 40  ? THR A 40  . ? 48_555 ? 
41 BC2 5  TYR A 50  ? TYR A 50  . ? 48_555 ? 
42 BC2 5  TYR A 50  ? TYR A 50  . ? 1_555  ? 
43 BC2 5  ARG A 51  ? ARG A 51  . ? 1_555  ? 
44 BC2 5  HOH X .   ? HOH A 314 . ? 1_555  ? 
45 BC3 5  GLN A 19  ? GLN A 19  . ? 48_555 ? 
46 BC3 5  SER A 23  ? SER A 23  . ? 48_555 ? 
47 BC3 5  SER A 57  ? SER A 57  . ? 48_555 ? 
48 BC3 5  GLU A 58  ? GLU A 58  . ? 1_555  ? 
49 BC3 5  LEU A 62  ? LEU A 62  . ? 1_555  ? 
50 BC4 5  SER A 36  ? SER A 36  . ? 48_555 ? 
51 BC4 5  ARG A 104 ? ARG A 104 . ? 1_555  ? 
52 BC4 5  EDO Q .   ? EDO A 217 . ? 48_555 ? 
53 BC4 5  HOH X .   ? HOH A 333 . ? 1_555  ? 
54 BC4 5  HOH X .   ? HOH A 381 . ? 1_555  ? 
55 BC5 4  GSH B .   ? GSH A 201 . ? 18_555 ? 
56 BC5 4  LMT D .   ? LMT A 204 . ? 1_555  ? 
57 BC5 4  EDO P .   ? EDO A 216 . ? 18_555 ? 
58 BC5 4  HOH X .   ? HOH A 382 . ? 1_555  ? 
59 BC6 9  SER A 100 ? SER A 100 . ? 1_555  ? 
60 BC6 9  SER A 100 ? SER A 100 . ? 38_555 ? 
61 BC6 9  ALA A 101 ? ALA A 101 . ? 1_555  ? 
62 BC6 9  ALA A 101 ? ALA A 101 . ? 38_555 ? 
63 BC6 9  GLN A 102 ? GLN A 102 . ? 38_555 ? 
64 BC6 9  GLN A 102 ? GLN A 102 . ? 1_555  ? 
65 BC6 9  HOH X .   ? HOH A 307 . ? 38_555 ? 
66 BC6 9  HOH X .   ? HOH A 307 . ? 1_555  ? 
67 BC6 9  HOH X .   ? HOH A 336 . ? 38_555 ? 
68 BC7 6  ARG A 34  ? ARG A 34  . ? 9_555  ? 
69 BC7 6  ARG A 34  ? ARG A 34  . ? 5_555  ? 
70 BC7 6  ARG A 34  ? ARG A 34  . ? 1_555  ? 
71 BC7 6  HOH X .   ? HOH A 398 . ? 5_555  ? 
72 BC7 6  HOH X .   ? HOH A 398 . ? 1_555  ? 
73 BC7 6  HOH X .   ? HOH A 398 . ? 9_555  ? 
# 
_atom_sites.entry_id                    3PCV 
_atom_sites.fract_transf_matrix[1][1]   0.00088400 
_atom_sites.fract_transf_matrix[1][2]   -0.00099877 
_atom_sites.fract_transf_matrix[1][3]   0.00579961 
_atom_sites.fract_transf_matrix[2][1]   0.00587960 
_atom_sites.fract_transf_matrix[2][2]   0.00040065 
_atom_sites.fract_transf_matrix[2][3]   -0.00082719 
_atom_sites.fract_transf_matrix[3][1]   -0.00025163 
_atom_sites.fract_transf_matrix[3][2]   0.00585289 
_atom_sites.fract_transf_matrix[3][3]   0.00104630 
_atom_sites.fract_transf_vector[1]      0.158153 
_atom_sites.fract_transf_vector[2]      0.358257 
_atom_sites.fract_transf_vector[3]      0.075773 
# 
loop_
_atom_type.symbol 
C 
N 
O 
S 
# 
loop_
_atom_site.group_PDB 
_atom_site.id 
_atom_site.type_symbol 
_atom_site.label_atom_id 
_atom_site.label_alt_id 
_atom_site.label_comp_id 
_atom_site.label_asym_id 
_atom_site.label_entity_id 
_atom_site.label_seq_id 
_atom_site.pdbx_PDB_ins_code 
_atom_site.Cartn_x 
_atom_site.Cartn_y 
_atom_site.Cartn_z 
_atom_site.occupancy 
_atom_site.B_iso_or_equiv 
_atom_site.pdbx_formal_charge 
_atom_site.auth_seq_id 
_atom_site.auth_comp_id 
_atom_site.auth_asym_id 
_atom_site.auth_atom_id 
_atom_site.pdbx_PDB_model_num 
ATOM   1    N N     . MET A 1 1   ? 8.073   -1.135  -21.506 1.00 68.75  ? 1   MET A N     1 
ATOM   2    C CA    . MET A 1 1   ? 8.117   -2.624  -21.503 1.00 66.30  ? 1   MET A CA    1 
ATOM   3    C C     . MET A 1 1   ? 6.887   -3.197  -20.801 1.00 64.73  ? 1   MET A C     1 
ATOM   4    O O     . MET A 1 1   ? 6.980   -3.725  -19.689 1.00 67.62  ? 1   MET A O     1 
ATOM   5    C CB    . MET A 1 1   ? 9.401   -3.130  -20.834 1.00 66.87  ? 1   MET A CB    1 
ATOM   6    N N     . LYS A 1 2   ? 5.737   -3.084  -21.455 1.00 59.59  ? 2   LYS A N     1 
ATOM   7    C CA    . LYS A 1 2   ? 4.512   -3.686  -20.963 1.00 54.60  ? 2   LYS A CA    1 
ATOM   8    C C     . LYS A 1 2   ? 4.764   -5.053  -20.324 1.00 53.64  ? 2   LYS A C     1 
ATOM   9    O O     . LYS A 1 2   ? 4.282   -5.336  -19.217 1.00 51.83  ? 2   LYS A O     1 
ATOM   10   C CB    . LYS A 1 2   ? 3.494   -3.808  -22.105 1.00 54.67  ? 2   LYS A CB    1 
ATOM   11   C CG    . LYS A 1 2   ? 3.039   -2.457  -22.668 1.00 54.16  ? 2   LYS A CG    1 
ATOM   12   C CD    . LYS A 1 2   ? 2.005   -2.609  -23.777 1.00 58.74  ? 2   LYS A CD    1 
ATOM   13   C CE    . LYS A 1 2   ? 2.671   -2.802  -25.132 1.00 63.33  ? 2   LYS A CE    1 
ATOM   14   N N     . ASP A 1 3   ? 5.545   -5.896  -21.005 1.00 47.66  ? 3   ASP A N     1 
ATOM   15   C CA    . ASP A 1 3   ? 5.649   -7.311  -20.645 1.00 47.60  ? 3   ASP A CA    1 
ATOM   16   C C     . ASP A 1 3   ? 6.082   -7.619  -19.212 1.00 45.91  ? 3   ASP A C     1 
ATOM   17   O O     . ASP A 1 3   ? 5.623   -8.592  -18.621 1.00 49.08  ? 3   ASP A O     1 
ATOM   18   C CB    . ASP A 1 3   ? 6.563   -8.057  -21.635 1.00 50.71  ? 3   ASP A CB    1 
ATOM   19   N N     . GLU A 1 4   ? 6.989   -6.821  -18.655 1.00 42.14  ? 4   GLU A N     1 
ATOM   20   C CA    . GLU A 1 4   ? 7.549   -7.176  -17.357 1.00 42.47  ? 4   GLU A CA    1 
ATOM   21   C C     . GLU A 1 4   ? 6.860   -6.437  -16.197 1.00 41.13  ? 4   GLU A C     1 
ATOM   22   O O     . GLU A 1 4   ? 7.230   -6.611  -15.037 1.00 42.40  ? 4   GLU A O     1 
ATOM   23   C CB    . GLU A 1 4   ? 9.058   -6.892  -17.321 1.00 46.08  ? 4   GLU A CB    1 
ATOM   24   N N     . VAL A 1 5   ? 5.873   -5.612  -16.506 1.00 37.05  ? 5   VAL A N     1 
ATOM   25   C CA    . VAL A 1 5   ? 5.232   -4.859  -15.431 1.00 37.80  ? 5   VAL A CA    1 
ATOM   26   C C     . VAL A 1 5   ? 3.719   -4.879  -15.489 1.00 34.53  ? 5   VAL A C     1 
ATOM   27   O O     . VAL A 1 5   ? 3.075   -4.115  -14.773 1.00 29.93  ? 5   VAL A O     1 
ATOM   28   C CB    . VAL A 1 5   ? 5.711   -3.390  -15.396 1.00 34.95  ? 5   VAL A CB    1 
ATOM   29   C CG1   . VAL A 1 5   ? 7.238   -3.308  -15.237 1.00 41.95  ? 5   VAL A CG1   1 
ATOM   30   C CG2   . VAL A 1 5   ? 5.222   -2.611  -16.633 1.00 37.93  ? 5   VAL A CG2   1 
ATOM   31   N N     . ALA A 1 6   ? 3.133   -5.723  -16.341 1.00 29.42  ? 6   ALA A N     1 
ATOM   32   C CA    . ALA A 1 6   ? 1.691   -5.678  -16.521 1.00 29.80  ? 6   ALA A CA    1 
ATOM   33   C C     . ALA A 1 6   ? 0.921   -6.088  -15.264 1.00 27.49  ? 6   ALA A C     1 
ATOM   34   O O     . ALA A 1 6   ? -0.188  -5.575  -15.009 1.00 25.73  ? 6   ALA A O     1 
ATOM   35   C CB    . ALA A 1 6   ? 1.240   -6.508  -17.768 1.00 28.77  ? 6   ALA A CB    1 
ATOM   36   N N     . LEU A 1 7   ? 1.469   -7.020  -14.481 1.00 24.77  ? 7   LEU A N     1 
ATOM   37   C CA    . LEU A 1 7   ? 0.773   -7.425  -13.256 1.00 25.97  ? 7   LEU A CA    1 
ATOM   38   C C     . LEU A 1 7   ? 0.866   -6.294  -12.217 1.00 25.00  ? 7   LEU A C     1 
ATOM   39   O O     . LEU A 1 7   ? -0.080  -6.079  -11.456 1.00 24.80  ? 7   LEU A O     1 
ATOM   40   C CB    . LEU A 1 7   ? 1.410   -8.666  -12.617 1.00 29.31  ? 7   LEU A CB    1 
ATOM   41   C CG    . LEU A 1 7   ? 1.380   -9.979  -13.413 1.00 36.14  ? 7   LEU A CG    1 
ATOM   42   C CD1   . LEU A 1 7   ? 2.205   -11.032 -12.662 1.00 40.34  ? 7   LEU A CD1   1 
ATOM   43   C CD2   . LEU A 1 7   ? -0.058  -10.417 -13.592 1.00 37.28  ? 7   LEU A CD2   1 
ATOM   44   N N     . LEU A 1 8   ? 2.014   -5.633  -12.166 1.00 23.49  ? 8   LEU A N     1 
ATOM   45   C CA    . LEU A 1 8   ? 2.177   -4.463  -11.266 1.00 24.52  ? 8   LEU A CA    1 
ATOM   46   C C     . LEU A 1 8   ? 1.188   -3.364  -11.684 1.00 27.01  ? 8   LEU A C     1 
ATOM   47   O O     . LEU A 1 8   ? 0.592   -2.701  -10.825 1.00 24.50  ? 8   LEU A O     1 
ATOM   48   C CB    . LEU A 1 8   ? 3.597   -3.915  -11.299 1.00 22.43  ? 8   LEU A CB    1 
ATOM   49   C CG    . LEU A 1 8   ? 4.698   -4.962  -11.022 1.00 25.31  ? 8   LEU A CG    1 
ATOM   50   C CD1   . LEU A 1 8   ? 6.062   -4.289  -11.153 1.00 26.11  ? 8   LEU A CD1   1 
ATOM   51   C CD2   . LEU A 1 8   ? 4.517   -5.608  -9.614  1.00 26.55  ? 8   LEU A CD2   1 
ATOM   52   N N     . ALA A 1 9   ? 1.030   -3.156  -12.993 1.00 23.46  ? 9   ALA A N     1 
ATOM   53   C CA    . ALA A 1 9   ? 0.084   -2.159  -13.492 1.00 24.69  ? 9   ALA A CA    1 
ATOM   54   C C     . ALA A 1 9   ? -1.351  -2.518  -13.158 1.00 25.99  ? 9   ALA A C     1 
ATOM   55   O O     . ALA A 1 9   ? -2.162  -1.633  -12.825 1.00 22.25  ? 9   ALA A O     1 
ATOM   56   C CB    . ALA A 1 9   ? 0.248   -1.935  -15.035 1.00 24.48  ? 9   ALA A CB    1 
ATOM   57   N N     . ALA A 1 10  ? -1.692  -3.803  -13.264 1.00 23.57  ? 10  ALA A N     1 
ATOM   58   C CA    . ALA A 1 10  ? -3.040  -4.266  -12.935 1.00 25.72  ? 10  ALA A CA    1 
ATOM   59   C C     . ALA A 1 10  ? -3.358  -4.095  -11.424 1.00 24.43  ? 10  ALA A C     1 
ATOM   60   O O     . ALA A 1 10  ? -4.459  -3.647  -11.061 1.00 24.92  ? 10  ALA A O     1 
ATOM   61   C CB    . ALA A 1 10  ? -3.225  -5.759  -13.349 1.00 24.46  ? 10  ALA A CB    1 
ATOM   62   N N     . VAL A 1 11  ? -2.408  -4.454  -10.559 1.00 22.80  ? 11  VAL A N     1 
ATOM   63   C CA    . VAL A 1 11  ? -2.609  -4.260  -9.119  1.00 21.75  ? 11  VAL A CA    1 
ATOM   64   C C     . VAL A 1 11  ? -2.686  -2.743  -8.803  1.00 22.72  ? 11  VAL A C     1 
ATOM   65   O O     . VAL A 1 11  ? -3.456  -2.305  -7.922  1.00 22.36  ? 11  VAL A O     1 
ATOM   66   C CB    . VAL A 1 11  ? -1.524  -4.966  -8.302  1.00 23.39  ? 11  VAL A CB    1 
ATOM   67   C CG1   . VAL A 1 11  ? -1.612  -4.586  -6.773  1.00 21.78  ? 11  VAL A CG1   1 
ATOM   68   C CG2   . VAL A 1 11  ? -1.625  -6.500  -8.495  1.00 24.51  ? 11  VAL A CG2   1 
ATOM   69   N N     . THR A 1 12  ? -1.898  -1.952  -9.521  1.00 21.46  ? 12  THR A N     1 
ATOM   70   C CA    . THR A 1 12  ? -1.934  -0.480  -9.385  1.00 22.87  ? 12  THR A CA    1 
ATOM   71   C C     . THR A 1 12  ? -3.334  0.058   -9.713  1.00 25.12  ? 12  THR A C     1 
ATOM   72   O O     . THR A 1 12  ? -3.920  0.862   -8.965  1.00 20.91  ? 12  THR A O     1 
ATOM   73   C CB    . THR A 1 12  ? -0.882  0.189   -10.296 1.00 22.60  ? 12  THR A CB    1 
ATOM   74   O OG1   . THR A 1 12  ? 0.430   -0.171  -9.850  1.00 21.98  ? 12  THR A OG1   1 
ATOM   75   C CG2   . THR A 1 12  ? -1.014  1.724   -10.259 1.00 20.45  ? 12  THR A CG2   1 
ATOM   76   N N     . LEU A 1 13  ? -3.897  -0.407  -10.822 1.00 21.80  ? 13  LEU A N     1 
ATOM   77   C CA    . LEU A 1 13  ? -5.223  0.053   -11.224 1.00 23.58  ? 13  LEU A CA    1 
ATOM   78   C C     . LEU A 1 13  ? -6.300  -0.399  -10.226 1.00 22.41  ? 13  LEU A C     1 
ATOM   79   O O     . LEU A 1 13  ? -7.240  0.357   -9.922  1.00 23.26  ? 13  LEU A O     1 
ATOM   80   C CB    . LEU A 1 13  ? -5.577  -0.425  -12.638 1.00 24.16  ? 13  LEU A CB    1 
ATOM   81   C CG    . LEU A 1 13  ? -6.901  0.151   -13.194 1.00 29.82  ? 13  LEU A CG    1 
ATOM   82   C CD1   . LEU A 1 13  ? -6.851  1.679   -13.291 1.00 32.08  ? 13  LEU A CD1   1 
ATOM   83   C CD2   . LEU A 1 13  ? -7.208  -0.462  -14.572 1.00 34.66  ? 13  LEU A CD2   1 
ATOM   84   N N     . LEU A 1 14  ? -6.182  -1.622  -9.730  1.00 20.60  ? 14  LEU A N     1 
ATOM   85   C CA    . LEU A 1 14  ? -7.115  -2.100  -8.732  1.00 23.53  ? 14  LEU A CA    1 
ATOM   86   C C     . LEU A 1 14  ? -7.058  -1.195  -7.496  1.00 24.40  ? 14  LEU A C     1 
ATOM   87   O O     . LEU A 1 14  ? -8.098  -0.896  -6.891  1.00 24.41  ? 14  LEU A O     1 
ATOM   88   C CB    . LEU A 1 14  ? -6.754  -3.527  -8.322  1.00 23.39  ? 14  LEU A CB    1 
ATOM   89   C CG    . LEU A 1 14  ? -7.696  -4.144  -7.284  1.00 32.23  ? 14  LEU A CG    1 
ATOM   90   C CD1   . LEU A 1 14  ? -9.137  -4.172  -7.808  1.00 41.59  ? 14  LEU A CD1   1 
ATOM   91   C CD2   . LEU A 1 14  ? -7.235  -5.553  -6.914  1.00 34.96  ? 14  LEU A CD2   1 
ATOM   92   N N     . GLY A 1 15  ? -5.843  -0.797  -7.116  1.00 20.92  ? 15  GLY A N     1 
ATOM   93   C CA    . GLY A 1 15  ? -5.647  0.125   -5.974  1.00 21.16  ? 15  GLY A CA    1 
ATOM   94   C C     . GLY A 1 15  ? -6.337  1.466   -6.225  1.00 21.25  ? 15  GLY A C     1 
ATOM   95   O O     . GLY A 1 15  ? -6.947  2.045   -5.311  1.00 22.25  ? 15  GLY A O     1 
ATOM   96   N N     . VAL A 1 16  ? -6.224  1.990   -7.442  1.00 18.69  ? 16  VAL A N     1 
ATOM   97   C CA    . VAL A 1 16  ? -6.891  3.240   -7.804  1.00 20.77  ? 16  VAL A CA    1 
ATOM   98   C C     . VAL A 1 16  ? -8.412  3.095   -7.682  1.00 24.43  ? 16  VAL A C     1 
ATOM   99   O O     . VAL A 1 16  ? -9.109  3.982   -7.154  1.00 22.03  ? 16  VAL A O     1 
ATOM   100  C CB    . VAL A 1 16  ? -6.515  3.706   -9.244  1.00 20.56  ? 16  VAL A CB    1 
ATOM   101  C CG1   . VAL A 1 16  ? -7.386  4.882   -9.673  1.00 20.27  ? 16  VAL A CG1   1 
ATOM   102  C CG2   . VAL A 1 16  ? -5.018  4.137   -9.305  1.00 20.21  ? 16  VAL A CG2   1 
ATOM   103  N N     . LEU A 1 17  ? -8.935  1.990   -8.197  1.00 20.68  ? 17  LEU A N     1 
ATOM   104  C CA    . LEU A 1 17  ? -10.381 1.762   -8.129  1.00 22.08  ? 17  LEU A CA    1 
ATOM   105  C C     . LEU A 1 17  ? -10.859 1.676   -6.682  1.00 22.68  ? 17  LEU A C     1 
ATOM   106  O O     . LEU A 1 17  ? -11.939 2.175   -6.346  1.00 23.08  ? 17  LEU A O     1 
ATOM   107  C CB    . LEU A 1 17  ? -10.761 0.468   -8.855  1.00 22.28  ? 17  LEU A CB    1 
ATOM   108  C CG    . LEU A 1 17  ? -10.595 0.586   -10.377 1.00 30.81  ? 17  LEU A CG    1 
ATOM   109  C CD1   . LEU A 1 17  ? -10.747 -0.817  -11.039 1.00 35.29  ? 17  LEU A CD1   1 
ATOM   110  C CD2   . LEU A 1 17  ? -11.594 1.564   -10.951 1.00 30.77  ? 17  LEU A CD2   1 
ATOM   111  N N     . LEU A 1 18  ? -10.075 1.036   -5.835  1.00 20.93  ? 18  LEU A N     1 
ATOM   112  C CA    A LEU A 1 18  ? -10.426 0.916   -4.420  0.80 23.90  ? 18  LEU A CA    1 
ATOM   113  C CA    B LEU A 1 18  ? -10.441 0.924   -4.424  0.20 22.06  ? 18  LEU A CA    1 
ATOM   114  C C     . LEU A 1 18  ? -10.440 2.295   -3.748  1.00 24.54  ? 18  LEU A C     1 
ATOM   115  O O     . LEU A 1 18  ? -11.348 2.609   -2.941  1.00 23.93  ? 18  LEU A O     1 
ATOM   116  C CB    A LEU A 1 18  ? -9.428  0.020   -3.714  0.80 22.17  ? 18  LEU A CB    1 
ATOM   117  C CB    B LEU A 1 18  ? -9.506  -0.032  -3.686  0.20 20.98  ? 18  LEU A CB    1 
ATOM   118  C CG    A LEU A 1 18  ? -9.686  -0.269  -2.233  0.80 23.93  ? 18  LEU A CG    1 
ATOM   119  C CG    B LEU A 1 18  ? -9.860  -1.524  -3.648  0.20 16.66  ? 18  LEU A CG    1 
ATOM   120  C CD1   A LEU A 1 18  ? -11.045 -0.982  -2.023  0.80 25.04  ? 18  LEU A CD1   1 
ATOM   121  C CD1   B LEU A 1 18  ? -8.878  -2.235  -2.740  0.20 12.92  ? 18  LEU A CD1   1 
ATOM   122  C CD2   A LEU A 1 18  ? -8.527  -1.067  -1.598  0.80 26.11  ? 18  LEU A CD2   1 
ATOM   123  C CD2   B LEU A 1 18  ? -11.288 -1.733  -3.145  0.20 18.42  ? 18  LEU A CD2   1 
ATOM   124  N N     . GLN A 1 19  ? -9.425  3.107   -4.047  1.00 20.86  ? 19  GLN A N     1 
ATOM   125  C CA    . GLN A 1 19  ? -9.385  4.485   -3.510  1.00 23.29  ? 19  GLN A CA    1 
ATOM   126  C C     . GLN A 1 19  ? -10.582 5.279   -4.020  1.00 23.40  ? 19  GLN A C     1 
ATOM   127  O O     . GLN A 1 19  ? -11.131 6.107   -3.284  1.00 23.09  ? 19  GLN A O     1 
ATOM   128  C CB    . GLN A 1 19  ? -8.071  5.230   -3.864  1.00 22.39  ? 19  GLN A CB    1 
ATOM   129  C CG    . GLN A 1 19  ? -6.839  4.664   -3.136  1.00 22.45  ? 19  GLN A CG    1 
ATOM   130  C CD    . GLN A 1 19  ? -6.908  4.927   -1.618  1.00 23.18  ? 19  GLN A CD    1 
ATOM   131  O OE1   . GLN A 1 19  ? -7.372  5.981   -1.175  1.00 35.61  ? 19  GLN A OE1   1 
ATOM   132  N NE2   . GLN A 1 19  ? -6.510  3.962   -0.848  1.00 24.36  ? 19  GLN A NE2   1 
ATOM   133  N N     . ALA A 1 20  ? -10.981 5.066   -5.275  1.00 21.46  ? 20  ALA A N     1 
ATOM   134  C CA    . ALA A 1 20  ? -12.184 5.748   -5.790  1.00 25.27  ? 20  ALA A CA    1 
ATOM   135  C C     . ALA A 1 20  ? -13.443 5.333   -5.007  1.00 25.28  ? 20  ALA A C     1 
ATOM   136  O O     . ALA A 1 20  ? -14.318 6.160   -4.700  1.00 25.48  ? 20  ALA A O     1 
ATOM   137  C CB    . ALA A 1 20  ? -12.370 5.480   -7.318  1.00 24.81  ? 20  ALA A CB    1 
ATOM   138  N N     . TYR A 1 21  ? -13.523 4.053   -4.687  1.00 23.47  ? 21  TYR A N     1 
ATOM   139  C CA    . TYR A 1 21  ? -14.613 3.523   -3.882  1.00 25.04  ? 21  TYR A CA    1 
ATOM   140  C C     . TYR A 1 21  ? -14.643 4.200   -2.497  1.00 26.51  ? 21  TYR A C     1 
ATOM   141  O O     . TYR A 1 21  ? -15.699 4.646   -2.039  1.00 25.33  ? 21  TYR A O     1 
ATOM   142  C CB    . TYR A 1 21  ? -14.477 2.000   -3.752  1.00 25.54  ? 21  TYR A CB    1 
ATOM   143  C CG    . TYR A 1 21  ? -15.453 1.430   -2.759  1.00 26.04  ? 21  TYR A CG    1 
ATOM   144  C CD1   . TYR A 1 21  ? -16.821 1.409   -3.038  1.00 32.39  ? 21  TYR A CD1   1 
ATOM   145  C CD2   . TYR A 1 21  ? -15.019 0.958   -1.540  1.00 25.99  ? 21  TYR A CD2   1 
ATOM   146  C CE1   . TYR A 1 21  ? -17.728 0.895   -2.110  1.00 37.47  ? 21  TYR A CE1   1 
ATOM   147  C CE2   . TYR A 1 21  ? -15.907 0.456   -0.610  1.00 31.96  ? 21  TYR A CE2   1 
ATOM   148  C CZ    . TYR A 1 21  ? -17.258 0.428   -0.904  1.00 36.07  ? 21  TYR A CZ    1 
ATOM   149  O OH    . TYR A 1 21  ? -18.137 -0.081  0.037   1.00 43.42  ? 21  TYR A OH    1 
ATOM   150  N N     . PHE A 1 22  ? -13.488 4.307   -1.838  1.00 23.12  ? 22  PHE A N     1 
ATOM   151  C CA    . PHE A 1 22  ? -13.424 5.009   -0.542  1.00 25.47  ? 22  PHE A CA    1 
ATOM   152  C C     . PHE A 1 22  ? -13.920 6.452   -0.659  1.00 27.06  ? 22  PHE A C     1 
ATOM   153  O O     . PHE A 1 22  ? -14.671 6.936   0.208   1.00 24.11  ? 22  PHE A O     1 
ATOM   154  C CB    . PHE A 1 22  ? -11.993 5.007   0.016   1.00 21.50  ? 22  PHE A CB    1 
ATOM   155  C CG    . PHE A 1 22  ? -11.439 3.627   0.257   1.00 24.24  ? 22  PHE A CG    1 
ATOM   156  C CD1   . PHE A 1 22  ? -12.293 2.546   0.509   1.00 24.39  ? 22  PHE A CD1   1 
ATOM   157  C CD2   . PHE A 1 22  ? -10.053 3.413   0.239   1.00 21.25  ? 22  PHE A CD2   1 
ATOM   158  C CE1   . PHE A 1 22  ? -11.787 1.265   0.759   1.00 26.64  ? 22  PHE A CE1   1 
ATOM   159  C CE2   . PHE A 1 22  ? -9.530  2.127   0.489   1.00 23.64  ? 22  PHE A CE2   1 
ATOM   160  C CZ    . PHE A 1 22  ? -10.394 1.052   0.740   1.00 24.15  ? 22  PHE A CZ    1 
ATOM   161  N N     . SER A 1 23  ? -13.477 7.146   -1.709  1.00 24.15  ? 23  SER A N     1 
ATOM   162  C CA    A SER A 1 23  ? -13.894 8.525   -1.946  0.50 27.48  ? 23  SER A CA    1 
ATOM   163  C CA    B SER A 1 23  ? -13.891 8.522   -1.971  0.50 28.59  ? 23  SER A CA    1 
ATOM   164  C C     . SER A 1 23  ? -15.414 8.628   -2.124  1.00 29.09  ? 23  SER A C     1 
ATOM   165  O O     . SER A 1 23  ? -16.050 9.509   -1.552  1.00 26.00  ? 23  SER A O     1 
ATOM   166  C CB    A SER A 1 23  ? -13.179 9.105   -3.172  0.50 28.30  ? 23  SER A CB    1 
ATOM   167  C CB    B SER A 1 23  ? -13.209 9.041   -3.244  0.50 29.30  ? 23  SER A CB    1 
ATOM   168  O OG    A SER A 1 23  ? -11.786 9.208   -2.935  0.50 29.66  ? 23  SER A OG    1 
ATOM   169  O OG    B SER A 1 23  ? -13.707 10.316  -3.602  0.50 37.68  ? 23  SER A OG    1 
ATOM   170  N N     . LEU A 1 24  ? -15.990 7.736   -2.920  1.00 25.31  ? 24  LEU A N     1 
ATOM   171  C CA    . LEU A 1 24  ? -17.445 7.724   -3.133  1.00 28.49  ? 24  LEU A CA    1 
ATOM   172  C C     . LEU A 1 24  ? -18.195 7.433   -1.836  1.00 28.35  ? 24  LEU A C     1 
ATOM   173  O O     . LEU A 1 24  ? -19.262 7.998   -1.609  1.00 28.20  ? 24  LEU A O     1 
ATOM   174  C CB    . LEU A 1 24  ? -17.844 6.718   -4.213  1.00 29.18  ? 24  LEU A CB    1 
ATOM   175  C CG    . LEU A 1 24  ? -17.401 7.064   -5.636  1.00 34.39  ? 24  LEU A CG    1 
ATOM   176  C CD1   . LEU A 1 24  ? -17.616 5.878   -6.586  1.00 38.54  ? 24  LEU A CD1   1 
ATOM   177  C CD2   . LEU A 1 24  ? -18.095 8.341   -6.174  1.00 38.19  ? 24  LEU A CD2   1 
ATOM   178  N N     . GLN A 1 25  ? -17.639 6.575   -0.980  1.00 25.47  ? 25  GLN A N     1 
ATOM   179  C CA    . GLN A 1 25  ? -18.235 6.313   0.337   1.00 25.36  ? 25  GLN A CA    1 
ATOM   180  C C     . GLN A 1 25  ? -18.204 7.521   1.274   1.00 30.21  ? 25  GLN A C     1 
ATOM   181  O O     . GLN A 1 25  ? -19.163 7.764   2.022   1.00 26.37  ? 25  GLN A O     1 
ATOM   182  C CB    . GLN A 1 25  ? -17.583 5.105   1.023   1.00 23.58  ? 25  GLN A CB    1 
ATOM   183  C CG    . GLN A 1 25  ? -17.887 3.797   0.292   1.00 27.11  ? 25  GLN A CG    1 
ATOM   184  C CD    . GLN A 1 25  ? -19.381 3.478   0.339   1.00 42.54  ? 25  GLN A CD    1 
ATOM   185  O OE1   . GLN A 1 25  ? -20.095 3.686   -0.625  1.00 45.88  ? 25  GLN A OE1   1 
ATOM   186  N NE2   . GLN A 1 25  ? -19.847 3.014   1.478   1.00 46.59  ? 25  GLN A NE2   1 
ATOM   187  N N     . VAL A 1 26  ? -17.109 8.274   1.270   1.00 24.50  ? 26  VAL A N     1 
ATOM   188  C CA    . VAL A 1 26  ? -17.067 9.532   2.046   1.00 23.95  ? 26  VAL A CA    1 
ATOM   189  C C     . VAL A 1 26  ? -18.142 10.519  1.549   1.00 27.45  ? 26  VAL A C     1 
ATOM   190  O O     . VAL A 1 26  ? -18.797 11.196  2.361   1.00 27.54  ? 26  VAL A O     1 
ATOM   191  C CB    . VAL A 1 26  ? -15.678 10.215  1.958   1.00 25.22  ? 26  VAL A CB    1 
ATOM   192  C CG1   . VAL A 1 26  ? -15.720 11.607  2.597   1.00 24.03  ? 26  VAL A CG1   1 
ATOM   193  C CG2   . VAL A 1 26  ? -14.612 9.344   2.652   1.00 22.19  ? 26  VAL A CG2   1 
ATOM   194  N N     . ILE A 1 27  ? -18.303 10.620  0.237   1.00 27.01  ? 27  ILE A N     1 
ATOM   195  C CA    . ILE A 1 27  ? -19.310 11.543  -0.335  1.00 30.13  ? 27  ILE A CA    1 
ATOM   196  C C     . ILE A 1 27  ? -20.712 11.102  0.122   1.00 35.18  ? 27  ILE A C     1 
ATOM   197  O O     . ILE A 1 27  ? -21.548 11.925  0.539   1.00 30.89  ? 27  ILE A O     1 
ATOM   198  C CB    . ILE A 1 27  ? -19.201 11.593  -1.869  1.00 30.05  ? 27  ILE A CB    1 
ATOM   199  C CG1   . ILE A 1 27  ? -17.932 12.360  -2.259  1.00 24.49  ? 27  ILE A CG1   1 
ATOM   200  C CG2   . ILE A 1 27  ? -20.477 12.241  -2.545  1.00 31.48  ? 27  ILE A CG2   1 
ATOM   201  C CD1   . ILE A 1 27  ? -17.525 12.159  -3.745  1.00 27.59  ? 27  ILE A CD1   1 
ATOM   202  N N     . SER A 1 28  ? -20.951 9.798   0.063   1.00 30.28  ? 28  SER A N     1 
ATOM   203  C CA    . SER A 1 28  ? -22.199 9.226   0.559   1.00 35.70  ? 28  SER A CA    1 
ATOM   204  C C     . SER A 1 28  ? -22.417 9.534   2.048   1.00 36.67  ? 28  SER A C     1 
ATOM   205  O O     . SER A 1 28  ? -23.536 9.908   2.456   1.00 34.04  ? 28  SER A O     1 
ATOM   206  C CB    . SER A 1 28  ? -22.245 7.712   0.279   1.00 35.40  ? 28  SER A CB    1 
ATOM   207  O OG    . SER A 1 28  ? -23.291 7.088   1.001   0.80 39.71  ? 28  SER A OG    1 
ATOM   208  N N     . ALA A 1 29  ? -21.370 9.405   2.863   1.00 30.67  ? 29  ALA A N     1 
ATOM   209  C CA    . ALA A 1 29  ? -21.470 9.761   4.284   1.00 32.88  ? 29  ALA A CA    1 
ATOM   210  C C     . ALA A 1 29  ? -21.719 11.263  4.524   1.00 35.56  ? 29  ALA A C     1 
ATOM   211  O O     . ALA A 1 29  ? -22.460 11.646  5.450   1.00 33.70  ? 29  ALA A O     1 
ATOM   212  C CB    . ALA A 1 29  ? -20.232 9.281   5.070   1.00 33.45  ? 29  ALA A CB    1 
ATOM   213  N N     . ARG A 1 30  ? -21.112 12.110  3.704   1.00 29.08  ? 30  ARG A N     1 
ATOM   214  C CA    . ARG A 1 30  ? -21.337 13.542  3.808   1.00 28.79  ? 30  ARG A CA    1 
ATOM   215  C C     . ARG A 1 30  ? -22.823 13.859  3.598   1.00 35.80  ? 30  ARG A C     1 
ATOM   216  O O     . ARG A 1 30  ? -23.403 14.688  4.315   1.00 32.92  ? 30  ARG A O     1 
ATOM   217  C CB    . ARG A 1 30  ? -20.524 14.294  2.751   1.00 29.94  ? 30  ARG A CB    1 
ATOM   218  C CG    . ARG A 1 30  ? -19.049 14.473  3.132   1.00 25.92  ? 30  ARG A CG    1 
ATOM   219  C CD    . ARG A 1 30  ? -18.341 15.433  2.179   1.00 27.25  ? 30  ARG A CD    1 
ATOM   220  N NE    . ARG A 1 30  ? -16.944 15.632  2.575   1.00 25.10  ? 30  ARG A NE    1 
ATOM   221  C CZ    . ARG A 1 30  ? -16.567 16.448  3.547   1.00 32.82  ? 30  ARG A CZ    1 
ATOM   222  N NH1   . ARG A 1 30  ? -17.486 17.140  4.226   1.00 27.01  ? 30  ARG A NH1   1 
ATOM   223  N NH2   . ARG A 1 30  ? -15.288 16.579  3.850   1.00 24.01  ? 30  ARG A NH2   1 
ATOM   224  N N     . ARG A 1 31  ? -23.413 13.211  2.606   1.00 33.01  ? 31  ARG A N     1 
ATOM   225  C CA    . ARG A 1 31  ? -24.837 13.411  2.304   1.00 39.70  ? 31  ARG A CA    1 
ATOM   226  C C     . ARG A 1 31  ? -25.724 12.894  3.446   1.00 42.15  ? 31  ARG A C     1 
ATOM   227  O O     . ARG A 1 31  ? -26.609 13.608  3.943   1.00 43.54  ? 31  ARG A O     1 
ATOM   228  C CB    . ARG A 1 31  ? -25.193 12.745  0.971   1.00 38.80  ? 31  ARG A CB    1 
ATOM   229  N N     . ALA A 1 32  ? -25.453 11.676  3.894   1.00 39.85  ? 32  ALA A N     1 
ATOM   230  C CA    . ALA A 1 32  ? -26.226 11.043  4.955   1.00 41.18  ? 32  ALA A CA    1 
ATOM   231  C C     . ALA A 1 32  ? -26.189 11.816  6.269   1.00 44.78  ? 32  ALA A C     1 
ATOM   232  O O     . ALA A 1 32  ? -27.211 11.928  6.949   1.00 43.10  ? 32  ALA A O     1 
ATOM   233  C CB    . ALA A 1 32  ? -25.766 9.580   5.164   1.00 39.46  ? 32  ALA A CB    1 
ATOM   234  N N     . PHE A 1 33  ? -25.017 12.337  6.639   1.00 37.10  ? 33  PHE A N     1 
ATOM   235  C CA    . PHE A 1 33  ? -24.874 13.074  7.878   1.00 35.84  ? 33  PHE A CA    1 
ATOM   236  C C     . PHE A 1 33  ? -24.948 14.586  7.661   1.00 35.22  ? 33  PHE A C     1 
ATOM   237  O O     . PHE A 1 33  ? -24.754 15.352  8.589   1.00 37.98  ? 33  PHE A O     1 
ATOM   238  C CB    . PHE A 1 33  ? -23.565 12.701  8.573   1.00 40.03  ? 33  PHE A CB    1 
ATOM   239  C CG    . PHE A 1 33  ? -23.535 11.285  9.058   1.00 41.36  ? 33  PHE A CG    1 
ATOM   240  C CD1   . PHE A 1 33  ? -24.021 10.964  10.318  1.00 52.23  ? 33  PHE A CD1   1 
ATOM   241  C CD2   . PHE A 1 33  ? -23.045 10.267  8.251   1.00 47.53  ? 33  PHE A CD2   1 
ATOM   242  C CE1   . PHE A 1 33  ? -24.010 9.646   10.773  1.00 53.76  ? 33  PHE A CE1   1 
ATOM   243  C CE2   . PHE A 1 33  ? -23.029 8.951   8.697   1.00 52.97  ? 33  PHE A CE2   1 
ATOM   244  C CZ    . PHE A 1 33  ? -23.518 8.643   9.961   1.00 52.79  ? 33  PHE A CZ    1 
ATOM   245  N N     . ARG A 1 34  ? -25.217 14.996  6.428   1.00 31.38  ? 34  ARG A N     1 
ATOM   246  C CA    . ARG A 1 34  ? -25.271 16.413  6.081   1.00 35.48  ? 34  ARG A CA    1 
ATOM   247  C C     . ARG A 1 34  ? -24.047 17.168  6.588   1.00 38.93  ? 34  ARG A C     1 
ATOM   248  O O     . ARG A 1 34  ? -24.182 18.198  7.263   1.00 36.51  ? 34  ARG A O     1 
ATOM   249  C CB    . ARG A 1 34  ? -26.561 17.058  6.658   1.00 36.19  ? 34  ARG A CB    1 
ATOM   250  C CG    . ARG A 1 34  ? -27.854 16.424  6.151   1.00 40.28  ? 34  ARG A CG    1 
ATOM   251  C CD    . ARG A 1 34  ? -29.058 17.119  6.823   0.50 41.14  ? 34  ARG A CD    1 
ATOM   252  N NE    . ARG A 1 34  ? -30.314 16.388  6.696   0.50 42.50  ? 34  ARG A NE    1 
ATOM   253  C CZ    . ARG A 1 34  ? -31.275 16.696  5.826   0.50 43.87  ? 34  ARG A CZ    1 
ATOM   254  N NH1   . ARG A 1 34  ? -32.396 15.986  5.785   0.50 37.62  ? 34  ARG A NH1   1 
ATOM   255  N NH2   . ARG A 1 34  ? -31.117 17.714  4.998   0.50 40.87  ? 34  ARG A NH2   1 
ATOM   256  N N     . VAL A 1 35  ? -22.845 16.668  6.274   1.00 36.38  ? 35  VAL A N     1 
ATOM   257  C CA    . VAL A 1 35  ? -21.633 17.387  6.633   1.00 31.42  ? 35  VAL A CA    1 
ATOM   258  C C     . VAL A 1 35  ? -21.061 17.996  5.355   1.00 36.56  ? 35  VAL A C     1 
ATOM   259  O O     . VAL A 1 35  ? -20.506 17.283  4.505   1.00 31.25  ? 35  VAL A O     1 
ATOM   260  C CB    . VAL A 1 35  ? -20.573 16.463  7.290   1.00 34.65  ? 35  VAL A CB    1 
ATOM   261  C CG1   . VAL A 1 35  ? -19.298 17.264  7.623   1.00 27.90  ? 35  VAL A CG1   1 
ATOM   262  C CG2   . VAL A 1 35  ? -21.125 15.791  8.546   1.00 40.25  ? 35  VAL A CG2   1 
ATOM   263  N N     A SER A 1 36  ? -21.181 19.313  5.231   0.50 33.25  ? 36  SER A N     1 
ATOM   264  N N     B SER A 1 36  ? -21.203 19.307  5.204   0.50 33.71  ? 36  SER A N     1 
ATOM   265  C CA    A SER A 1 36  ? -20.779 20.018  4.018   0.50 33.05  ? 36  SER A CA    1 
ATOM   266  C CA    B SER A 1 36  ? -20.784 19.971  3.973   0.50 33.63  ? 36  SER A CA    1 
ATOM   267  C C     A SER A 1 36  ? -19.317 20.449  4.081   0.50 30.89  ? 36  SER A C     1 
ATOM   268  C C     B SER A 1 36  ? -19.333 20.418  4.072   0.50 31.23  ? 36  SER A C     1 
ATOM   269  O O     A SER A 1 36  ? -18.871 20.959  5.112   0.50 29.30  ? 36  SER A O     1 
ATOM   270  O O     B SER A 1 36  ? -18.907 20.907  5.122   0.50 29.66  ? 36  SER A O     1 
ATOM   271  C CB    A SER A 1 36  ? -21.664 21.260  3.824   0.50 36.51  ? 36  SER A CB    1 
ATOM   272  C CB    B SER A 1 36  ? -21.676 21.190  3.692   0.50 38.00  ? 36  SER A CB    1 
ATOM   273  O OG    A SER A 1 36  ? -22.964 20.893  3.391   0.50 37.79  ? 36  SER A OG    1 
ATOM   274  O OG    B SER A 1 36  ? -21.428 21.712  2.395   0.50 40.72  ? 36  SER A OG    1 
ATOM   275  N N     . PRO A 1 37  ? -18.567 20.256  2.976   1.00 29.57  ? 37  PRO A N     1 
ATOM   276  C CA    . PRO A 1 37  ? -17.236 20.852  2.897   1.00 28.85  ? 37  PRO A CA    1 
ATOM   277  C C     . PRO A 1 37  ? -17.379 22.356  3.190   1.00 30.98  ? 37  PRO A C     1 
ATOM   278  O O     . PRO A 1 37  ? -18.343 22.964  2.734   1.00 29.56  ? 37  PRO A O     1 
ATOM   279  C CB    . PRO A 1 37  ? -16.860 20.651  1.416   1.00 26.97  ? 37  PRO A CB    1 
ATOM   280  C CG    . PRO A 1 37  ? -17.565 19.337  1.051   1.00 31.32  ? 37  PRO A CG    1 
ATOM   281  C CD    . PRO A 1 37  ? -18.901 19.445  1.779   1.00 28.89  ? 37  PRO A CD    1 
ATOM   282  N N     . PRO A 1 38  ? -16.388 22.963  3.863   1.00 30.45  ? 38  PRO A N     1 
ATOM   283  C CA    . PRO A 1 38  ? -15.080 22.368  4.154   1.00 25.00  ? 38  PRO A CA    1 
ATOM   284  C C     . PRO A 1 38  ? -14.964 21.593  5.473   1.00 24.71  ? 38  PRO A C     1 
ATOM   285  O O     . PRO A 1 38  ? -13.852 21.272  5.891   1.00 26.35  ? 38  PRO A O     1 
ATOM   286  C CB    . PRO A 1 38  ? -14.158 23.592  4.183   1.00 27.19  ? 38  PRO A CB    1 
ATOM   287  C CG    . PRO A 1 38  ? -15.085 24.691  4.801   1.00 27.52  ? 38  PRO A CG    1 
ATOM   288  C CD    . PRO A 1 38  ? -16.421 24.414  4.134   1.00 32.32  ? 38  PRO A CD    1 
ATOM   289  N N     . LEU A 1 39  ? -16.083 21.299  6.146   1.00 26.82  ? 39  LEU A N     1 
ATOM   290  C CA    . LEU A 1 39  ? -15.990 20.560  7.410   1.00 27.15  ? 39  LEU A CA    1 
ATOM   291  C C     . LEU A 1 39  ? -15.519 19.131  7.183   1.00 24.27  ? 39  LEU A C     1 
ATOM   292  O O     . LEU A 1 39  ? -15.957 18.477  6.243   1.00 26.32  ? 39  LEU A O     1 
ATOM   293  C CB    . LEU A 1 39  ? -17.358 20.475  8.097   1.00 29.08  ? 39  LEU A CB    1 
ATOM   294  C CG    . LEU A 1 39  ? -17.898 21.849  8.570   1.00 36.29  ? 39  LEU A CG    1 
ATOM   295  C CD1   . LEU A 1 39  ? -19.291 21.697  9.197   1.00 42.14  ? 39  LEU A CD1   1 
ATOM   296  C CD2   . LEU A 1 39  ? -16.938 22.470  9.562   1.00 37.61  ? 39  LEU A CD2   1 
ATOM   297  N N     . THR A 1 40  ? -14.697 18.647  8.105   1.00 25.87  ? 40  THR A N     1 
ATOM   298  C CA    . THR A 1 40  ? -14.322 17.236  8.133   1.00 27.67  ? 40  THR A CA    1 
ATOM   299  C C     . THR A 1 40  ? -14.611 16.677  9.531   1.00 31.57  ? 40  THR A C     1 
ATOM   300  O O     . THR A 1 40  ? -14.096 15.618  9.932   1.00 28.34  ? 40  THR A O     1 
ATOM   301  C CB    . THR A 1 40  ? -12.838 17.073  7.787   1.00 29.05  ? 40  THR A CB    1 
ATOM   302  O OG1   . THR A 1 40  ? -12.072 17.896  8.678   1.00 28.99  ? 40  THR A OG1   1 
ATOM   303  C CG2   . THR A 1 40  ? -12.613 17.577  6.349   1.00 23.70  ? 40  THR A CG2   1 
ATOM   304  N N     . THR A 1 41  ? -15.462 17.396  10.269  1.00 27.03  ? 41  THR A N     1 
ATOM   305  C CA    . THR A 1 41  ? -15.848 16.930  11.603  1.00 30.30  ? 41  THR A CA    1 
ATOM   306  C C     . THR A 1 41  ? -17.352 16.769  11.645  1.00 33.18  ? 41  THR A C     1 
ATOM   307  O O     . THR A 1 41  ? -18.075 17.390  10.859  1.00 32.26  ? 41  THR A O     1 
ATOM   308  C CB    . THR A 1 41  ? -15.440 17.927  12.716  1.00 32.90  ? 41  THR A CB    1 
ATOM   309  O OG1   . THR A 1 41  ? -15.842 19.255  12.331  1.00 32.90  ? 41  THR A OG1   1 
ATOM   310  C CG2   . THR A 1 41  ? -13.952 17.857  12.983  1.00 35.82  ? 41  THR A CG2   1 
ATOM   311  N N     . GLY A 1 42  ? -17.817 15.935  12.571  1.00 33.00  ? 42  GLY A N     1 
ATOM   312  C CA    . GLY A 1 42  ? -19.245 15.649  12.690  1.00 34.50  ? 42  GLY A CA    1 
ATOM   313  C C     . GLY A 1 42  ? -19.402 14.509  13.670  1.00 31.00  ? 42  GLY A C     1 
ATOM   314  O O     . GLY A 1 42  ? -18.541 14.294  14.524  1.00 35.61  ? 42  GLY A O     1 
ATOM   315  N N     . PRO A 1 43  ? -20.481 13.754  13.537  1.00 32.95  ? 43  PRO A N     1 
ATOM   316  C CA    . PRO A 1 43  ? -20.695 12.602  14.417  1.00 38.28  ? 43  PRO A CA    1 
ATOM   317  C C     . PRO A 1 43  ? -19.566 11.587  14.218  1.00 40.08  ? 43  PRO A C     1 
ATOM   318  O O     . PRO A 1 43  ? -19.032 11.501  13.105  1.00 34.93  ? 43  PRO A O     1 
ATOM   319  C CB    . PRO A 1 43  ? -21.997 12.010  13.893  1.00 40.18  ? 43  PRO A CB    1 
ATOM   320  C CG    . PRO A 1 43  ? -22.615 13.064  13.062  1.00 40.83  ? 43  PRO A CG    1 
ATOM   321  C CD    . PRO A 1 43  ? -21.509 13.869  12.501  1.00 33.66  ? 43  PRO A CD    1 
ATOM   322  N N     . PRO A 1 44  ? -19.211 10.829  15.278  1.00 41.82  ? 44  PRO A N     1 
ATOM   323  C CA    . PRO A 1 44  ? -18.150 9.827   15.194  1.00 39.37  ? 44  PRO A CA    1 
ATOM   324  C C     . PRO A 1 44  ? -18.296 8.929   13.971  1.00 41.00  ? 44  PRO A C     1 
ATOM   325  O O     . PRO A 1 44  ? -17.295 8.576   13.361  1.00 38.13  ? 44  PRO A O     1 
ATOM   326  C CB    . PRO A 1 44  ? -18.321 9.024   16.487  1.00 42.01  ? 44  PRO A CB    1 
ATOM   327  C CG    . PRO A 1 44  ? -18.834 10.082  17.473  1.00 44.11  ? 44  PRO A CG    1 
ATOM   328  C CD    . PRO A 1 44  ? -19.737 10.965  16.655  1.00 40.98  ? 44  PRO A CD    1 
ATOM   329  N N     . GLU A 1 45  ? -19.515 8.562   13.601  1.00 37.69  ? 45  GLU A N     1 
ATOM   330  C CA    . GLU A 1 45  ? -19.667 7.681   12.449  1.00 40.46  ? 45  GLU A CA    1 
ATOM   331  C C     . GLU A 1 45  ? -19.243 8.326   11.125  1.00 39.82  ? 45  GLU A C     1 
ATOM   332  O O     . GLU A 1 45  ? -18.655 7.663   10.245  1.00 38.33  ? 45  GLU A O     1 
ATOM   333  C CB    . GLU A 1 45  ? -21.075 7.144   12.310  1.00 42.03  ? 45  GLU A CB    1 
ATOM   334  C CG    . GLU A 1 45  ? -21.134 6.092   11.239  1.00 43.87  ? 45  GLU A CG    1 
ATOM   335  C CD    . GLU A 1 45  ? -22.474 5.404   11.153  0.50 46.43  ? 45  GLU A CD    1 
ATOM   336  O OE1   . GLU A 1 45  ? -23.384 5.748   11.941  0.50 44.37  ? 45  GLU A OE1   1 
ATOM   337  O OE2   . GLU A 1 45  ? -22.610 4.521   10.286  0.50 42.86  ? 45  GLU A OE2   1 
ATOM   338  N N     . PHE A 1 46  ? -19.561 9.604   10.964  1.00 35.78  ? 46  PHE A N     1 
ATOM   339  C CA    . PHE A 1 46  ? -19.064 10.309  9.789   1.00 33.67  ? 46  PHE A CA    1 
ATOM   340  C C     . PHE A 1 46  ? -17.535 10.397  9.840   1.00 30.32  ? 46  PHE A C     1 
ATOM   341  O O     . PHE A 1 46  ? -16.862 10.155  8.825   1.00 31.62  ? 46  PHE A O     1 
ATOM   342  C CB    . PHE A 1 46  ? -19.625 11.728  9.646   1.00 34.01  ? 46  PHE A CB    1 
ATOM   343  C CG    . PHE A 1 46  ? -18.860 12.543  8.638   1.00 28.08  ? 46  PHE A CG    1 
ATOM   344  C CD1   . PHE A 1 46  ? -19.112 12.384  7.284   1.00 33.01  ? 46  PHE A CD1   1 
ATOM   345  C CD2   . PHE A 1 46  ? -17.828 13.383  9.039   1.00 31.22  ? 46  PHE A CD2   1 
ATOM   346  C CE1   . PHE A 1 46  ? -18.378 13.089  6.325   1.00 36.80  ? 46  PHE A CE1   1 
ATOM   347  C CE2   . PHE A 1 46  ? -17.075 14.086  8.090   1.00 32.76  ? 46  PHE A CE2   1 
ATOM   348  C CZ    . PHE A 1 46  ? -17.356 13.933  6.726   1.00 35.16  ? 46  PHE A CZ    1 
ATOM   349  N N     . GLU A 1 47  ? -16.996 10.775  11.000  1.00 27.92  ? 47  GLU A N     1 
ATOM   350  C CA    . GLU A 1 47  ? -15.563 10.989  11.143  1.00 27.37  ? 47  GLU A CA    1 
ATOM   351  C C     . GLU A 1 47  ? -14.785 9.696   10.898  1.00 29.63  ? 47  GLU A C     1 
ATOM   352  O O     . GLU A 1 47  ? -13.701 9.734   10.308  1.00 24.97  ? 47  GLU A O     1 
ATOM   353  C CB    . GLU A 1 47  ? -15.170 11.621  12.495  1.00 29.80  ? 47  GLU A CB    1 
ATOM   354  C CG    . GLU A 1 47  ? -15.755 13.051  12.679  1.00 30.66  ? 47  GLU A CG    1 
ATOM   355  C CD    . GLU A 1 47  ? -15.178 13.815  13.878  0.80 30.40  ? 47  GLU A CD    1 
ATOM   356  O OE1   . GLU A 1 47  ? -14.281 13.320  14.595  0.80 27.84  ? 47  GLU A OE1   1 
ATOM   357  O OE2   . GLU A 1 47  ? -15.606 14.964  14.064  0.80 29.67  ? 47  GLU A OE2   1 
ATOM   358  N N     . ARG A 1 48  ? -15.330 8.561   11.336  1.00 25.20  ? 48  ARG A N     1 
ATOM   359  C CA    . ARG A 1 48  ? -14.676 7.278   11.021  1.00 27.74  ? 48  ARG A CA    1 
ATOM   360  C C     . ARG A 1 48  ? -14.561 6.979   9.513   1.00 26.56  ? 48  ARG A C     1 
ATOM   361  O O     . ARG A 1 48  ? -13.554 6.412   9.071   1.00 24.18  ? 48  ARG A O     1 
ATOM   362  C CB    . ARG A 1 48  ? -15.344 6.093   11.753  1.00 26.23  ? 48  ARG A CB    1 
ATOM   363  C CG    . ARG A 1 48  ? -15.217 6.172   13.317  1.00 25.92  ? 48  ARG A CG    1 
ATOM   364  C CD    . ARG A 1 48  ? -15.569 4.809   13.977  1.00 25.26  ? 48  ARG A CD    1 
ATOM   365  N NE    . ARG A 1 48  ? -16.843 4.334   13.451  1.00 28.08  ? 48  ARG A NE    1 
ATOM   366  C CZ    . ARG A 1 48  ? -18.027 4.642   13.982  1.00 33.72  ? 48  ARG A CZ    1 
ATOM   367  N NH1   . ARG A 1 48  ? -18.079 5.422   15.066  1.00 31.91  ? 48  ARG A NH1   1 
ATOM   368  N NH2   . ARG A 1 48  ? -19.140 4.200   13.417  1.00 27.17  ? 48  ARG A NH2   1 
ATOM   369  N N     . VAL A 1 49  ? -15.588 7.304   8.736   1.00 25.74  ? 49  VAL A N     1 
ATOM   370  C CA    . VAL A 1 49  ? -15.556 7.023   7.288   1.00 30.27  ? 49  VAL A CA    1 
ATOM   371  C C     . VAL A 1 49  ? -14.540 7.937   6.592   1.00 28.37  ? 49  VAL A C     1 
ATOM   372  O O     . VAL A 1 49  ? -13.736 7.494   5.712   1.00 23.73  ? 49  VAL A O     1 
ATOM   373  C CB    . VAL A 1 49  ? -16.942 7.197   6.641   1.00 29.30  ? 49  VAL A CB    1 
ATOM   374  C CG1   . VAL A 1 49  ? -16.842 7.057   5.107   1.00 28.56  ? 49  VAL A CG1   1 
ATOM   375  C CG2   . VAL A 1 49  ? -17.931 6.145   7.217   1.00 34.46  ? 49  VAL A CG2   1 
ATOM   376  N N     . TYR A 1 50  ? -14.583 9.208   6.986   1.00 23.91  ? 50  TYR A N     1 
ATOM   377  C CA    . TYR A 1 50  ? -13.637 10.218  6.523   1.00 25.55  ? 50  TYR A CA    1 
ATOM   378  C C     . TYR A 1 50  ? -12.207 9.791   6.843   1.00 26.47  ? 50  TYR A C     1 
ATOM   379  O O     . TYR A 1 50  ? -11.333 9.760   5.944   1.00 22.81  ? 50  TYR A O     1 
ATOM   380  C CB    . TYR A 1 50  ? -13.950 11.588  7.157   1.00 24.53  ? 50  TYR A CB    1 
ATOM   381  C CG    . TYR A 1 50  ? -12.839 12.581  6.942   1.00 22.29  ? 50  TYR A CG    1 
ATOM   382  C CD1   . TYR A 1 50  ? -12.714 13.260  5.728   1.00 23.29  ? 50  TYR A CD1   1 
ATOM   383  C CD2   . TYR A 1 50  ? -11.909 12.826  7.933   1.00 24.27  ? 50  TYR A CD2   1 
ATOM   384  C CE1   . TYR A 1 50  ? -11.685 14.170  5.520   1.00 25.05  ? 50  TYR A CE1   1 
ATOM   385  C CE2   . TYR A 1 50  ? -10.881 13.728  7.730   1.00 25.00  ? 50  TYR A CE2   1 
ATOM   386  C CZ    . TYR A 1 50  ? -10.773 14.381  6.516   1.00 24.74  ? 50  TYR A CZ    1 
ATOM   387  O OH    . TYR A 1 50  ? -9.724  15.241  6.309   1.00 27.74  ? 50  TYR A OH    1 
ATOM   388  N N     . ARG A 1 51  ? -11.965 9.433   8.104   1.00 21.54  ? 51  ARG A N     1 
ATOM   389  C CA    . ARG A 1 51  ? -10.636 9.068   8.557   1.00 22.79  ? 51  ARG A CA    1 
ATOM   390  C C     . ARG A 1 51  ? -10.150 7.781   7.869   1.00 24.08  ? 51  ARG A C     1 
ATOM   391  O O     . ARG A 1 51  ? -8.941  7.660   7.589   1.00 22.98  ? 51  ARG A O     1 
ATOM   392  C CB    . ARG A 1 51  ? -10.595 8.844   10.074  1.00 23.57  ? 51  ARG A CB    1 
ATOM   393  C CG    . ARG A 1 51  ? -10.577 10.154  10.938  1.00 23.84  ? 51  ARG A CG    1 
ATOM   394  C CD    . ARG A 1 51  ? -9.482  11.152  10.527  1.00 24.60  ? 51  ARG A CD    1 
ATOM   395  N NE    . ARG A 1 51  ? -8.170  10.499  10.414  1.00 25.18  ? 51  ARG A NE    1 
ATOM   396  C CZ    . ARG A 1 51  ? -7.141  11.060  9.796   1.00 25.95  ? 51  ARG A CZ    1 
ATOM   397  N NH1   . ARG A 1 51  ? -6.002  10.382  9.662   1.00 25.77  ? 51  ARG A NH1   1 
ATOM   398  N NH2   . ARG A 1 51  ? -7.277  12.292  9.280   1.00 22.65  ? 51  ARG A NH2   1 
ATOM   399  N N     . ALA A 1 52  ? -11.055 6.818   7.667   1.00 20.37  ? 52  ALA A N     1 
ATOM   400  C CA    . ALA A 1 52  ? -10.650 5.554   7.049   1.00 22.84  ? 52  ALA A CA    1 
ATOM   401  C C     . ALA A 1 52  ? -10.138 5.862   5.626   1.00 21.51  ? 52  ALA A C     1 
ATOM   402  O O     . ALA A 1 52  ? -9.106  5.322   5.185   1.00 21.09  ? 52  ALA A O     1 
ATOM   403  C CB    . ALA A 1 52  ? -11.817 4.571   7.005   1.00 23.71  ? 52  ALA A CB    1 
ATOM   404  N N     . GLN A 1 53  ? -10.859 6.717   4.922   1.00 20.21  ? 53  GLN A N     1 
ATOM   405  C CA    . GLN A 1 53  ? -10.437 7.119   3.556   1.00 23.27  ? 53  GLN A CA    1 
ATOM   406  C C     . GLN A 1 53  ? -9.101  7.863   3.578   1.00 25.15  ? 53  GLN A C     1 
ATOM   407  O O     . GLN A 1 53  ? -8.191  7.568   2.777   1.00 19.87  ? 53  GLN A O     1 
ATOM   408  C CB    . GLN A 1 53  ? -11.535 7.930   2.847   1.00 23.51  ? 53  GLN A CB    1 
ATOM   409  C CG    . GLN A 1 53  ? -11.108 8.565   1.463   1.00 20.50  ? 53  GLN A CG    1 
ATOM   410  C CD    . GLN A 1 53  ? -10.581 10.003  1.627   1.00 28.03  ? 53  GLN A CD    1 
ATOM   411  O OE1   . GLN A 1 53  ? -11.305 10.874  2.080   1.00 26.33  ? 53  GLN A OE1   1 
ATOM   412  N NE2   . GLN A 1 53  ? -9.312  10.246  1.255   1.00 26.86  ? 53  GLN A NE2   1 
ATOM   413  N N     . VAL A 1 54  ? -8.951  8.820   4.495   1.00 18.71  ? 54  VAL A N     1 
ATOM   414  C CA    . VAL A 1 54  ? -7.718  9.592   4.582   1.00 20.30  ? 54  VAL A CA    1 
ATOM   415  C C     . VAL A 1 54  ? -6.522  8.685   4.892   1.00 22.26  ? 54  VAL A C     1 
ATOM   416  O O     . VAL A 1 54  ? -5.420  8.846   4.313   1.00 20.30  ? 54  VAL A O     1 
ATOM   417  C CB    . VAL A 1 54  ? -7.814  10.712  5.672   1.00 21.40  ? 54  VAL A CB    1 
ATOM   418  C CG1   . VAL A 1 54  ? -6.422  11.341  5.964   1.00 22.72  ? 54  VAL A CG1   1 
ATOM   419  C CG2   . VAL A 1 54  ? -8.807  11.782  5.220   1.00 22.44  ? 54  VAL A CG2   1 
ATOM   420  N N     . ASN A 1 55  ? -6.703  7.753   5.822   1.00 19.65  ? 55  ASN A N     1 
ATOM   421  C CA    . ASN A 1 55  ? -5.607  6.852   6.192   1.00 18.70  ? 55  ASN A CA    1 
ATOM   422  C C     . ASN A 1 55  ? -5.215  5.994   4.972   1.00 19.89  ? 55  ASN A C     1 
ATOM   423  O O     . ASN A 1 55  ? -4.022  5.835   4.640   1.00 21.14  ? 55  ASN A O     1 
ATOM   424  C CB    . ASN A 1 55  ? -6.050  5.919   7.357   1.00 21.58  ? 55  ASN A CB    1 
ATOM   425  C CG    . ASN A 1 55  ? -4.888  5.110   7.936   1.00 22.63  ? 55  ASN A CG    1 
ATOM   426  O OD1   . ASN A 1 55  ? -4.524  4.065   7.399   1.00 25.89  ? 55  ASN A OD1   1 
ATOM   427  N ND2   . ASN A 1 55  ? -4.323  5.576   9.046   1.00 22.35  ? 55  ASN A ND2   1 
ATOM   428  N N     . CYS A 1 56  ? -6.207  5.454   4.294   1.00 18.84  ? 56  CYS A N     1 
ATOM   429  C CA    . CYS A 1 56  ? -5.897  4.680   3.071   1.00 22.72  ? 56  CYS A CA    1 
ATOM   430  C C     . CYS A 1 56  ? -5.160  5.548   2.028   1.00 22.66  ? 56  CYS A C     1 
ATOM   431  O O     . CYS A 1 56  ? -4.182  5.112   1.420   1.00 20.53  ? 56  CYS A O     1 
ATOM   432  C CB    . CYS A 1 56  ? -7.167  4.110   2.468   1.00 22.98  ? 56  CYS A CB    1 
ATOM   433  S SG    . CYS A 1 56  ? -7.891  2.756   3.510   1.00 28.02  ? 56  CYS A SG    1 
ATOM   434  N N     . SER A 1 57  ? -5.622  6.777   1.830   1.00 18.54  ? 57  SER A N     1 
ATOM   435  C CA    . SER A 1 57  ? -4.983  7.699   0.905   1.00 21.81  ? 57  SER A CA    1 
ATOM   436  C C     . SER A 1 57  ? -3.559  8.007   1.258   1.00 23.49  ? 57  SER A C     1 
ATOM   437  O O     . SER A 1 57  ? -2.721  8.173   0.358   1.00 20.89  ? 57  SER A O     1 
ATOM   438  C CB    . SER A 1 57  ? -5.763  9.050   0.779   1.00 22.46  ? 57  SER A CB    1 
ATOM   439  O OG    . SER A 1 57  ? -7.054  8.800   0.217   1.00 25.76  ? 57  SER A OG    1 
ATOM   440  N N     . GLU A 1 58  ? -3.249  8.178   2.539   1.00 19.41  ? 58  GLU A N     1 
ATOM   441  C CA    . GLU A 1 58  ? -1.876  8.557   2.843   1.00 22.73  ? 58  GLU A CA    1 
ATOM   442  C C     . GLU A 1 58  ? -0.889  7.392   2.737   1.00 20.67  ? 58  GLU A C     1 
ATOM   443  O O     . GLU A 1 58  ? 0.288   7.640   2.470   1.00 22.12  ? 58  GLU A O     1 
ATOM   444  C CB    . GLU A 1 58  ? -1.721  9.284   4.195   1.00 25.15  ? 58  GLU A CB    1 
ATOM   445  C CG    . GLU A 1 58  ? -2.004  8.407   5.335   1.00 27.22  ? 58  GLU A CG    1 
ATOM   446  C CD    . GLU A 1 58  ? -2.220  9.197   6.662   1.00 34.26  ? 58  GLU A CD    1 
ATOM   447  O OE1   . GLU A 1 58  ? -2.157  10.452  6.695   1.00 29.60  ? 58  GLU A OE1   1 
ATOM   448  O OE2   . GLU A 1 58  ? -2.477  8.529   7.656   1.00 33.63  ? 58  GLU A OE2   1 
ATOM   449  N N     . TYR A 1 59  ? -1.351  6.156   2.902   1.00 18.03  ? 59  TYR A N     1 
ATOM   450  C CA    . TYR A 1 59  ? -0.462  5.002   2.665   1.00 20.70  ? 59  TYR A CA    1 
ATOM   451  C C     . TYR A 1 59  ? -0.392  4.588   1.180   1.00 19.40  ? 59  TYR A C     1 
ATOM   452  O O     . TYR A 1 59  ? 0.505   3.832   0.781   1.00 19.76  ? 59  TYR A O     1 
ATOM   453  C CB    . TYR A 1 59  ? -0.876  3.797   3.490   1.00 19.30  ? 59  TYR A CB    1 
ATOM   454  C CG    . TYR A 1 59  ? -0.527  3.971   4.944   1.00 24.09  ? 59  TYR A CG    1 
ATOM   455  C CD1   . TYR A 1 59  ? 0.689   3.533   5.450   1.00 26.34  ? 59  TYR A CD1   1 
ATOM   456  C CD2   . TYR A 1 59  ? -1.420  4.612   5.811   1.00 27.40  ? 59  TYR A CD2   1 
ATOM   457  C CE1   . TYR A 1 59  ? 1.013   3.701   6.801   1.00 29.90  ? 59  TYR A CE1   1 
ATOM   458  C CE2   . TYR A 1 59  ? -1.105  4.814   7.171   1.00 24.39  ? 59  TYR A CE2   1 
ATOM   459  C CZ    . TYR A 1 59  ? 0.096   4.338   7.662   1.00 29.31  ? 59  TYR A CZ    1 
ATOM   460  O OH    . TYR A 1 59  ? 0.419   4.518   8.997   1.00 30.45  ? 59  TYR A OH    1 
ATOM   461  N N     . PHE A 1 60  ? -1.317  5.069   0.384   1.00 17.98  ? 60  PHE A N     1 
ATOM   462  C CA    . PHE A 1 60  ? -1.421  4.593   -1.000  1.00 20.24  ? 60  PHE A CA    1 
ATOM   463  C C     . PHE A 1 60  ? -0.107  4.819   -1.811  1.00 19.93  ? 60  PHE A C     1 
ATOM   464  O O     . PHE A 1 60  ? 0.326   3.906   -2.508  1.00 19.58  ? 60  PHE A O     1 
ATOM   465  C CB    . PHE A 1 60  ? -2.663  5.177   -1.687  1.00 20.18  ? 60  PHE A CB    1 
ATOM   466  C CG    . PHE A 1 60  ? -2.925  4.607   -3.068  1.00 22.84  ? 60  PHE A CG    1 
ATOM   467  C CD1   . PHE A 1 60  ? -3.302  3.282   -3.233  1.00 24.83  ? 60  PHE A CD1   1 
ATOM   468  C CD2   . PHE A 1 60  ? -2.819  5.406   -4.165  1.00 26.32  ? 60  PHE A CD2   1 
ATOM   469  C CE1   . PHE A 1 60  ? -3.526  2.764   -4.488  1.00 28.23  ? 60  PHE A CE1   1 
ATOM   470  C CE2   . PHE A 1 60  ? -3.065  4.892   -5.455  1.00 33.31  ? 60  PHE A CE2   1 
ATOM   471  C CZ    . PHE A 1 60  ? -3.422  3.586   -5.596  1.00 21.12  ? 60  PHE A CZ    1 
ATOM   472  N N     . PRO A 1 61  ? 0.541   5.986   -1.683  1.00 20.18  ? 61  PRO A N     1 
ATOM   473  C CA    . PRO A 1 61  ? 1.847   6.127   -2.376  1.00 23.15  ? 61  PRO A CA    1 
ATOM   474  C C     . PRO A 1 61  ? 2.938   5.195   -1.865  1.00 23.52  ? 61  PRO A C     1 
ATOM   475  O O     . PRO A 1 61  ? 3.842   4.833   -2.647  1.00 20.85  ? 61  PRO A O     1 
ATOM   476  C CB    . PRO A 1 61  ? 2.265   7.579   -2.073  1.00 22.69  ? 61  PRO A CB    1 
ATOM   477  C CG    . PRO A 1 61  ? 0.922   8.294   -1.694  1.00 22.61  ? 61  PRO A CG    1 
ATOM   478  C CD    . PRO A 1 61  ? 0.133   7.250   -1.004  1.00 21.09  ? 61  PRO A CD    1 
ATOM   479  N N     . LEU A 1 62  ? 2.892   4.824   -0.581  1.00 20.20  ? 62  LEU A N     1 
ATOM   480  C CA    . LEU A 1 62  ? 3.861   3.881   -0.033  1.00 24.18  ? 62  LEU A CA    1 
ATOM   481  C C     . LEU A 1 62  ? 3.641   2.535   -0.651  1.00 22.58  ? 62  LEU A C     1 
ATOM   482  O O     . LEU A 1 62  ? 4.611   1.823   -0.980  1.00 22.15  ? 62  LEU A O     1 
ATOM   483  C CB    . LEU A 1 62  ? 3.760   3.746   1.504   1.00 22.61  ? 62  LEU A CB    1 
ATOM   484  C CG    . LEU A 1 62  ? 4.529   4.760   2.331   1.00 34.24  ? 62  LEU A CG    1 
ATOM   485  C CD1   . LEU A 1 62  ? 4.093   6.134   1.974   1.00 33.68  ? 62  LEU A CD1   1 
ATOM   486  C CD2   . LEU A 1 62  ? 4.378   4.479   3.849   1.00 28.40  ? 62  LEU A CD2   1 
ATOM   487  N N     . PHE A 1 63  ? 2.378   2.149   -0.746  1.00 19.11  ? 63  PHE A N     1 
ATOM   488  C CA    A PHE A 1 63  ? 2.043   0.924   -1.407  0.50 21.23  ? 63  PHE A CA    1 
ATOM   489  C CA    B PHE A 1 63  ? 1.962   0.933   -1.457  0.50 20.69  ? 63  PHE A CA    1 
ATOM   490  C C     . PHE A 1 63  ? 2.487   0.934   -2.882  1.00 22.80  ? 63  PHE A C     1 
ATOM   491  O O     . PHE A 1 63  ? 3.127   -0.033  -3.339  1.00 21.34  ? 63  PHE A O     1 
ATOM   492  C CB    A PHE A 1 63  ? 0.553   0.643   -1.285  0.50 20.41  ? 63  PHE A CB    1 
ATOM   493  C CB    B PHE A 1 63  ? 0.422   0.810   -1.463  0.50 19.58  ? 63  PHE A CB    1 
ATOM   494  C CG    A PHE A 1 63  ? 0.109   -0.488  -2.104  0.50 24.18  ? 63  PHE A CG    1 
ATOM   495  C CG    B PHE A 1 63  ? -0.171  0.085   -2.667  0.50 19.14  ? 63  PHE A CG    1 
ATOM   496  C CD1   A PHE A 1 63  ? 0.647   -1.744  -1.901  0.50 22.79  ? 63  PHE A CD1   1 
ATOM   497  C CD1   B PHE A 1 63  ? -0.128  -1.308  -2.760  0.50 17.67  ? 63  PHE A CD1   1 
ATOM   498  C CD2   A PHE A 1 63  ? -0.826  -0.310  -3.112  0.50 16.58  ? 63  PHE A CD2   1 
ATOM   499  C CD2   B PHE A 1 63  ? -0.820  0.790   -3.674  0.50 12.86  ? 63  PHE A CD2   1 
ATOM   500  C CE1   A PHE A 1 63  ? 0.246   -2.800  -2.676  0.50 22.51  ? 63  PHE A CE1   1 
ATOM   501  C CE1   B PHE A 1 63  ? -0.685  -1.963  -3.819  0.50 16.17  ? 63  PHE A CE1   1 
ATOM   502  C CE2   A PHE A 1 63  ? -1.222  -1.362  -3.879  0.50 26.80  ? 63  PHE A CE2   1 
ATOM   503  C CE2   B PHE A 1 63  ? -1.407  0.131   -4.757  0.50 17.56  ? 63  PHE A CE2   1 
ATOM   504  C CZ    A PHE A 1 63  ? -0.692  -2.611  -3.658  0.50 24.72  ? 63  PHE A CZ    1 
ATOM   505  C CZ    B PHE A 1 63  ? -1.341  -1.250  -4.836  0.50 15.27  ? 63  PHE A CZ    1 
ATOM   506  N N     . LEU A 1 64  ? 2.171   2.000   -3.613  1.00 17.81  ? 64  LEU A N     1 
ATOM   507  C CA    . LEU A 1 64  ? 2.615   2.053   -5.032  1.00 19.14  ? 64  LEU A CA    1 
ATOM   508  C C     . LEU A 1 64  ? 4.141   1.983   -5.169  1.00 21.37  ? 64  LEU A C     1 
ATOM   509  O O     . LEU A 1 64  ? 4.670   1.219   -6.014  1.00 20.72  ? 64  LEU A O     1 
ATOM   510  C CB    . LEU A 1 64  ? 2.151   3.344   -5.690  1.00 20.77  ? 64  LEU A CB    1 
ATOM   511  C CG    . LEU A 1 64  ? 0.640   3.554   -5.912  1.00 32.85  ? 64  LEU A CG    1 
ATOM   512  C CD1   . LEU A 1 64  ? 0.403   4.936   -6.526  1.00 37.56  ? 64  LEU A CD1   1 
ATOM   513  C CD2   . LEU A 1 64  ? -0.013  2.467   -6.738  1.00 37.87  ? 64  LEU A CD2   1 
ATOM   514  N N     . ALA A 1 65  ? 4.848   2.793   -4.393  1.00 19.41  ? 65  ALA A N     1 
ATOM   515  C CA    . ALA A 1 65  ? 6.328   2.829   -4.477  1.00 22.88  ? 65  ALA A CA    1 
ATOM   516  C C     . ALA A 1 65  ? 6.946   1.446   -4.205  1.00 25.37  ? 65  ALA A C     1 
ATOM   517  O O     . ALA A 1 65  ? 7.842   0.994   -4.951  1.00 21.99  ? 65  ALA A O     1 
ATOM   518  C CB    . ALA A 1 65  ? 6.908   3.873   -3.490  1.00 20.84  ? 65  ALA A CB    1 
ATOM   519  N N     . THR A 1 66  ? 6.465   0.773   -3.154  1.00 20.30  ? 66  THR A N     1 
ATOM   520  C CA    A THR A 1 66  ? 7.011   -0.524  -2.767  0.50 23.03  ? 66  THR A CA    1 
ATOM   521  C CA    B THR A 1 66  ? 7.019   -0.493  -2.776  0.50 23.95  ? 66  THR A CA    1 
ATOM   522  C C     . THR A 1 66  ? 6.622   -1.622  -3.725  1.00 24.59  ? 66  THR A C     1 
ATOM   523  O O     . THR A 1 66  ? 7.442   -2.495  -4.009  1.00 23.05  ? 66  THR A O     1 
ATOM   524  C CB    A THR A 1 66  ? 6.673   -0.979  -1.308  0.50 21.46  ? 66  THR A CB    1 
ATOM   525  C CB    B THR A 1 66  ? 6.698   -0.803  -1.321  0.50 24.24  ? 66  THR A CB    1 
ATOM   526  O OG1   A THR A 1 66  ? 5.260   -1.172  -1.145  0.50 20.66  ? 66  THR A OG1   1 
ATOM   527  O OG1   B THR A 1 66  ? 6.789   0.424   -0.584  0.50 24.54  ? 66  THR A OG1   1 
ATOM   528  C CG2   A THR A 1 66  ? 7.224   0.025   -0.292  0.50 23.03  ? 66  THR A CG2   1 
ATOM   529  C CG2   B THR A 1 66  ? 7.720   -1.762  -0.781  0.50 24.45  ? 66  THR A CG2   1 
ATOM   530  N N     . LEU A 1 67  ? 5.373   -1.580  -4.196  1.00 19.51  ? 67  LEU A N     1 
ATOM   531  C CA    . LEU A 1 67  ? 4.876   -2.539  -5.173  1.00 23.41  ? 67  LEU A CA    1 
ATOM   532  C C     . LEU A 1 67  ? 5.824   -2.549  -6.411  1.00 23.46  ? 67  LEU A C     1 
ATOM   533  O O     . LEU A 1 67  ? 6.228   -3.618  -6.897  1.00 20.50  ? 67  LEU A O     1 
ATOM   534  C CB    . LEU A 1 67  ? 3.459   -2.172  -5.619  1.00 20.06  ? 67  LEU A CB    1 
ATOM   535  C CG    . LEU A 1 67  ? 2.826   -2.926  -6.791  1.00 23.43  ? 67  LEU A CG    1 
ATOM   536  C CD1   . LEU A 1 67  ? 2.670   -4.409  -6.420  1.00 22.89  ? 67  LEU A CD1   1 
ATOM   537  C CD2   . LEU A 1 67  ? 1.471   -2.319  -7.246  1.00 23.71  ? 67  LEU A CD2   1 
ATOM   538  N N     . TRP A 1 68  ? 6.112   -1.363  -6.935  1.00 19.39  ? 68  TRP A N     1 
ATOM   539  C CA    . TRP A 1 68  ? 6.899   -1.250  -8.177  1.00 21.79  ? 68  TRP A CA    1 
ATOM   540  C C     . TRP A 1 68  ? 8.365   -1.616  -7.941  1.00 22.78  ? 68  TRP A C     1 
ATOM   541  O O     . TRP A 1 68  ? 8.951   -2.356  -8.757  1.00 24.54  ? 68  TRP A O     1 
ATOM   542  C CB    . TRP A 1 68  ? 6.739   0.145   -8.801  1.00 20.91  ? 68  TRP A CB    1 
ATOM   543  C CG    . TRP A 1 68  ? 5.406   0.230   -9.502  1.00 24.29  ? 68  TRP A CG    1 
ATOM   544  C CD1   . TRP A 1 68  ? 4.174   0.564   -8.955  1.00 21.22  ? 68  TRP A CD1   1 
ATOM   545  C CD2   . TRP A 1 68  ? 5.155   -0.139  -10.857 1.00 23.29  ? 68  TRP A CD2   1 
ATOM   546  N NE1   . TRP A 1 68  ? 3.192   0.450   -9.917  1.00 23.78  ? 68  TRP A NE1   1 
ATOM   547  C CE2   . TRP A 1 68  ? 3.773   0.031   -11.094 1.00 22.09  ? 68  TRP A CE2   1 
ATOM   548  C CE3   . TRP A 1 68  ? 5.985   -0.586  -11.913 1.00 28.48  ? 68  TRP A CE3   1 
ATOM   549  C CZ2   . TRP A 1 68  ? 3.186   -0.223  -12.354 1.00 26.57  ? 68  TRP A CZ2   1 
ATOM   550  C CZ3   . TRP A 1 68  ? 5.401   -0.836  -13.161 1.00 28.57  ? 68  TRP A CZ3   1 
ATOM   551  C CH2   . TRP A 1 68  ? 4.017   -0.645  -13.369 1.00 31.97  ? 68  TRP A CH2   1 
ATOM   552  N N     . VAL A 1 69  ? 8.957   -1.122  -6.851  1.00 20.47  ? 69  VAL A N     1 
ATOM   553  C CA    . VAL A 1 69  ? 10.357  -1.489  -6.529  1.00 22.88  ? 69  VAL A CA    1 
ATOM   554  C C     . VAL A 1 69  ? 10.518  -2.998  -6.273  1.00 25.66  ? 69  VAL A C     1 
ATOM   555  O O     . VAL A 1 69  ? 11.443  -3.648  -6.836  1.00 25.16  ? 69  VAL A O     1 
ATOM   556  C CB    . VAL A 1 69  ? 10.953  -0.644  -5.382  1.00 20.47  ? 69  VAL A CB    1 
ATOM   557  C CG1   . VAL A 1 69  ? 12.355  -1.129  -5.013  1.00 23.55  ? 69  VAL A CG1   1 
ATOM   558  C CG2   . VAL A 1 69  ? 11.001  0.850   -5.762  1.00 24.18  ? 69  VAL A CG2   1 
ATOM   559  N N     . ALA A 1 70  ? 9.628   -3.576  -5.459  1.00 21.50  ? 70  ALA A N     1 
ATOM   560  C CA    . ALA A 1 70  ? 9.681   -5.013  -5.193  1.00 22.84  ? 70  ALA A CA    1 
ATOM   561  C C     . ALA A 1 70  ? 9.439   -5.810  -6.486  1.00 24.54  ? 70  ALA A C     1 
ATOM   562  O O     . ALA A 1 70  ? 10.079  -6.867  -6.716  1.00 24.81  ? 70  ALA A O     1 
ATOM   563  C CB    . ALA A 1 70  ? 8.641   -5.426  -4.128  1.00 21.97  ? 70  ALA A CB    1 
ATOM   564  N N     . GLY A 1 71  ? 8.512   -5.324  -7.309  1.00 22.49  ? 71  GLY A N     1 
ATOM   565  C CA    . GLY A 1 71  ? 8.114   -6.053  -8.507  1.00 23.17  ? 71  GLY A CA    1 
ATOM   566  C C     . GLY A 1 71  ? 9.217   -6.030  -9.564  1.00 28.86  ? 71  GLY A C     1 
ATOM   567  O O     . GLY A 1 71  ? 9.353   -6.967  -10.362 1.00 27.05  ? 71  GLY A O     1 
ATOM   568  N N     . ILE A 1 72  ? 9.979   -4.951  -9.589  1.00 24.18  ? 72  ILE A N     1 
ATOM   569  C CA    A ILE A 1 72  ? 11.062  -4.803  -10.561 0.50 28.78  ? 72  ILE A CA    1 
ATOM   570  C CA    B ILE A 1 72  ? 11.068  -4.790  -10.555 0.50 29.01  ? 72  ILE A CA    1 
ATOM   571  C C     . ILE A 1 72  ? 12.380  -5.434  -10.089 1.00 30.69  ? 72  ILE A C     1 
ATOM   572  O O     . ILE A 1 72  ? 13.129  -6.022  -10.886 1.00 28.59  ? 72  ILE A O     1 
ATOM   573  C CB    A ILE A 1 72  ? 11.276  -3.313  -10.919 0.50 27.86  ? 72  ILE A CB    1 
ATOM   574  C CB    B ILE A 1 72  ? 11.305  -3.293  -10.871 0.50 28.12  ? 72  ILE A CB    1 
ATOM   575  C CG1   A ILE A 1 72  ? 10.070  -2.802  -11.713 0.50 27.81  ? 72  ILE A CG1   1 
ATOM   576  C CG1   B ILE A 1 72  ? 10.094  -2.730  -11.618 0.50 30.01  ? 72  ILE A CG1   1 
ATOM   577  C CG2   A ILE A 1 72  ? 12.590  -3.102  -11.705 0.50 28.64  ? 72  ILE A CG2   1 
ATOM   578  C CG2   B ILE A 1 72  ? 12.606  -3.081  -11.678 0.50 28.56  ? 72  ILE A CG2   1 
ATOM   579  C CD1   A ILE A 1 72  ? 10.131  -1.323  -12.028 0.50 24.43  ? 72  ILE A CD1   1 
ATOM   580  C CD1   B ILE A 1 72  ? 9.660   -3.573  -12.792 0.50 30.11  ? 72  ILE A CD1   1 
ATOM   581  N N     . PHE A 1 73  ? 12.669  -5.328  -8.805  1.00 23.05  ? 73  PHE A N     1 
ATOM   582  C CA    . PHE A 1 73  ? 13.951  -5.774  -8.289  1.00 27.07  ? 73  PHE A CA    1 
ATOM   583  C C     . PHE A 1 73  ? 13.940  -7.144  -7.635  1.00 28.82  ? 73  PHE A C     1 
ATOM   584  O O     . PHE A 1 73  ? 15.000  -7.750  -7.444  1.00 30.02  ? 73  PHE A O     1 
ATOM   585  C CB    . PHE A 1 73  ? 14.548  -4.714  -7.360  1.00 25.71  ? 73  PHE A CB    1 
ATOM   586  C CG    . PHE A 1 73  ? 15.119  -3.556  -8.105  1.00 29.42  ? 73  PHE A CG    1 
ATOM   587  C CD1   . PHE A 1 73  ? 16.455  -3.588  -8.544  1.00 30.55  ? 73  PHE A CD1   1 
ATOM   588  C CD2   . PHE A 1 73  ? 14.324  -2.458  -8.442  1.00 25.63  ? 73  PHE A CD2   1 
ATOM   589  C CE1   . PHE A 1 73  ? 16.998  -2.510  -9.269  1.00 32.20  ? 73  PHE A CE1   1 
ATOM   590  C CE2   . PHE A 1 73  ? 14.857  -1.370  -9.165  1.00 28.75  ? 73  PHE A CE2   1 
ATOM   591  C CZ    . PHE A 1 73  ? 16.205  -1.397  -9.583  1.00 32.78  ? 73  PHE A CZ    1 
ATOM   592  N N     . PHE A 1 74  ? 12.759  -7.617  -7.256  1.00 27.94  ? 74  PHE A N     1 
ATOM   593  C CA    . PHE A 1 74  ? 12.664  -8.901  -6.576  1.00 28.49  ? 74  PHE A CA    1 
ATOM   594  C C     . PHE A 1 74  ? 11.972  -9.925  -7.461  1.00 32.63  ? 74  PHE A C     1 
ATOM   595  O O     . PHE A 1 74  ? 12.629  -10.852 -7.964  1.00 29.18  ? 74  PHE A O     1 
ATOM   596  C CB    . PHE A 1 74  ? 12.050  -8.817  -5.166  1.00 28.63  ? 74  PHE A CB    1 
ATOM   597  C CG    . PHE A 1 74  ? 12.068  -10.128 -4.449  1.00 28.33  ? 74  PHE A CG    1 
ATOM   598  C CD1   . PHE A 1 74  ? 13.140  -10.468 -3.636  1.00 32.32  ? 74  PHE A CD1   1 
ATOM   599  C CD2   . PHE A 1 74  ? 11.051  -11.043 -4.633  1.00 34.44  ? 74  PHE A CD2   1 
ATOM   600  C CE1   . PHE A 1 74  ? 13.179  -11.709 -2.999  1.00 35.12  ? 74  PHE A CE1   1 
ATOM   601  C CE2   . PHE A 1 74  ? 11.087  -12.277 -4.008  1.00 39.49  ? 74  PHE A CE2   1 
ATOM   602  C CZ    . PHE A 1 74  ? 12.155  -12.604 -3.191  1.00 33.27  ? 74  PHE A CZ    1 
ATOM   603  N N     . HIS A 1 75  ? 10.669  -9.759  -7.695  1.00 24.71  ? 75  HIS A N     1 
ATOM   604  C CA    . HIS A 1 75  ? 9.907   -10.696 -8.498  1.00 24.99  ? 75  HIS A CA    1 
ATOM   605  C C     . HIS A 1 75  ? 8.524   -10.107 -8.747  1.00 26.76  ? 75  HIS A C     1 
ATOM   606  O O     . HIS A 1 75  ? 7.840   -9.722  -7.787  1.00 27.39  ? 75  HIS A O     1 
ATOM   607  C CB    . HIS A 1 75  ? 9.748   -12.022 -7.730  1.00 25.72  ? 75  HIS A CB    1 
ATOM   608  C CG    . HIS A 1 75  ? 8.960   -13.075 -8.458  1.00 32.19  ? 75  HIS A CG    1 
ATOM   609  N ND1   . HIS A 1 75  ? 9.554   -14.020 -9.284  1.00 38.17  ? 75  HIS A ND1   1 
ATOM   610  C CD2   . HIS A 1 75  ? 7.635   -13.370 -8.447  1.00 23.56  ? 75  HIS A CD2   1 
ATOM   611  C CE1   . HIS A 1 75  ? 8.621   -14.821 -9.774  1.00 32.15  ? 75  HIS A CE1   1 
ATOM   612  N NE2   . HIS A 1 75  ? 7.449   -14.451 -9.281  1.00 41.74  ? 75  HIS A NE2   1 
ATOM   613  N N     . GLU A 1 76  ? 8.098   -10.058 -10.002 1.00 24.56  ? 76  GLU A N     1 
ATOM   614  C CA    . GLU A 1 76  ? 6.825   -9.395  -10.327 1.00 27.96  ? 76  GLU A CA    1 
ATOM   615  C C     . GLU A 1 76  ? 5.611   -10.075 -9.710  1.00 32.98  ? 76  GLU A C     1 
ATOM   616  O O     . GLU A 1 76  ? 4.737   -9.408  -9.131  1.00 27.94  ? 76  GLU A O     1 
ATOM   617  C CB    . GLU A 1 76  ? 6.621   -9.226  -11.840 1.00 27.78  ? 76  GLU A CB    1 
ATOM   618  C CG    . GLU A 1 76  ? 5.546   -8.157  -12.118 1.00 30.89  ? 76  GLU A CG    1 
ATOM   619  C CD    . GLU A 1 76  ? 4.913   -8.195  -13.494 0.60 27.71  ? 76  GLU A CD    1 
ATOM   620  O OE1   . GLU A 1 76  ? 5.106   -9.152  -14.263 0.60 31.37  ? 76  GLU A OE1   1 
ATOM   621  O OE2   . GLU A 1 76  ? 4.198   -7.239  -13.810 0.60 26.79  ? 76  GLU A OE2   1 
ATOM   622  N N     . GLY A 1 77  ? 5.524   -11.396 -9.874  1.00 29.52  ? 77  GLY A N     1 
ATOM   623  C CA    . GLY A 1 77  ? 4.392   -12.163 -9.360  1.00 30.81  ? 77  GLY A CA    1 
ATOM   624  C C     . GLY A 1 77  ? 4.251   -12.060 -7.858  1.00 32.14  ? 77  GLY A C     1 
ATOM   625  O O     . GLY A 1 77  ? 3.131   -11.863 -7.345  1.00 30.03  ? 77  GLY A O     1 
ATOM   626  N N     . ALA A 1 78  ? 5.370   -12.179 -7.142  1.00 27.94  ? 78  ALA A N     1 
ATOM   627  C CA    . ALA A 1 78  ? 5.322   -12.131 -5.673  1.00 28.13  ? 78  ALA A CA    1 
ATOM   628  C C     . ALA A 1 78  ? 4.903   -10.733 -5.190  1.00 28.34  ? 78  ALA A C     1 
ATOM   629  O O     . ALA A 1 78  ? 4.145   -10.615 -4.231  1.00 26.32  ? 78  ALA A O     1 
ATOM   630  C CB    . ALA A 1 78  ? 6.676   -12.504 -5.038  1.00 30.11  ? 78  ALA A CB    1 
ATOM   631  N N     . ALA A 1 79  ? 5.409   -9.703  -5.854  1.00 25.89  ? 79  ALA A N     1 
ATOM   632  C CA    . ALA A 1 79  ? 5.064   -8.305  -5.486  1.00 25.87  ? 79  ALA A CA    1 
ATOM   633  C C     . ALA A 1 79  ? 3.575   -8.068  -5.727  1.00 25.73  ? 79  ALA A C     1 
ATOM   634  O O     . ALA A 1 79  ? 2.866   -7.505  -4.865  1.00 24.52  ? 79  ALA A O     1 
ATOM   635  C CB    . ALA A 1 79  ? 5.920   -7.322  -6.278  1.00 19.46  ? 79  ALA A CB    1 
ATOM   636  N N     . ALA A 1 80  ? 3.088   -8.516  -6.886  1.00 24.05  ? 80  ALA A N     1 
ATOM   637  C CA    . ALA A 1 80  ? 1.681   -8.410  -7.225  1.00 25.49  ? 80  ALA A CA    1 
ATOM   638  C C     . ALA A 1 80  ? 0.768   -9.109  -6.231  1.00 29.75  ? 80  ALA A C     1 
ATOM   639  O O     . ALA A 1 80  ? -0.285  -8.552  -5.870  1.00 26.35  ? 80  ALA A O     1 
ATOM   640  C CB    . ALA A 1 80  ? 1.402   -8.905  -8.680  1.00 26.03  ? 80  ALA A CB    1 
ATOM   641  N N     . LEU A 1 81  ? 1.148   -10.316 -5.802  1.00 25.76  ? 81  LEU A N     1 
ATOM   642  C CA    A LEU A 1 81  ? 0.369   -11.061 -4.824  0.50 27.99  ? 81  LEU A CA    1 
ATOM   643  C CA    B LEU A 1 81  ? 0.380   -11.069 -4.820  0.50 26.99  ? 81  LEU A CA    1 
ATOM   644  C C     . LEU A 1 81  ? 0.339   -10.353 -3.476  1.00 27.44  ? 81  LEU A C     1 
ATOM   645  O O     . LEU A 1 81  ? -0.715  -10.250 -2.854  1.00 27.94  ? 81  LEU A O     1 
ATOM   646  C CB    A LEU A 1 81  ? 0.920   -12.488 -4.636  0.50 29.47  ? 81  LEU A CB    1 
ATOM   647  C CB    B LEU A 1 81  ? 0.977   -12.477 -4.614  0.50 27.75  ? 81  LEU A CB    1 
ATOM   648  C CG    A LEU A 1 81  ? 0.586   -13.478 -5.755  0.50 36.94  ? 81  LEU A CG    1 
ATOM   649  C CG    B LEU A 1 81  ? 0.243   -13.416 -3.654  0.50 29.93  ? 81  LEU A CG    1 
ATOM   650  C CD1   A LEU A 1 81  ? 1.138   -14.865 -5.437  0.50 38.01  ? 81  LEU A CD1   1 
ATOM   651  C CD1   B LEU A 1 81  ? -1.257  -13.411 -3.903  0.50 33.89  ? 81  LEU A CD1   1 
ATOM   652  C CD2   A LEU A 1 81  ? -0.916  -13.537 -5.985  0.50 38.41  ? 81  LEU A CD2   1 
ATOM   653  C CD2   B LEU A 1 81  ? 0.786   -14.845 -3.751  0.50 35.41  ? 81  LEU A CD2   1 
ATOM   654  N N     . CYS A 1 82  ? 1.489   -9.872  -3.022  1.00 24.99  ? 82  CYS A N     1 
ATOM   655  C CA    . CYS A 1 82  ? 1.530   -9.133  -1.756  1.00 27.06  ? 82  CYS A CA    1 
ATOM   656  C C     . CYS A 1 82  ? 0.687   -7.862  -1.885  1.00 27.83  ? 82  CYS A C     1 
ATOM   657  O O     . CYS A 1 82  ? 0.031   -7.440  -0.914  1.00 24.71  ? 82  CYS A O     1 
ATOM   658  C CB    . CYS A 1 82  ? 2.943   -8.715  -1.379  1.00 30.12  ? 82  CYS A CB    1 
ATOM   659  S SG    . CYS A 1 82  ? 4.054   -10.057 -0.935  0.80 32.33  ? 82  CYS A SG    1 
ATOM   660  N N     . GLY A 1 83  ? 0.750   -7.229  -3.056  1.00 22.87  ? 83  GLY A N     1 
ATOM   661  C CA    . GLY A 1 83  ? -0.076  -6.038  -3.332  1.00 24.98  ? 83  GLY A CA    1 
ATOM   662  C C     . GLY A 1 83  ? -1.571  -6.320  -3.247  1.00 26.64  ? 83  GLY A C     1 
ATOM   663  O O     . GLY A 1 83  ? -2.350  -5.509  -2.712  1.00 24.11  ? 83  GLY A O     1 
ATOM   664  N N     . LEU A 1 84  ? -1.992  -7.459  -3.791  1.00 25.38  ? 84  LEU A N     1 
ATOM   665  C CA    A LEU A 1 84  ? -3.395  -7.862  -3.713  0.90 27.15  ? 84  LEU A CA    1 
ATOM   666  C CA    B LEU A 1 84  ? -3.378  -7.901  -3.723  0.10 24.77  ? 84  LEU A CA    1 
ATOM   667  C C     . LEU A 1 84  ? -3.815  -8.106  -2.273  1.00 26.50  ? 84  LEU A C     1 
ATOM   668  O O     . LEU A 1 84  ? -4.914  -7.698  -1.873  1.00 28.14  ? 84  LEU A O     1 
ATOM   669  C CB    A LEU A 1 84  ? -3.671  -9.144  -4.524  0.90 28.74  ? 84  LEU A CB    1 
ATOM   670  C CB    B LEU A 1 84  ? -3.530  -9.213  -4.498  0.10 23.48  ? 84  LEU A CB    1 
ATOM   671  C CG    A LEU A 1 84  ? -3.676  -9.046  -6.046  0.90 32.76  ? 84  LEU A CG    1 
ATOM   672  C CG    B LEU A 1 84  ? -4.933  -9.734  -4.792  0.10 15.93  ? 84  LEU A CG    1 
ATOM   673  C CD1   A LEU A 1 84  ? -3.938  -10.444 -6.629  0.90 38.61  ? 84  LEU A CD1   1 
ATOM   674  C CD1   B LEU A 1 84  ? -5.696  -8.735  -5.641  0.10 15.34  ? 84  LEU A CD1   1 
ATOM   675  C CD2   A LEU A 1 84  ? -4.739  -8.069  -6.496  0.90 34.01  ? 84  LEU A CD2   1 
ATOM   676  C CD2   B LEU A 1 84  ? -4.841  -11.089 -5.499  0.10 8.39   ? 84  LEU A CD2   1 
ATOM   677  N N     . VAL A 1 85  ? -2.961  -8.761  -1.497  1.00 26.33  ? 85  VAL A N     1 
ATOM   678  C CA    . VAL A 1 85  ? -3.260  -8.991  -0.086  1.00 28.30  ? 85  VAL A CA    1 
ATOM   679  C C     . VAL A 1 85  ? -3.381  -7.662  0.675   1.00 29.25  ? 85  VAL A C     1 
ATOM   680  O O     . VAL A 1 85  ? -4.317  -7.472  1.476   1.00 24.86  ? 85  VAL A O     1 
ATOM   681  C CB    . VAL A 1 85  ? -2.218  -9.892  0.598   1.00 28.27  ? 85  VAL A CB    1 
ATOM   682  C CG1   . VAL A 1 85  ? -2.452  -9.944  2.125   1.00 31.21  ? 85  VAL A CG1   1 
ATOM   683  C CG2   . VAL A 1 85  ? -2.274  -11.309 -0.008  1.00 32.78  ? 85  VAL A CG2   1 
ATOM   684  N N     . TYR A 1 86  ? -2.445  -6.752  0.411   1.00 23.98  ? 86  TYR A N     1 
ATOM   685  C CA    . TYR A 1 86  ? -2.512  -5.395  0.973   1.00 22.96  ? 86  TYR A CA    1 
ATOM   686  C C     . TYR A 1 86  ? -3.864  -4.730  0.656   1.00 24.40  ? 86  TYR A C     1 
ATOM   687  O O     . TYR A 1 86  ? -4.521  -4.175  1.552   1.00 23.02  ? 86  TYR A O     1 
ATOM   688  C CB    . TYR A 1 86  ? -1.341  -4.533  0.458   1.00 22.49  ? 86  TYR A CB    1 
ATOM   689  C CG    . TYR A 1 86  ? -1.452  -3.096  0.922   1.00 18.85  ? 86  TYR A CG    1 
ATOM   690  C CD1   . TYR A 1 86  ? -1.072  -2.743  2.224   1.00 23.60  ? 86  TYR A CD1   1 
ATOM   691  C CD2   . TYR A 1 86  ? -2.030  -2.124  0.101   1.00 20.50  ? 86  TYR A CD2   1 
ATOM   692  C CE1   . TYR A 1 86  ? -1.199  -1.427  2.683   1.00 23.68  ? 86  TYR A CE1   1 
ATOM   693  C CE2   . TYR A 1 86  ? -2.176  -0.814  0.551   1.00 21.83  ? 86  TYR A CE2   1 
ATOM   694  C CZ    . TYR A 1 86  ? -1.758  -0.484  1.849   1.00 24.34  ? 86  TYR A CZ    1 
ATOM   695  O OH    . TYR A 1 86  ? -1.899  0.815   2.286   1.00 25.86  ? 86  TYR A OH    1 
ATOM   696  N N     . LEU A 1 87  ? -4.273  -4.745  -0.609  1.00 20.55  ? 87  LEU A N     1 
ATOM   697  C CA    . LEU A 1 87  ? -5.468  -4.033  -1.017  1.00 22.52  ? 87  LEU A CA    1 
ATOM   698  C C     . LEU A 1 87  ? -6.748  -4.653  -0.408  1.00 26.21  ? 87  LEU A C     1 
ATOM   699  O O     . LEU A 1 87  ? -7.691  -3.940  -0.041  1.00 21.48  ? 87  LEU A O     1 
ATOM   700  C CB    . LEU A 1 87  ? -5.581  -3.985  -2.550  1.00 24.58  ? 87  LEU A CB    1 
ATOM   701  C CG    . LEU A 1 87  ? -4.528  -3.100  -3.265  1.00 23.30  ? 87  LEU A CG    1 
ATOM   702  C CD1   . LEU A 1 87  ? -4.756  -3.231  -4.780  1.00 23.04  ? 87  LEU A CD1   1 
ATOM   703  C CD2   . LEU A 1 87  ? -4.667  -1.598  -2.829  1.00 23.13  ? 87  LEU A CD2   1 
ATOM   704  N N     . PHE A 1 88  ? -6.799  -5.975  -0.352  1.00 24.22  ? 88  PHE A N     1 
ATOM   705  C CA    A PHE A 1 88  ? -7.930  -6.641  0.296   0.80 27.05  ? 88  PHE A CA    1 
ATOM   706  C CA    B PHE A 1 88  ? -7.920  -6.643  0.298   0.20 25.42  ? 88  PHE A CA    1 
ATOM   707  C C     . PHE A 1 88  ? -7.979  -6.271  1.784   1.00 23.97  ? 88  PHE A C     1 
ATOM   708  O O     . PHE A 1 88  ? -9.059  -5.996  2.327   1.00 23.93  ? 88  PHE A O     1 
ATOM   709  C CB    A PHE A 1 88  ? -7.872  -8.159  0.126   0.80 28.08  ? 88  PHE A CB    1 
ATOM   710  C CB    B PHE A 1 88  ? -7.829  -8.156  0.096   0.20 26.12  ? 88  PHE A CB    1 
ATOM   711  C CG    A PHE A 1 88  ? -9.099  -8.854  0.639   0.80 34.06  ? 88  PHE A CG    1 
ATOM   712  C CG    B PHE A 1 88  ? -8.230  -8.604  -1.283  0.20 29.39  ? 88  PHE A CG    1 
ATOM   713  C CD1   A PHE A 1 88  ? -10.323 -8.646  0.032   0.80 41.93  ? 88  PHE A CD1   1 
ATOM   714  C CD1   B PHE A 1 88  ? -7.712  -7.983  -2.407  0.20 35.13  ? 88  PHE A CD1   1 
ATOM   715  C CD2   A PHE A 1 88  ? -9.040  -9.672  1.758   0.80 46.95  ? 88  PHE A CD2   1 
ATOM   716  C CD2   B PHE A 1 88  ? -9.124  -9.647  -1.457  0.20 36.76  ? 88  PHE A CD2   1 
ATOM   717  C CE1   A PHE A 1 88  ? -11.470 -9.264  0.519   0.80 48.65  ? 88  PHE A CE1   1 
ATOM   718  C CE1   B PHE A 1 88  ? -8.078  -8.391  -3.678  0.20 33.19  ? 88  PHE A CE1   1 
ATOM   719  C CE2   A PHE A 1 88  ? -10.188 -10.298 2.243   0.80 43.22  ? 88  PHE A CE2   1 
ATOM   720  C CE2   B PHE A 1 88  ? -9.492  -10.061 -2.728  0.20 38.70  ? 88  PHE A CE2   1 
ATOM   721  C CZ    A PHE A 1 88  ? -11.392 -10.089 1.621   0.80 39.56  ? 88  PHE A CZ    1 
ATOM   722  C CZ    B PHE A 1 88  ? -8.967  -9.430  -3.837  0.20 36.58  ? 88  PHE A CZ    1 
ATOM   723  N N     . ALA A 1 89  ? -6.821  -6.263  2.443   1.00 22.40  ? 89  ALA A N     1 
ATOM   724  C CA    . ALA A 1 89  ? -6.750  -5.841  3.847   1.00 25.43  ? 89  ALA A CA    1 
ATOM   725  C C     . ALA A 1 89  ? -7.210  -4.392  4.030   1.00 28.30  ? 89  ALA A C     1 
ATOM   726  O O     . ALA A 1 89  ? -7.884  -4.062  5.030   1.00 24.73  ? 89  ALA A O     1 
ATOM   727  C CB    . ALA A 1 89  ? -5.339  -6.042  4.433   1.00 23.99  ? 89  ALA A CB    1 
ATOM   728  N N     . ARG A 1 90  ? -6.844  -3.521  3.084   1.00 22.85  ? 90  ARG A N     1 
ATOM   729  C CA    . ARG A 1 90  ? -7.300  -2.111  3.145   1.00 22.03  ? 90  ARG A CA    1 
ATOM   730  C C     . ARG A 1 90  ? -8.807  -1.980  2.971   1.00 21.97  ? 90  ARG A C     1 
ATOM   731  O O     . ARG A 1 90  ? -9.432  -1.134  3.618   1.00 21.45  ? 90  ARG A O     1 
ATOM   732  C CB    . ARG A 1 90  ? -6.563  -1.250  2.103   1.00 20.74  ? 90  ARG A CB    1 
ATOM   733  C CG    . ARG A 1 90  ? -5.151  -0.905  2.587   1.00 24.66  ? 90  ARG A CG    1 
ATOM   734  C CD    . ARG A 1 90  ? -5.361  0.176   3.679   1.00 30.51  ? 90  ARG A CD    1 
ATOM   735  N NE    . ARG A 1 90  ? -4.164  0.574   4.398   1.00 32.64  ? 90  ARG A NE    1 
ATOM   736  C CZ    . ARG A 1 90  ? -4.147  1.523   5.341   1.00 36.67  ? 90  ARG A CZ    1 
ATOM   737  N NH1   . ARG A 1 90  ? -5.259  2.167   5.665   1.00 30.01  ? 90  ARG A NH1   1 
ATOM   738  N NH2   . ARG A 1 90  ? -3.014  1.850   5.940   1.00 36.88  ? 90  ARG A NH2   1 
ATOM   739  N N     . LEU A 1 91  ? -9.387  -2.760  2.064   1.00 21.67  ? 91  LEU A N     1 
ATOM   740  C CA    . LEU A 1 91  ? -10.842 -2.777  1.916   1.00 23.77  ? 91  LEU A CA    1 
ATOM   741  C C     . LEU A 1 91  ? -11.506 -3.158  3.261   1.00 26.04  ? 91  LEU A C     1 
ATOM   742  O O     . LEU A 1 91  ? -12.459 -2.499  3.697   1.00 25.01  ? 91  LEU A O     1 
ATOM   743  C CB    . LEU A 1 91  ? -11.306 -3.751  0.818   1.00 23.46  ? 91  LEU A CB    1 
ATOM   744  C CG    . LEU A 1 91  ? -12.833 -3.964  0.745   1.00 27.28  ? 91  LEU A CG    1 
ATOM   745  C CD1   . LEU A 1 91  ? -13.584 -2.632  0.447   1.00 26.58  ? 91  LEU A CD1   1 
ATOM   746  C CD2   . LEU A 1 91  ? -13.208 -5.013  -0.307  1.00 27.69  ? 91  LEU A CD2   1 
ATOM   747  N N     . ARG A 1 92  ? -11.006 -4.210  3.889   1.00 25.81  ? 92  ARG A N     1 
ATOM   748  C CA    . ARG A 1 92  ? -11.489 -4.643  5.225   1.00 26.77  ? 92  ARG A CA    1 
ATOM   749  C C     . ARG A 1 92  ? -11.256 -3.590  6.302   1.00 29.22  ? 92  ARG A C     1 
ATOM   750  O O     . ARG A 1 92  ? -12.084 -3.414  7.191   1.00 24.01  ? 92  ARG A O     1 
ATOM   751  C CB    . ARG A 1 92  ? -10.858 -5.978  5.655   1.00 26.06  ? 92  ARG A CB    1 
ATOM   752  C CG    . ARG A 1 92  ? -11.175 -7.138  4.701   0.50 23.50  ? 92  ARG A CG    1 
ATOM   753  C CD    . ARG A 1 92  ? -10.847 -8.510  5.317   0.50 28.93  ? 92  ARG A CD    1 
ATOM   754  N NE    . ARG A 1 92  ? -9.507  -8.634  5.895   0.50 42.24  ? 92  ARG A NE    1 
ATOM   755  C CZ    . ARG A 1 92  ? -8.407  -8.951  5.208   0.50 45.15  ? 92  ARG A CZ    1 
ATOM   756  N NH1   . ARG A 1 92  ? -8.464  -9.154  3.898   0.50 38.63  ? 92  ARG A NH1   1 
ATOM   757  N NH2   . ARG A 1 92  ? -7.243  -9.058  5.830   0.50 34.60  ? 92  ARG A NH2   1 
ATOM   758  N N     . TYR A 1 93  ? -10.117 -2.903  6.240   1.00 23.24  ? 93  TYR A N     1 
ATOM   759  C CA    . TYR A 1 93  ? -9.821  -1.828  7.169   1.00 23.99  ? 93  TYR A CA    1 
ATOM   760  C C     . TYR A 1 93  ? -10.860 -0.723  7.040   1.00 25.49  ? 93  TYR A C     1 
ATOM   761  O O     . TYR A 1 93  ? -11.337 -0.197  8.060   1.00 25.41  ? 93  TYR A O     1 
ATOM   762  C CB    . TYR A 1 93  ? -8.418  -1.253  6.874   1.00 24.30  ? 93  TYR A CB    1 
ATOM   763  C CG    . TYR A 1 93  ? -8.069  0.042   7.586   1.00 19.51  ? 93  TYR A CG    1 
ATOM   764  C CD1   . TYR A 1 93  ? -7.455  0.017   8.823   1.00 21.73  ? 93  TYR A CD1   1 
ATOM   765  C CD2   . TYR A 1 93  ? -8.332  1.278   7.000   1.00 21.98  ? 93  TYR A CD2   1 
ATOM   766  C CE1   . TYR A 1 93  ? -7.122  1.199   9.482   1.00 23.37  ? 93  TYR A CE1   1 
ATOM   767  C CE2   . TYR A 1 93  ? -7.967  2.479   7.655   1.00 22.53  ? 93  TYR A CE2   1 
ATOM   768  C CZ    . TYR A 1 93  ? -7.389  2.408   8.897   1.00 20.29  ? 93  TYR A CZ    1 
ATOM   769  O OH    . TYR A 1 93  ? -7.008  3.564   9.550   1.00 22.22  ? 93  TYR A OH    1 
ATOM   770  N N     . PHE A 1 94  ? -11.162 -0.338  5.800   1.00 21.04  ? 94  PHE A N     1 
ATOM   771  C CA    . PHE A 1 94  ? -12.093 0.744   5.551   1.00 23.57  ? 94  PHE A CA    1 
ATOM   772  C C     . PHE A 1 94  ? -13.504 0.346   6.062   1.00 27.36  ? 94  PHE A C     1 
ATOM   773  O O     . PHE A 1 94  ? -14.183 1.147   6.749   1.00 24.32  ? 94  PHE A O     1 
ATOM   774  C CB    . PHE A 1 94  ? -12.175 1.056   4.055   1.00 22.99  ? 94  PHE A CB    1 
ATOM   775  C CG    . PHE A 1 94  ? -13.112 2.190   3.734   1.00 21.72  ? 94  PHE A CG    1 
ATOM   776  C CD1   . PHE A 1 94  ? -12.660 3.503   3.777   1.00 26.60  ? 94  PHE A CD1   1 
ATOM   777  C CD2   . PHE A 1 94  ? -14.434 1.936   3.376   1.00 28.58  ? 94  PHE A CD2   1 
ATOM   778  C CE1   . PHE A 1 94  ? -13.528 4.560   3.493   1.00 25.39  ? 94  PHE A CE1   1 
ATOM   779  C CE2   . PHE A 1 94  ? -15.300 2.979   3.081   1.00 29.37  ? 94  PHE A CE2   1 
ATOM   780  C CZ    . PHE A 1 94  ? -14.843 4.289   3.156   1.00 26.17  ? 94  PHE A CZ    1 
ATOM   781  N N     . GLN A 1 95  ? -13.935 -0.859  5.690   1.00 24.47  ? 95  GLN A N     1 
ATOM   782  C CA    A GLN A 1 95  ? -15.239 -1.384  6.116   0.50 28.00  ? 95  GLN A CA    1 
ATOM   783  C CA    B GLN A 1 95  ? -15.246 -1.374  6.109   0.50 29.07  ? 95  GLN A CA    1 
ATOM   784  C C     . GLN A 1 95  ? -15.326 -1.515  7.633   1.00 28.58  ? 95  GLN A C     1 
ATOM   785  O O     . GLN A 1 95  ? -16.358 -1.188  8.237   1.00 29.06  ? 95  GLN A O     1 
ATOM   786  C CB    A GLN A 1 95  ? -15.511 -2.746  5.472   0.50 26.01  ? 95  GLN A CB    1 
ATOM   787  C CB    B GLN A 1 95  ? -15.557 -2.732  5.457   0.50 28.17  ? 95  GLN A CB    1 
ATOM   788  C CG    A GLN A 1 95  ? -15.824 -2.656  3.982   0.50 25.69  ? 95  GLN A CG    1 
ATOM   789  C CG    B GLN A 1 95  ? -15.547 -2.759  3.915   0.50 32.83  ? 95  GLN A CG    1 
ATOM   790  C CD    A GLN A 1 95  ? -15.925 -4.008  3.319   0.50 22.93  ? 95  GLN A CD    1 
ATOM   791  C CD    B GLN A 1 95  ? -16.537 -1.798  3.269   0.50 38.38  ? 95  GLN A CD    1 
ATOM   792  O OE1   A GLN A 1 95  ? -15.255 -4.968  3.717   0.50 33.00  ? 95  GLN A OE1   1 
ATOM   793  O OE1   B GLN A 1 95  ? -16.261 -0.612  3.118   0.50 45.59  ? 95  GLN A OE1   1 
ATOM   794  N NE2   A GLN A 1 95  ? -16.746 -4.089  2.284   0.50 31.01  ? 95  GLN A NE2   1 
ATOM   795  N NE2   B GLN A 1 95  ? -17.689 -2.319  2.860   0.50 49.12  ? 95  GLN A NE2   1 
ATOM   796  N N     . GLY A 1 96  ? -14.245 -2.003  8.242   1.00 25.70  ? 96  GLY A N     1 
ATOM   797  C CA    . GLY A 1 96  ? -14.156 -2.188  9.694   1.00 27.18  ? 96  GLY A CA    1 
ATOM   798  C C     . GLY A 1 96  ? -14.211 -0.863  10.429  1.00 31.53  ? 96  GLY A C     1 
ATOM   799  O O     . GLY A 1 96  ? -15.069 -0.645  11.304  1.00 27.90  ? 96  GLY A O     1 
ATOM   800  N N     . TYR A 1 97  ? -13.301 0.046   10.065  1.00 23.58  ? 97  TYR A N     1 
ATOM   801  C CA    . TYR A 1 97  ? -13.207 1.356   10.679  1.00 24.04  ? 97  TYR A CA    1 
ATOM   802  C C     . TYR A 1 97  ? -14.549 2.092   10.583  1.00 27.02  ? 97  TYR A C     1 
ATOM   803  O O     . TYR A 1 97  ? -14.981 2.743   11.556  1.00 25.34  ? 97  TYR A O     1 
ATOM   804  C CB    . TYR A 1 97  ? -12.088 2.161   9.976   1.00 23.43  ? 97  TYR A CB    1 
ATOM   805  C CG    . TYR A 1 97  ? -11.516 3.364   10.701  1.00 23.97  ? 97  TYR A CG    1 
ATOM   806  C CD1   . TYR A 1 97  ? -12.090 3.881   11.884  1.00 25.53  ? 97  TYR A CD1   1 
ATOM   807  C CD2   . TYR A 1 97  ? -10.414 4.021   10.172  1.00 21.16  ? 97  TYR A CD2   1 
ATOM   808  C CE1   . TYR A 1 97  ? -11.561 5.000   12.513  1.00 24.29  ? 97  TYR A CE1   1 
ATOM   809  C CE2   . TYR A 1 97  ? -9.861  5.130   10.792  1.00 22.49  ? 97  TYR A CE2   1 
ATOM   810  C CZ    . TYR A 1 97  ? -10.437 5.626   11.975  1.00 26.19  ? 97  TYR A CZ    1 
ATOM   811  O OH    . TYR A 1 97  ? -9.874  6.745   12.545  1.00 25.33  ? 97  TYR A OH    1 
ATOM   812  N N     . ALA A 1 98  ? -15.207 2.015   9.430   1.00 25.43  ? 98  ALA A N     1 
ATOM   813  C CA    . ALA A 1 98  ? -16.493 2.706   9.261   1.00 30.19  ? 98  ALA A CA    1 
ATOM   814  C C     . ALA A 1 98  ? -17.499 2.245   10.342  1.00 32.25  ? 98  ALA A C     1 
ATOM   815  O O     . ALA A 1 98  ? -18.256 3.060   10.894  1.00 30.67  ? 98  ALA A O     1 
ATOM   816  C CB    . ALA A 1 98  ? -17.073 2.463   7.879   1.00 27.15  ? 98  ALA A CB    1 
ATOM   817  N N     . ARG A 1 99  ? -17.469 0.954   10.639  1.00 28.01  ? 99  ARG A N     1 
ATOM   818  C CA    A ARG A 1 99  ? -18.372 0.361   11.633  0.50 32.76  ? 99  ARG A CA    1 
ATOM   819  C CA    B ARG A 1 99  ? -18.365 0.352   11.639  0.50 31.96  ? 99  ARG A CA    1 
ATOM   820  C C     . ARG A 1 99  ? -17.942 0.704   13.059  1.00 33.66  ? 99  ARG A C     1 
ATOM   821  O O     . ARG A 1 99  ? -18.781 0.992   13.929  1.00 31.31  ? 99  ARG A O     1 
ATOM   822  C CB    A ARG A 1 99  ? -18.428 -1.159  11.459  0.50 32.97  ? 99  ARG A CB    1 
ATOM   823  C CB    B ARG A 1 99  ? -18.382 -1.172  11.508  0.50 31.70  ? 99  ARG A CB    1 
ATOM   824  C CG    A ARG A 1 99  ? -19.675 -1.813  12.029  0.50 39.00  ? 99  ARG A CG    1 
ATOM   825  C CG    B ARG A 1 99  ? -19.047 -1.698  10.254  0.50 33.40  ? 99  ARG A CG    1 
ATOM   826  C CD    A ARG A 1 99  ? -20.046 -3.045  11.219  0.50 50.48  ? 99  ARG A CD    1 
ATOM   827  C CD    B ARG A 1 99  ? -18.884 -3.217  10.152  0.50 38.91  ? 99  ARG A CD    1 
ATOM   828  N NE    A ARG A 1 99  ? -21.434 -2.989  10.770  0.50 58.48  ? 99  ARG A NE    1 
ATOM   829  N NE    B ARG A 1 99  ? -19.610 -3.930  11.207  0.50 37.41  ? 99  ARG A NE    1 
ATOM   830  C CZ    A ARG A 1 99  ? -21.848 -3.414  9.581   0.50 61.10  ? 99  ARG A CZ    1 
ATOM   831  C CZ    B ARG A 1 99  ? -19.366 -5.188  11.566  0.50 48.63  ? 99  ARG A CZ    1 
ATOM   832  N NH1   A ARG A 1 99  ? -20.980 -3.922  8.719   0.50 65.22  ? 99  ARG A NH1   1 
ATOM   833  N NH1   B ARG A 1 99  ? -18.404 -5.879  10.968  0.50 49.22  ? 99  ARG A NH1   1 
ATOM   834  N NH2   A ARG A 1 99  ? -23.126 -3.321  9.248   0.50 64.50  ? 99  ARG A NH2   1 
ATOM   835  N NH2   B ARG A 1 99  ? -20.075 -5.755  12.534  0.50 50.12  ? 99  ARG A NH2   1 
ATOM   836  N N     . SER A 1 100 ? -16.642 0.662   13.310  1.00 26.04  ? 100 SER A N     1 
ATOM   837  C CA    . SER A 1 100 ? -16.137 1.035   14.614  1.00 25.58  ? 100 SER A CA    1 
ATOM   838  C C     . SER A 1 100 ? -14.626 1.160   14.636  1.00 27.37  ? 100 SER A C     1 
ATOM   839  O O     . SER A 1 100 ? -13.927 0.431   13.900  1.00 28.41  ? 100 SER A O     1 
ATOM   840  C CB    . SER A 1 100 ? -16.637 0.037   15.668  1.00 30.60  ? 100 SER A CB    1 
ATOM   841  O OG    . SER A 1 100 ? -15.663 -0.862  16.074  1.00 31.34  ? 100 SER A OG    1 
ATOM   842  N N     . ALA A 1 101 ? -14.117 2.081   15.451  1.00 26.32  ? 101 ALA A N     1 
ATOM   843  C CA    . ALA A 1 101 ? -12.668 2.311   15.512  1.00 29.65  ? 101 ALA A CA    1 
ATOM   844  C C     . ALA A 1 101 ? -11.949 1.016   15.804  1.00 34.09  ? 101 ALA A C     1 
ATOM   845  O O     . ALA A 1 101 ? -10.886 0.716   15.213  1.00 29.25  ? 101 ALA A O     1 
ATOM   846  C CB    . ALA A 1 101 ? -12.318 3.359   16.576  1.00 30.49  ? 101 ALA A CB    1 
ATOM   847  N N     . GLN A 1 102 ? -12.525 0.231   16.718  1.00 28.94  ? 102 GLN A N     1 
ATOM   848  C CA    . GLN A 1 102 ? -11.892 -1.015  17.137  1.00 29.67  ? 102 GLN A CA    1 
ATOM   849  C C     . GLN A 1 102 ? -11.809 -2.064  16.016  1.00 26.19  ? 102 GLN A C     1 
ATOM   850  O O     . GLN A 1 102 ? -10.858 -2.862  15.983  1.00 31.56  ? 102 GLN A O     1 
ATOM   851  C CB    . GLN A 1 102 ? -12.584 -1.609  18.379  1.00 31.29  ? 102 GLN A CB    1 
ATOM   852  C CG    . GLN A 1 102 ? -11.792 -2.752  19.009  1.00 31.02  ? 102 GLN A CG    1 
ATOM   853  C CD    . GLN A 1 102 ? -12.068 -4.076  18.357  1.00 30.56  ? 102 GLN A CD    1 
ATOM   854  O OE1   . GLN A 1 102 ? -13.063 -4.254  17.642  1.00 37.37  ? 102 GLN A OE1   1 
ATOM   855  N NE2   . GLN A 1 102 ? -11.193 -5.037  18.611  1.00 37.67  ? 102 GLN A NE2   1 
ATOM   856  N N     . LEU A 1 103 ? -12.781 -2.063  15.111  1.00 25.45  ? 103 LEU A N     1 
ATOM   857  C CA    . LEU A 1 103 ? -12.801 -3.021  14.024  1.00 25.81  ? 103 LEU A CA    1 
ATOM   858  C C     . LEU A 1 103 ? -11.770 -2.662  12.922  1.00 26.63  ? 103 LEU A C     1 
ATOM   859  O O     . LEU A 1 103 ? -11.551 -3.450  12.003  1.00 30.21  ? 103 LEU A O     1 
ATOM   860  C CB    . LEU A 1 103 ? -14.183 -3.136  13.393  1.00 27.13  ? 103 LEU A CB    1 
ATOM   861  C CG    . LEU A 1 103 ? -15.187 -3.906  14.296  1.00 29.83  ? 103 LEU A CG    1 
ATOM   862  C CD1   . LEU A 1 103 ? -16.592 -3.773  13.713  1.00 32.24  ? 103 LEU A CD1   1 
ATOM   863  C CD2   . LEU A 1 103 ? -14.803 -5.385  14.462  1.00 34.32  ? 103 LEU A CD2   1 
ATOM   864  N N     . ARG A 1 104 ? -11.132 -1.507  13.037  1.00 26.59  ? 104 ARG A N     1 
ATOM   865  C CA    . ARG A 1 104 ? -10.038 -1.189  12.068  1.00 28.15  ? 104 ARG A CA    1 
ATOM   866  C C     . ARG A 1 104 ? -8.761  -1.990  12.346  1.00 30.79  ? 104 ARG A C     1 
ATOM   867  O O     . ARG A 1 104 ? -7.915  -2.131  11.447  1.00 26.87  ? 104 ARG A O     1 
ATOM   868  C CB    . ARG A 1 104 ? -9.680  0.287   12.091  1.00 24.20  ? 104 ARG A CB    1 
ATOM   869  C CG    . ARG A 1 104 ? -8.616  0.674   13.145  1.00 24.15  ? 104 ARG A CG    1 
ATOM   870  C CD    . ARG A 1 104 ? -8.488  2.226   13.257  1.00 23.05  ? 104 ARG A CD    1 
ATOM   871  N NE    . ARG A 1 104 ? -7.398  2.576   14.176  1.00 24.42  ? 104 ARG A NE    1 
ATOM   872  C CZ    . ARG A 1 104 ? -7.454  2.470   15.496  1.00 33.42  ? 104 ARG A CZ    1 
ATOM   873  N NH1   . ARG A 1 104 ? -6.397  2.800   16.216  1.00 28.58  ? 104 ARG A NH1   1 
ATOM   874  N NH2   . ARG A 1 104 ? -8.573  2.042   16.102  1.00 28.22  ? 104 ARG A NH2   1 
ATOM   875  N N     . LEU A 1 105 ? -8.604  -2.503  13.569  1.00 27.99  ? 105 LEU A N     1 
ATOM   876  C CA    . LEU A 1 105 ? -7.300  -2.973  14.027  1.00 29.20  ? 105 LEU A CA    1 
ATOM   877  C C     . LEU A 1 105 ? -6.814  -4.264  13.364  1.00 30.46  ? 105 LEU A C     1 
ATOM   878  O O     . LEU A 1 105 ? -5.660  -4.323  12.919  1.00 31.64  ? 105 LEU A O     1 
ATOM   879  C CB    . LEU A 1 105 ? -7.216  -3.109  15.569  1.00 28.91  ? 105 LEU A CB    1 
ATOM   880  C CG    . LEU A 1 105 ? -7.310  -1.768  16.324  1.00 35.11  ? 105 LEU A CG    1 
ATOM   881  C CD1   . LEU A 1 105 ? -7.549  -1.986  17.849  1.00 36.45  ? 105 LEU A CD1   1 
ATOM   882  C CD2   . LEU A 1 105 ? -6.083  -0.884  16.054  1.00 34.17  ? 105 LEU A CD2   1 
ATOM   883  N N     . ALA A 1 106 ? -7.654  -5.290  13.313  1.00 28.72  ? 106 ALA A N     1 
ATOM   884  C CA    . ALA A 1 106 ? -7.194  -6.558  12.721  1.00 31.90  ? 106 ALA A CA    1 
ATOM   885  C C     . ALA A 1 106 ? -6.786  -6.347  11.250  1.00 31.28  ? 106 ALA A C     1 
ATOM   886  O O     . ALA A 1 106 ? -5.718  -6.816  10.824  1.00 28.17  ? 106 ALA A O     1 
ATOM   887  C CB    . ALA A 1 106 ? -8.258  -7.654  12.818  1.00 33.21  ? 106 ALA A CB    1 
ATOM   888  N N     . PRO A 1 107 ? -7.660  -5.695  10.462  1.00 29.65  ? 107 PRO A N     1 
ATOM   889  C CA    . PRO A 1 107 ? -7.253  -5.504  9.062   1.00 28.46  ? 107 PRO A CA    1 
ATOM   890  C C     . PRO A 1 107 ? -6.090  -4.524  8.929   1.00 29.04  ? 107 PRO A C     1 
ATOM   891  O O     . PRO A 1 107 ? -5.294  -4.663  7.984   1.00 26.74  ? 107 PRO A O     1 
ATOM   892  C CB    . PRO A 1 107 ? -8.529  -4.992  8.369   1.00 27.87  ? 107 PRO A CB    1 
ATOM   893  C CG    . PRO A 1 107 ? -9.470  -4.583  9.495   1.00 32.56  ? 107 PRO A CG    1 
ATOM   894  C CD    . PRO A 1 107 ? -9.097  -5.422  10.675  1.00 29.00  ? 107 PRO A CD    1 
ATOM   895  N N     . LEU A 1 108 ? -5.972  -3.537  9.826   1.00 25.62  ? 108 LEU A N     1 
ATOM   896  C CA    . LEU A 1 108 ? -4.783  -2.686  9.807   1.00 27.50  ? 108 LEU A CA    1 
ATOM   897  C C     . LEU A 1 108 ? -3.498  -3.514  9.972   1.00 29.89  ? 108 LEU A C     1 
ATOM   898  O O     . LEU A 1 108 ? -2.487  -3.276  9.278   1.00 27.15  ? 108 LEU A O     1 
ATOM   899  C CB    . LEU A 1 108 ? -4.832  -1.594  10.894  1.00 25.52  ? 108 LEU A CB    1 
ATOM   900  C CG    . LEU A 1 108 ? -3.564  -0.736  11.012  1.00 29.76  ? 108 LEU A CG    1 
ATOM   901  C CD1   . LEU A 1 108 ? -3.320  0.119   9.749   1.00 25.45  ? 108 LEU A CD1   1 
ATOM   902  C CD2   . LEU A 1 108 ? -3.629  0.168   12.252  1.00 32.76  ? 108 LEU A CD2   1 
ATOM   903  N N     . TYR A 1 109 ? -3.504  -4.450  10.922  1.00 27.57  ? 109 TYR A N     1 
ATOM   904  C CA    . TYR A 1 109 ? -2.340  -5.324  11.127  1.00 26.97  ? 109 TYR A CA    1 
ATOM   905  C C     . TYR A 1 109 ? -2.061  -6.197  9.907   1.00 27.02  ? 109 TYR A C     1 
ATOM   906  O O     . TYR A 1 109 ? -0.892  -6.405  9.561   1.00 28.20  ? 109 TYR A O     1 
ATOM   907  C CB    . TYR A 1 109 ? -2.537  -6.249  12.346  1.00 32.75  ? 109 TYR A CB    1 
ATOM   908  C CG    . TYR A 1 109 ? -2.818  -5.519  13.641  1.00 35.37  ? 109 TYR A CG    1 
ATOM   909  C CD1   . TYR A 1 109 ? -2.213  -4.303  13.923  1.00 42.39  ? 109 TYR A CD1   1 
ATOM   910  C CD2   . TYR A 1 109 ? -3.679  -6.068  14.596  1.00 46.42  ? 109 TYR A CD2   1 
ATOM   911  C CE1   . TYR A 1 109 ? -2.469  -3.631  15.119  1.00 49.70  ? 109 TYR A CE1   1 
ATOM   912  C CE2   . TYR A 1 109 ? -3.934  -5.407  15.797  1.00 46.08  ? 109 TYR A CE2   1 
ATOM   913  C CZ    . TYR A 1 109 ? -3.324  -4.192  16.048  1.00 46.46  ? 109 TYR A CZ    1 
ATOM   914  O OH    . TYR A 1 109 ? -3.575  -3.526  17.225  0.50 44.97  ? 109 TYR A OH    1 
ATOM   915  N N     . ALA A 1 110 ? -3.104  -6.742  9.290   1.00 25.61  ? 110 ALA A N     1 
ATOM   916  C CA    . ALA A 1 110 ? -2.908  -7.500  8.056   1.00 29.45  ? 110 ALA A CA    1 
ATOM   917  C C     . ALA A 1 110 ? -2.303  -6.610  6.950   1.00 29.73  ? 110 ALA A C     1 
ATOM   918  O O     . ALA A 1 110 ? -1.393  -7.047  6.236   1.00 28.53  ? 110 ALA A O     1 
ATOM   919  C CB    . ALA A 1 110 ? -4.189  -8.135  7.589   1.00 25.33  ? 110 ALA A CB    1 
ATOM   920  N N     . SER A 1 111 ? -2.802  -5.378  6.798   1.00 23.67  ? 111 SER A N     1 
ATOM   921  C CA    A SER A 1 111 ? -2.250  -4.479  5.770   0.50 24.85  ? 111 SER A CA    1 
ATOM   922  C CA    B SER A 1 111 ? -2.260  -4.435  5.795   0.50 26.39  ? 111 SER A CA    1 
ATOM   923  C C     . SER A 1 111 ? -0.789  -4.154  6.064   1.00 26.49  ? 111 SER A C     1 
ATOM   924  O O     . SER A 1 111 ? 0.044   -4.092  5.139   1.00 24.87  ? 111 SER A O     1 
ATOM   925  C CB    A SER A 1 111 ? -3.068  -3.187  5.658   0.50 25.49  ? 111 SER A CB    1 
ATOM   926  C CB    B SER A 1 111 ? -3.028  -3.098  5.800   0.50 27.13  ? 111 SER A CB    1 
ATOM   927  O OG    A SER A 1 111 ? -2.777  -2.331  6.746   0.50 16.64  ? 111 SER A OG    1 
ATOM   928  O OG    B SER A 1 111 ? -4.424  -3.272  5.654   0.50 27.92  ? 111 SER A OG    1 
ATOM   929  N N     . ALA A 1 112 ? -0.456  -3.959  7.337   1.00 25.10  ? 112 ALA A N     1 
ATOM   930  C CA    . ALA A 1 112 ? 0.911   -3.649  7.710   1.00 26.89  ? 112 ALA A CA    1 
ATOM   931  C C     . ALA A 1 112 ? 1.858   -4.826  7.436   1.00 28.50  ? 112 ALA A C     1 
ATOM   932  O O     . ALA A 1 112 ? 3.012   -4.624  7.024   1.00 25.82  ? 112 ALA A O     1 
ATOM   933  C CB    . ALA A 1 112 ? 1.010   -3.228  9.185   1.00 28.20  ? 112 ALA A CB    1 
ATOM   934  N N     . ARG A 1 113 ? 1.390   -6.041  7.685   1.00 27.62  ? 113 ARG A N     1 
ATOM   935  C CA    . ARG A 1 113 ? 2.201   -7.220  7.359   1.00 28.59  ? 113 ARG A CA    1 
ATOM   936  C C     . ARG A 1 113 ? 2.469   -7.315  5.844   1.00 26.11  ? 113 ARG A C     1 
ATOM   937  O O     . ARG A 1 113 ? 3.617   -7.614  5.428   1.00 27.29  ? 113 ARG A O     1 
ATOM   938  C CB    . ARG A 1 113 ? 1.556   -8.520  7.884   1.00 30.18  ? 113 ARG A CB    1 
ATOM   939  C CG    . ARG A 1 113 ? 1.527   -8.614  9.429   1.00 39.42  ? 113 ARG A CG    1 
ATOM   940  C CD    . ARG A 1 113 ? 0.995   -9.970  9.932   1.00 43.46  ? 113 ARG A CD    1 
ATOM   941  N NE    . ARG A 1 113 ? -0.418  -10.197 9.631   0.50 39.66  ? 113 ARG A NE    1 
ATOM   942  C CZ    . ARG A 1 113 ? -1.412  -9.952  10.484  0.50 32.24  ? 113 ARG A CZ    1 
ATOM   943  N NH1   . ARG A 1 113 ? -1.148  -9.482  11.693  0.50 34.47  ? 113 ARG A NH1   1 
ATOM   944  N NH2   . ARG A 1 113 ? -2.658  -10.184 10.131  0.50 29.05  ? 113 ARG A NH2   1 
ATOM   945  N N     . ALA A 1 114 ? 1.435   -7.086  5.036   1.00 25.19  ? 114 ALA A N     1 
ATOM   946  C CA    . ALA A 1 114 ? 1.590   -7.143  3.572   1.00 27.34  ? 114 ALA A CA    1 
ATOM   947  C C     . ALA A 1 114 ? 2.546   -6.053  3.089   1.00 27.42  ? 114 ALA A C     1 
ATOM   948  O O     . ALA A 1 114 ? 3.373   -6.286  2.189   1.00 25.86  ? 114 ALA A O     1 
ATOM   949  C CB    . ALA A 1 114 ? 0.235   -7.045  2.859   1.00 27.12  ? 114 ALA A CB    1 
ATOM   950  N N     . LEU A 1 115 ? 2.444   -4.854  3.668   1.00 24.17  ? 115 LEU A N     1 
ATOM   951  C CA    . LEU A 1 115 ? 3.302   -3.756  3.244   1.00 25.77  ? 115 LEU A CA    1 
ATOM   952  C C     . LEU A 1 115 ? 4.736   -3.976  3.708   1.00 27.33  ? 115 LEU A C     1 
ATOM   953  O O     . LEU A 1 115 ? 5.688   -3.708  2.951   1.00 24.60  ? 115 LEU A O     1 
ATOM   954  C CB    . LEU A 1 115 ? 2.726   -2.399  3.713   1.00 27.96  ? 115 LEU A CB    1 
ATOM   955  C CG    . LEU A 1 115 ? 3.281   -1.079  3.189   1.00 32.18  ? 115 LEU A CG    1 
ATOM   956  C CD1   . LEU A 1 115 ? 3.314   -1.049  1.642   1.00 31.46  ? 115 LEU A CD1   1 
ATOM   957  C CD2   . LEU A 1 115 ? 2.401   0.097   3.720   1.00 36.30  ? 115 LEU A CD2   1 
ATOM   958  N N     . TRP A 1 116 ? 4.913   -4.482  4.931   1.00 24.99  ? 116 TRP A N     1 
ATOM   959  C CA    . TRP A 1 116 ? 6.258   -4.803  5.411   1.00 27.97  ? 116 TRP A CA    1 
ATOM   960  C C     . TRP A 1 116 ? 6.932   -5.876  4.547   1.00 24.88  ? 116 TRP A C     1 
ATOM   961  O O     . TRP A 1 116 ? 8.145   -5.807  4.302   1.00 27.06  ? 116 TRP A O     1 
ATOM   962  C CB    . TRP A 1 116 ? 6.252   -5.227  6.896   1.00 30.48  ? 116 TRP A CB    1 
ATOM   963  C CG    . TRP A 1 116 ? 6.276   -4.039  7.866   0.80 34.53  ? 116 TRP A CG    1 
ATOM   964  C CD1   . TRP A 1 116 ? 5.337   -3.738  8.827   0.80 42.00  ? 116 TRP A CD1   1 
ATOM   965  C CD2   . TRP A 1 116 ? 7.284   -3.020  7.962   0.80 36.63  ? 116 TRP A CD2   1 
ATOM   966  N NE1   . TRP A 1 116 ? 5.707   -2.596  9.509   0.80 38.70  ? 116 TRP A NE1   1 
ATOM   967  C CE2   . TRP A 1 116 ? 6.890   -2.133  8.994   0.80 44.74  ? 116 TRP A CE2   1 
ATOM   968  C CE3   . TRP A 1 116 ? 8.480   -2.765  7.276   0.80 37.76  ? 116 TRP A CE3   1 
ATOM   969  C CZ2   . TRP A 1 116 ? 7.657   -1.017  9.358   0.80 45.39  ? 116 TRP A CZ2   1 
ATOM   970  C CZ3   . TRP A 1 116 ? 9.233   -1.645  7.630   0.80 42.04  ? 116 TRP A CZ3   1 
ATOM   971  C CH2   . TRP A 1 116 ? 8.822   -0.791  8.664   0.80 46.44  ? 116 TRP A CH2   1 
ATOM   972  N N     . LEU A 1 117 ? 6.167   -6.860  4.096   1.00 25.95  ? 117 LEU A N     1 
ATOM   973  C CA    A LEU A 1 117 ? 6.697   -7.872  3.188   0.80 30.89  ? 117 LEU A CA    1 
ATOM   974  C CA    B LEU A 1 117 ? 6.694   -7.873  3.183   0.20 25.94  ? 117 LEU A CA    1 
ATOM   975  C C     . LEU A 1 117 ? 7.146   -7.247  1.861   1.00 28.90  ? 117 LEU A C     1 
ATOM   976  O O     . LEU A 1 117 ? 8.196   -7.610  1.317   1.00 28.29  ? 117 LEU A O     1 
ATOM   977  C CB    A LEU A 1 117 ? 5.645   -8.928  2.897   0.80 30.41  ? 117 LEU A CB    1 
ATOM   978  C CB    B LEU A 1 117 ? 5.657   -8.966  2.909   0.20 24.58  ? 117 LEU A CB    1 
ATOM   979  C CG    A LEU A 1 117 ? 6.051   -10.228 2.216   0.80 43.34  ? 117 LEU A CG    1 
ATOM   980  C CG    B LEU A 1 117 ? 5.346   -9.976  4.021   0.20 17.19  ? 117 LEU A CG    1 
ATOM   981  C CD1   A LEU A 1 117 ? 7.370   -10.779 2.793   0.80 45.16  ? 117 LEU A CD1   1 
ATOM   982  C CD1   B LEU A 1 117 ? 4.148   -10.823 3.644   0.20 16.90  ? 117 LEU A CD1   1 
ATOM   983  C CD2   A LEU A 1 117 ? 4.900   -11.230 2.372   0.80 45.84  ? 117 LEU A CD2   1 
ATOM   984  C CD2   B LEU A 1 117 ? 6.549   -10.859 4.325   0.20 16.53  ? 117 LEU A CD2   1 
ATOM   985  N N     . LEU A 1 118 ? 6.337   -6.339  1.315   1.00 25.56  ? 118 LEU A N     1 
ATOM   986  C CA    . LEU A 1 118 ? 6.751   -5.622  0.095   1.00 25.83  ? 118 LEU A CA    1 
ATOM   987  C C     . LEU A 1 118 ? 8.030   -4.844  0.331   1.00 27.00  ? 118 LEU A C     1 
ATOM   988  O O     . LEU A 1 118 ? 8.925   -4.805  -0.538  1.00 25.40  ? 118 LEU A O     1 
ATOM   989  C CB    . LEU A 1 118 ? 5.642   -4.674  -0.423  1.00 26.51  ? 118 LEU A CB    1 
ATOM   990  C CG    . LEU A 1 118 ? 4.503   -5.326  -1.180  1.00 31.64  ? 118 LEU A CG    1 
ATOM   991  C CD1   . LEU A 1 118 ? 3.358   -4.329  -1.392  1.00 27.43  ? 118 LEU A CD1   1 
ATOM   992  C CD2   . LEU A 1 118 ? 5.008   -5.867  -2.535  1.00 30.93  ? 118 LEU A CD2   1 
ATOM   993  N N     . VAL A 1 119 ? 8.124   -4.189  1.485   1.00 23.33  ? 119 VAL A N     1 
ATOM   994  C CA    . VAL A 1 119 ? 9.327   -3.439  1.824   1.00 24.96  ? 119 VAL A CA    1 
ATOM   995  C C     . VAL A 1 119 ? 10.524  -4.395  1.882   1.00 29.02  ? 119 VAL A C     1 
ATOM   996  O O     . VAL A 1 119 ? 11.602  -4.096  1.361   1.00 25.63  ? 119 VAL A O     1 
ATOM   997  C CB    . VAL A 1 119 ? 9.174   -2.661  3.165   1.00 26.11  ? 119 VAL A CB    1 
ATOM   998  C CG1   . VAL A 1 119 ? 10.509  -2.147  3.648   1.00 27.00  ? 119 VAL A CG1   1 
ATOM   999  C CG2   . VAL A 1 119 ? 8.206   -1.482  2.993   1.00 24.06  ? 119 VAL A CG2   1 
ATOM   1000 N N     . ALA A 1 120 ? 10.325  -5.550  2.509   1.00 26.86  ? 120 ALA A N     1 
ATOM   1001 C CA    . ALA A 1 120 ? 11.407  -6.532  2.646   1.00 31.99  ? 120 ALA A CA    1 
ATOM   1002 C C     . ALA A 1 120 ? 11.844  -7.078  1.282   1.00 29.01  ? 120 ALA A C     1 
ATOM   1003 O O     . ALA A 1 120 ? 13.042  -7.220  1.021   1.00 28.56  ? 120 ALA A O     1 
ATOM   1004 C CB    . ALA A 1 120 ? 10.974  -7.691  3.566   1.00 30.44  ? 120 ALA A CB    1 
ATOM   1005 N N     . LEU A 1 121 ? 10.882  -7.389  0.424   1.00 26.15  ? 121 LEU A N     1 
ATOM   1006 C CA    . LEU A 1 121 ? 11.206  -7.841  -0.942  1.00 29.87  ? 121 LEU A CA    1 
ATOM   1007 C C     . LEU A 1 121 ? 11.960  -6.778  -1.730  1.00 30.13  ? 121 LEU A C     1 
ATOM   1008 O O     . LEU A 1 121 ? 12.955  -7.077  -2.432  1.00 24.93  ? 121 LEU A O     1 
ATOM   1009 C CB    . LEU A 1 121 ? 9.945   -8.252  -1.715  1.00 28.71  ? 121 LEU A CB    1 
ATOM   1010 C CG    . LEU A 1 121 ? 9.118   -9.392  -1.104  1.00 33.21  ? 121 LEU A CG    1 
ATOM   1011 C CD1   . LEU A 1 121 ? 7.932   -9.713  -2.004  1.00 31.74  ? 121 LEU A CD1   1 
ATOM   1012 C CD2   . LEU A 1 121 ? 9.984   -10.619 -0.839  1.00 39.22  ? 121 LEU A CD2   1 
ATOM   1013 N N     . ALA A 1 122 ? 11.490  -5.535  -1.638  1.00 25.53  ? 122 ALA A N     1 
ATOM   1014 C CA    . ALA A 1 122 ? 12.168  -4.431  -2.312  1.00 26.11  ? 122 ALA A CA    1 
ATOM   1015 C C     . ALA A 1 122 ? 13.619  -4.281  -1.792  1.00 27.87  ? 122 ALA A C     1 
ATOM   1016 O O     . ALA A 1 122 ? 14.561  -4.051  -2.575  1.00 25.13  ? 122 ALA A O     1 
ATOM   1017 C CB    . ALA A 1 122 ? 11.392  -3.118  -2.101  1.00 23.82  ? 122 ALA A CB    1 
ATOM   1018 N N     . ALA A 1 123 ? 13.795  -4.366  -0.475  1.00 24.01  ? 123 ALA A N     1 
ATOM   1019 C CA    . ALA A 1 123 ? 15.124  -4.212  0.113   1.00 26.27  ? 123 ALA A CA    1 
ATOM   1020 C C     . ALA A 1 123 ? 16.058  -5.352  -0.320  1.00 27.14  ? 123 ALA A C     1 
ATOM   1021 O O     . ALA A 1 123 ? 17.226  -5.101  -0.618  1.00 27.22  ? 123 ALA A O     1 
ATOM   1022 C CB    . ALA A 1 123 ? 15.067  -4.152  1.635   1.00 28.33  ? 123 ALA A CB    1 
ATOM   1023 N N     . LEU A 1 124 ? 15.549  -6.581  -0.303  1.00 27.76  ? 124 LEU A N     1 
ATOM   1024 C CA    . LEU A 1 124 ? 16.339  -7.742  -0.693  1.00 29.21  ? 124 LEU A CA    1 
ATOM   1025 C C     . LEU A 1 124 ? 16.723  -7.639  -2.169  1.00 28.86  ? 124 LEU A C     1 
ATOM   1026 O O     . LEU A 1 124 ? 17.870  -7.927  -2.549  1.00 30.89  ? 124 LEU A O     1 
ATOM   1027 C CB    . LEU A 1 124 ? 15.545  -9.032  -0.451  1.00 28.75  ? 124 LEU A CB    1 
ATOM   1028 C CG    . LEU A 1 124 ? 15.381  -9.473  1.004   1.00 36.48  ? 124 LEU A CG    1 
ATOM   1029 C CD1   . LEU A 1 124 ? 14.409  -10.649 1.040   1.00 36.00  ? 124 LEU A CD1   1 
ATOM   1030 C CD2   . LEU A 1 124 ? 16.738  -9.843  1.616   1.00 39.27  ? 124 LEU A CD2   1 
ATOM   1031 N N     . GLY A 1 125 ? 15.765  -7.246  -3.003  1.00 25.59  ? 125 GLY A N     1 
ATOM   1032 C CA    . GLY A 1 125 ? 16.029  -6.997  -4.431  1.00 27.43  ? 125 GLY A CA    1 
ATOM   1033 C C     . GLY A 1 125 ? 17.128  -5.965  -4.669  1.00 28.68  ? 125 GLY A C     1 
ATOM   1034 O O     . GLY A 1 125 ? 18.015  -6.147  -5.536  1.00 29.24  ? 125 GLY A O     1 
ATOM   1035 N N     . LEU A 1 126 ? 17.091  -4.864  -3.920  1.00 25.35  ? 126 LEU A N     1 
ATOM   1036 C CA    . LEU A 1 126 ? 18.102  -3.836  -4.058  1.00 25.12  ? 126 LEU A CA    1 
ATOM   1037 C C     . LEU A 1 126 ? 19.461  -4.294  -3.502  1.00 29.94  ? 126 LEU A C     1 
ATOM   1038 O O     . LEU A 1 126 ? 20.496  -3.962  -4.072  1.00 30.10  ? 126 LEU A O     1 
ATOM   1039 C CB    . LEU A 1 126 ? 17.666  -2.509  -3.403  1.00 24.15  ? 126 LEU A CB    1 
ATOM   1040 C CG    . LEU A 1 126 ? 16.537  -1.805  -4.167  1.00 24.85  ? 126 LEU A CG    1 
ATOM   1041 C CD1   . LEU A 1 126 ? 15.988  -0.606  -3.301  1.00 27.35  ? 126 LEU A CD1   1 
ATOM   1042 C CD2   . LEU A 1 126 ? 16.981  -1.316  -5.576  1.00 28.04  ? 126 LEU A CD2   1 
ATOM   1043 N N     . LEU A 1 127 ? 19.450  -5.037  -2.400  1.00 28.48  ? 127 LEU A N     1 
ATOM   1044 C CA    A LEU A 1 127 ? 20.687  -5.579  -1.857  0.50 31.12  ? 127 LEU A CA    1 
ATOM   1045 C CA    B LEU A 1 127 ? 20.674  -5.600  -1.842  0.50 31.28  ? 127 LEU A CA    1 
ATOM   1046 C C     . LEU A 1 127 ? 21.347  -6.500  -2.884  1.00 30.89  ? 127 LEU A C     1 
ATOM   1047 O O     . LEU A 1 127 ? 22.552  -6.401  -3.126  1.00 34.61  ? 127 LEU A O     1 
ATOM   1048 C CB    A LEU A 1 127 ? 20.427  -6.329  -0.550  0.50 31.45  ? 127 LEU A CB    1 
ATOM   1049 C CB    B LEU A 1 127 ? 20.353  -6.411  -0.580  0.50 31.50  ? 127 LEU A CB    1 
ATOM   1050 C CG    A LEU A 1 127 ? 20.193  -5.425  0.658   0.50 33.37  ? 127 LEU A CG    1 
ATOM   1051 C CG    B LEU A 1 127 ? 21.531  -6.974  0.216   0.50 34.10  ? 127 LEU A CG    1 
ATOM   1052 C CD1   A LEU A 1 127 ? 19.698  -6.228  1.855   0.50 35.36  ? 127 LEU A CD1   1 
ATOM   1053 C CD1   B LEU A 1 127 ? 22.324  -5.847  0.843   0.50 38.45  ? 127 LEU A CD1   1 
ATOM   1054 C CD2   A LEU A 1 127 ? 21.455  -4.654  1.000   0.50 41.50  ? 127 LEU A CD2   1 
ATOM   1055 C CD2   B LEU A 1 127 ? 21.046  -7.951  1.293   0.50 37.05  ? 127 LEU A CD2   1 
ATOM   1056 N N     . ALA A 1 128 ? 20.556  -7.371  -3.499  1.00 30.67  ? 128 ALA A N     1 
ATOM   1057 C CA    . ALA A 1 128 ? 21.064  -8.285  -4.521  1.00 33.07  ? 128 ALA A CA    1 
ATOM   1058 C C     . ALA A 1 128 ? 21.661  -7.498  -5.679  1.00 36.10  ? 128 ALA A C     1 
ATOM   1059 O O     . ALA A 1 128 ? 22.685  -7.887  -6.274  1.00 32.33  ? 128 ALA A O     1 
ATOM   1060 C CB    . ALA A 1 128 ? 19.961  -9.213  -5.002  1.00 33.36  ? 128 ALA A CB    1 
ATOM   1061 N N     . HIS A 1 129 ? 21.041  -6.367  -5.995  1.00 32.59  ? 129 HIS A N     1 
ATOM   1062 C CA    . HIS A 1 129 ? 21.560  -5.499  -7.031  1.00 31.76  ? 129 HIS A CA    1 
ATOM   1063 C C     . HIS A 1 129 ? 22.870  -4.780  -6.686  1.00 32.51  ? 129 HIS A C     1 
ATOM   1064 O O     . HIS A 1 129 ? 23.760  -4.707  -7.540  1.00 35.95  ? 129 HIS A O     1 
ATOM   1065 C CB    . HIS A 1 129 ? 20.499  -4.476  -7.475  1.00 31.17  ? 129 HIS A CB    1 
ATOM   1066 C CG    . HIS A 1 129 ? 20.959  -3.600  -8.596  1.00 32.84  ? 129 HIS A CG    1 
ATOM   1067 N ND1   . HIS A 1 129 ? 20.737  -3.910  -9.920  1.00 35.47  ? 129 HIS A ND1   1 
ATOM   1068 C CD2   . HIS A 1 129 ? 21.649  -2.437  -8.591  1.00 31.84  ? 129 HIS A CD2   1 
ATOM   1069 C CE1   . HIS A 1 129 ? 21.261  -2.967  -10.684 1.00 33.58  ? 129 HIS A CE1   1 
ATOM   1070 N NE2   . HIS A 1 129 ? 21.819  -2.063  -9.903  1.00 35.03  ? 129 HIS A NE2   1 
ATOM   1071 N N     . PHE A 1 130 ? 22.991  -4.224  -5.483  1.00 30.88  ? 130 PHE A N     1 
ATOM   1072 C CA    . PHE A 1 130 ? 24.117  -3.352  -5.146  1.00 33.21  ? 130 PHE A CA    1 
ATOM   1073 C C     . PHE A 1 130 ? 25.263  -4.062  -4.414  1.00 38.81  ? 130 PHE A C     1 
ATOM   1074 O O     . PHE A 1 130 ? 26.426  -3.716  -4.611  1.00 35.31  ? 130 PHE A O     1 
ATOM   1075 C CB    . PHE A 1 130 ? 23.697  -2.164  -4.275  1.00 36.92  ? 130 PHE A CB    1 
ATOM   1076 C CG    . PHE A 1 130 ? 22.969  -1.086  -5.023  1.00 38.19  ? 130 PHE A CG    1 
ATOM   1077 C CD1   . PHE A 1 130 ? 23.652  -0.244  -5.899  1.00 36.68  ? 130 PHE A CD1   1 
ATOM   1078 C CD2   . PHE A 1 130 ? 21.596  -0.910  -4.850  1.00 34.15  ? 130 PHE A CD2   1 
ATOM   1079 C CE1   . PHE A 1 130 ? 22.978  0.757   -6.596  1.00 37.92  ? 130 PHE A CE1   1 
ATOM   1080 C CE2   . PHE A 1 130 ? 20.914  0.079   -5.562  1.00 31.82  ? 130 PHE A CE2   1 
ATOM   1081 C CZ    . PHE A 1 130 ? 21.604  0.914   -6.424  1.00 35.40  ? 130 PHE A CZ    1 
ATOM   1082 N N     . LEU A 1 131 ? 24.919  -4.993  -3.529  1.00 35.81  ? 131 LEU A N     1 
ATOM   1083 C CA    . LEU A 1 131 ? 25.900  -5.557  -2.597  1.00 41.03  ? 131 LEU A CA    1 
ATOM   1084 C C     . LEU A 1 131 ? 27.114  -6.150  -3.325  1.00 41.00  ? 131 LEU A C     1 
ATOM   1085 O O     . LEU A 1 131 ? 28.245  -5.966  -2.891  1.00 41.74  ? 131 LEU A O     1 
ATOM   1086 C CB    . LEU A 1 131 ? 25.248  -6.616  -1.710  1.00 41.43  ? 131 LEU A CB    1 
ATOM   1087 C CG    . LEU A 1 131 ? 26.065  -7.099  -0.512  1.00 49.24  ? 131 LEU A CG    1 
ATOM   1088 C CD1   . LEU A 1 131 ? 26.535  -5.908  0.330   1.00 53.38  ? 131 LEU A CD1   1 
ATOM   1089 C CD2   . LEU A 1 131 ? 25.237  -8.078  0.317   1.00 56.49  ? 131 LEU A CD2   1 
ATOM   1090 N N     . PRO A 1 132 ? 26.872  -6.865  -4.433  1.00 42.15  ? 132 PRO A N     1 
ATOM   1091 C CA    . PRO A 1 132 ? 27.951  -7.465  -5.231  1.00 41.64  ? 132 PRO A CA    1 
ATOM   1092 C C     . PRO A 1 132 ? 28.967  -6.471  -5.765  1.00 43.39  ? 132 PRO A C     1 
ATOM   1093 O O     . PRO A 1 132 ? 30.154  -6.602  -5.456  1.00 40.84  ? 132 PRO A O     1 
ATOM   1094 C CB    . PRO A 1 132 ? 27.201  -8.120  -6.394  1.00 44.07  ? 132 PRO A CB    1 
ATOM   1095 C CG    . PRO A 1 132 ? 25.892  -8.515  -5.787  1.00 44.81  ? 132 PRO A CG    1 
ATOM   1096 C CD    . PRO A 1 132 ? 25.550  -7.380  -4.821  1.00 41.77  ? 132 PRO A CD    1 
ATOM   1097 N N     . ALA A 1 133 ? 28.523  -5.504  -6.577  1.00 39.16  ? 133 ALA A N     1 
ATOM   1098 C CA    . ALA A 1 133 ? 29.399  -4.432  -7.032  1.00 36.77  ? 133 ALA A CA    1 
ATOM   1099 C C     . ALA A 1 133 ? 30.106  -3.765  -5.847  1.00 36.04  ? 133 ALA A C     1 
ATOM   1100 O O     . ALA A 1 133 ? 31.271  -3.388  -5.929  1.00 33.40  ? 133 ALA A O     1 
ATOM   1101 C CB    . ALA A 1 133 ? 28.633  -3.405  -7.844  1.00 42.53  ? 133 ALA A CB    1 
ATOM   1102 N N     . ALA A 1 134 ? 29.428  -3.635  -4.718  1.00 34.09  ? 134 ALA A N     1 
ATOM   1103 C CA    . ALA A 1 134 ? 30.077  -2.949  -3.590  1.00 39.86  ? 134 ALA A CA    1 
ATOM   1104 C C     . ALA A 1 134 ? 31.187  -3.798  -2.932  1.00 40.97  ? 134 ALA A C     1 
ATOM   1105 O O     . ALA A 1 134 ? 32.268  -3.299  -2.610  1.00 36.18  ? 134 ALA A O     1 
ATOM   1106 C CB    . ALA A 1 134 ? 29.037  -2.503  -2.543  1.00 42.64  ? 134 ALA A CB    1 
ATOM   1107 N N     . LEU A 1 135 ? 30.909  -5.074  -2.722  1.00 39.75  ? 135 LEU A N     1 
ATOM   1108 C CA    . LEU A 1 135 ? 31.891  -5.950  -2.104  1.00 43.78  ? 135 LEU A CA    1 
ATOM   1109 C C     . LEU A 1 135 ? 33.070  -6.131  -3.062  1.00 43.73  ? 135 LEU A C     1 
ATOM   1110 O O     . LEU A 1 135 ? 34.238  -6.191  -2.647  1.00 44.77  ? 135 LEU A O     1 
ATOM   1111 C CB    . LEU A 1 135 ? 31.254  -7.281  -1.715  1.00 43.35  ? 135 LEU A CB    1 
ATOM   1112 C CG    . LEU A 1 135 ? 30.222  -7.202  -0.573  1.00 51.46  ? 135 LEU A CG    1 
ATOM   1113 C CD1   . LEU A 1 135 ? 29.474  -8.527  -0.368  1.00 52.62  ? 135 LEU A CD1   1 
ATOM   1114 C CD2   . LEU A 1 135 ? 30.889  -6.755  0.733   1.00 59.30  ? 135 LEU A CD2   1 
ATOM   1115 N N     . ARG A 1 136 ? 32.771  -6.186  -4.352  1.00 37.58  ? 136 ARG A N     1 
ATOM   1116 C CA    . ARG A 1 136 ? 33.835  -6.181  -5.324  1.00 39.90  ? 136 ARG A CA    1 
ATOM   1117 C C     . ARG A 1 136 ? 34.731  -4.936  -5.317  1.00 44.10  ? 136 ARG A C     1 
ATOM   1118 O O     . ARG A 1 136 ? 35.971  -5.058  -5.305  1.00 39.92  ? 136 ARG A O     1 
ATOM   1119 C CB    . ARG A 1 136 ? 33.312  -6.426  -6.721  1.00 39.17  ? 136 ARG A CB    1 
ATOM   1120 C CG    . ARG A 1 136 ? 34.465  -6.543  -7.684  1.00 45.13  ? 136 ARG A CG    1 
ATOM   1121 C CD    . ARG A 1 136 ? 34.023  -6.989  -9.022  1.00 46.86  ? 136 ARG A CD    1 
ATOM   1122 N NE    . ARG A 1 136 ? 33.236  -5.961  -9.670  1.00 44.27  ? 136 ARG A NE    1 
ATOM   1123 C CZ    . ARG A 1 136 ? 32.835  -6.033  -10.929 0.80 51.91  ? 136 ARG A CZ    1 
ATOM   1124 N NH1   . ARG A 1 136 ? 33.164  -7.088  -11.671 0.80 45.19  ? 136 ARG A NH1   1 
ATOM   1125 N NH2   . ARG A 1 136 ? 32.108  -5.057  -11.444 0.80 50.95  ? 136 ARG A NH2   1 
ATOM   1126 N N     . ALA A 1 137 ? 34.128  -3.744  -5.340  1.00 39.20  ? 137 ALA A N     1 
ATOM   1127 C CA    . ALA A 1 137 ? 34.912  -2.515  -5.244  1.00 42.73  ? 137 ALA A CA    1 
ATOM   1128 C C     . ALA A 1 137 ? 35.770  -2.527  -3.978  1.00 41.55  ? 137 ALA A C     1 
ATOM   1129 O O     . ALA A 1 137 ? 36.935  -2.115  -3.993  1.00 46.51  ? 137 ALA A O     1 
ATOM   1130 C CB    . ALA A 1 137 ? 33.993  -1.263  -5.277  1.00 42.12  ? 137 ALA A CB    1 
ATOM   1131 N N     . ALA A 1 138 ? 35.201  -3.012  -2.886  1.00 39.78  ? 138 ALA A N     1 
ATOM   1132 C CA    . ALA A 1 138 ? 35.924  -3.108  -1.632  1.00 44.79  ? 138 ALA A CA    1 
ATOM   1133 C C     . ALA A 1 138 ? 37.161  -4.013  -1.777  1.00 48.60  ? 138 ALA A C     1 
ATOM   1134 O O     . ALA A 1 138 ? 38.281  -3.650  -1.375  1.00 47.88  ? 138 ALA A O     1 
ATOM   1135 C CB    . ALA A 1 138 ? 35.001  -3.639  -0.540  1.00 45.94  ? 138 ALA A CB    1 
ATOM   1136 N N     . LEU A 1 139 ? 36.948  -5.192  -2.356  1.00 44.22  ? 139 LEU A N     1 
ATOM   1137 C CA    . LEU A 1 139 ? 38.020  -6.162  -2.518  1.00 46.09  ? 139 LEU A CA    1 
ATOM   1138 C C     . LEU A 1 139 ? 39.092  -5.666  -3.495  1.00 43.41  ? 139 LEU A C     1 
ATOM   1139 O O     . LEU A 1 139 ? 40.289  -5.783  -3.218  1.00 47.40  ? 139 LEU A O     1 
ATOM   1140 C CB    . LEU A 1 139 ? 37.443  -7.540  -2.904  1.00 46.54  ? 139 LEU A CB    1 
ATOM   1141 C CG    . LEU A 1 139 ? 36.623  -8.214  -1.786  1.00 53.97  ? 139 LEU A CG    1 
ATOM   1142 C CD1   . LEU A 1 139 ? 35.718  -9.339  -2.305  1.00 53.25  ? 139 LEU A CD1   1 
ATOM   1143 C CD2   . LEU A 1 139 ? 37.514  -8.720  -0.653  1.00 62.53  ? 139 LEU A CD2   1 
ATOM   1144 N N     . LEU A 1 140 ? 38.687  -5.075  -4.613  1.00 42.61  ? 140 LEU A N     1 
ATOM   1145 C CA    . LEU A 1 140 ? 39.652  -4.569  -5.568  1.00 47.12  ? 140 LEU A CA    1 
ATOM   1146 C C     . LEU A 1 140 ? 40.583  -3.552  -4.904  1.00 54.09  ? 140 LEU A C     1 
ATOM   1147 O O     . LEU A 1 140 ? 41.781  -3.494  -5.220  1.00 52.06  ? 140 LEU A O     1 
ATOM   1148 C CB    . LEU A 1 140 ? 38.976  -3.948  -6.788  1.00 47.08  ? 140 LEU A CB    1 
ATOM   1149 C CG    . LEU A 1 140 ? 38.186  -4.879  -7.710  1.00 49.88  ? 140 LEU A CG    1 
ATOM   1150 C CD1   . LEU A 1 140 ? 37.638  -4.089  -8.903  1.00 47.93  ? 140 LEU A CD1   1 
ATOM   1151 C CD2   . LEU A 1 140 ? 39.038  -6.056  -8.184  1.00 49.66  ? 140 LEU A CD2   1 
ATOM   1152 N N     . GLY A 1 141 ? 40.027  -2.760  -3.988  1.00 54.54  ? 141 GLY A N     1 
ATOM   1153 C CA    . GLY A 1 141 ? 40.802  -1.774  -3.244  1.00 58.98  ? 141 GLY A CA    1 
ATOM   1154 C C     . GLY A 1 141 ? 41.788  -2.393  -2.268  1.00 59.98  ? 141 GLY A C     1 
ATOM   1155 O O     . GLY A 1 141 ? 42.862  -1.843  -2.042  1.00 63.16  ? 141 GLY A O     1 
ATOM   1156 N N     . ARG A 1 142 ? 41.420  -3.528  -1.679  1.00 60.63  ? 142 ARG A N     1 
ATOM   1157 C CA    . ARG A 1 142 ? 42.290  -4.253  -0.752  1.00 62.28  ? 142 ARG A CA    1 
ATOM   1158 C C     . ARG A 1 142 ? 43.307  -5.130  -1.485  1.00 64.90  ? 142 ARG A C     1 
ATOM   1159 O O     . ARG A 1 142 ? 44.370  -5.450  -0.950  1.00 63.75  ? 142 ARG A O     1 
ATOM   1160 C CB    . ARG A 1 142 ? 41.463  -5.117  0.200   1.00 61.43  ? 142 ARG A CB    1 
ATOM   1161 C CG    . ARG A 1 142 ? 40.676  -4.332  1.240   1.00 63.23  ? 142 ARG A CG    1 
ATOM   1162 N N     . LEU A 1 143 ? 42.972  -5.532  -2.705  1.00 67.45  ? 143 LEU A N     1 
ATOM   1163 C CA    . LEU A 1 143 ? 43.885  -6.319  -3.512  1.00 70.28  ? 143 LEU A CA    1 
ATOM   1164 C C     . LEU A 1 143 ? 45.031  -5.412  -3.923  1.00 73.21  ? 143 LEU A C     1 
ATOM   1165 O O     . LEU A 1 143 ? 46.204  -5.763  -3.761  1.00 71.64  ? 143 LEU A O     1 
ATOM   1166 C CB    . LEU A 1 143 ? 43.182  -6.870  -4.750  1.00 69.62  ? 143 LEU A CB    1 
ATOM   1167 C CG    . LEU A 1 143 ? 43.879  -8.022  -5.477  1.00 70.80  ? 143 LEU A CG    1 
ATOM   1168 C CD1   . LEU A 1 143 ? 43.668  -9.331  -4.719  1.00 67.91  ? 143 LEU A CD1   1 
ATOM   1169 C CD2   . LEU A 1 143 ? 43.367  -8.137  -6.904  1.00 68.44  ? 143 LEU A CD2   1 
ATOM   1170 N N     . ARG A 1 144 ? 44.678  -4.240  -4.447  1.00 76.01  ? 144 ARG A N     1 
ATOM   1171 C CA    . ARG A 1 144 ? 45.665  -3.249  -4.860  1.00 80.02  ? 144 ARG A CA    1 
ATOM   1172 C C     . ARG A 1 144 ? 46.740  -3.110  -3.785  1.00 82.21  ? 144 ARG A C     1 
ATOM   1173 O O     . ARG A 1 144 ? 47.928  -3.315  -4.052  1.00 82.43  ? 144 ARG A O     1 
ATOM   1174 C CB    . ARG A 1 144 ? 44.995  -1.897  -5.134  1.00 79.59  ? 144 ARG A CB    1 
ATOM   1175 N N     . THR A 1 145 ? 46.313  -2.781  -2.567  1.00 83.91  ? 145 THR A N     1 
ATOM   1176 C CA    . THR A 1 145 ? 47.223  -2.679  -1.428  1.00 85.59  ? 145 THR A CA    1 
ATOM   1177 C C     . THR A 1 145 ? 48.005  -3.978  -1.219  1.00 86.31  ? 145 THR A C     1 
ATOM   1178 O O     . THR A 1 145 ? 49.235  -3.985  -1.300  1.00 87.06  ? 145 THR A O     1 
ATOM   1179 N N     . LEU A 1 146 ? 47.281  -5.065  -0.945  1.00 85.25  ? 146 LEU A N     1 
ATOM   1180 C CA    . LEU A 1 146 ? 47.867  -6.391  -0.748  1.00 84.19  ? 146 LEU A CA    1 
ATOM   1181 C C     . LEU A 1 146 ? 48.611  -6.846  -1.997  1.00 84.36  ? 146 LEU A C     1 
ATOM   1182 O O     . LEU A 1 146 ? 49.565  -6.205  -2.437  1.00 85.14  ? 146 LEU A O     1 
ATOM   1183 C CB    . LEU A 1 146 ? 46.765  -7.401  -0.404  1.00 83.98  ? 146 LEU A CB    1 
ATOM   1184 C CG    . LEU A 1 146 ? 47.057  -8.897  -0.223  1.00 84.08  ? 146 LEU A CG    1 
ATOM   1185 C CD1   . LEU A 1 146 ? 45.769  -9.627  0.139   1.00 81.84  ? 146 LEU A CD1   1 
ATOM   1186 C CD2   . LEU A 1 146 ? 47.696  -9.531  -1.464  1.00 80.38  ? 146 LEU A CD2   1 
HETATM 1187 N N1    . GSH B 2 .   ? -2.342  9.511   10.075  1.00 23.52  ? 201 GSH A N1    1 
HETATM 1188 C CA1   . GSH B 2 .   ? -2.344  8.305   10.914  1.00 25.55  ? 201 GSH A CA1   1 
HETATM 1189 C C1    . GSH B 2 .   ? -2.995  8.641   12.262  1.00 29.11  ? 201 GSH A C1    1 
HETATM 1190 O O11   . GSH B 2 .   ? -3.094  7.806   13.169  1.00 24.02  ? 201 GSH A O11   1 
HETATM 1191 O O12   . GSH B 2 .   ? -3.430  9.779   12.509  1.00 22.89  ? 201 GSH A O12   1 
HETATM 1192 C CB1   . GSH B 2 .   ? -0.890  7.810   11.081  1.00 22.81  ? 201 GSH A CB1   1 
HETATM 1193 C CG1   . GSH B 2 .   ? -0.660  6.620   12.045  1.00 23.02  ? 201 GSH A CG1   1 
HETATM 1194 C CD1   . GSH B 2 .   ? -1.609  5.464   11.765  1.00 28.99  ? 201 GSH A CD1   1 
HETATM 1195 O OE1   . GSH B 2 .   ? -1.693  4.902   10.491  1.00 26.71  ? 201 GSH A OE1   1 
HETATM 1196 N N2    . GSH B 2 .   ? -2.364  5.000   12.784  1.00 25.64  ? 201 GSH A N2    1 
HETATM 1197 C CA2   . GSH B 2 .   ? -3.252  3.869   12.653  1.00 23.01  ? 201 GSH A CA2   1 
HETATM 1198 C C2    . GSH B 2 .   ? -4.644  4.330   12.285  1.00 19.91  ? 201 GSH A C2    1 
HETATM 1199 O O2    . GSH B 2 .   ? -5.629  3.417   12.034  1.00 24.56  ? 201 GSH A O2    1 
HETATM 1200 C CB2   . GSH B 2 .   ? -3.279  3.078   13.982  1.00 29.19  ? 201 GSH A CB2   1 
HETATM 1201 S SG2   . GSH B 2 .   ? -3.668  4.269   15.318  1.00 30.06  ? 201 GSH A SG2   1 
HETATM 1202 N N3    . GSH B 2 .   ? -4.951  5.614   12.219  1.00 24.87  ? 201 GSH A N3    1 
HETATM 1203 C CA3   . GSH B 2 .   ? -6.352  6.007   12.242  1.00 27.04  ? 201 GSH A CA3   1 
HETATM 1204 C C3    . GSH B 2 .   ? -6.571  7.251   11.410  1.00 29.71  ? 201 GSH A C3    1 
HETATM 1205 O O31   . GSH B 2 .   ? -5.655  7.674   10.641  1.00 26.38  ? 201 GSH A O31   1 
HETATM 1206 O O32   . GSH B 2 .   ? -7.677  7.853   11.452  1.00 26.51  ? 201 GSH A O32   1 
HETATM 1207 C C1    . LMT C 3 .   ? -0.776  -14.392 -15.753 1.00 75.90  ? 203 LMT A C1    1 
HETATM 1208 C C2    . LMT C 3 .   ? -1.496  -14.482 -14.410 1.00 75.57  ? 203 LMT A C2    1 
HETATM 1209 C C3    . LMT C 3 .   ? -2.918  -13.930 -14.496 1.00 75.34  ? 203 LMT A C3    1 
HETATM 1210 C C4    . LMT C 3 .   ? -2.927  -12.405 -14.563 1.00 67.18  ? 203 LMT A C4    1 
HETATM 1211 C C5    . LMT C 3 .   ? -4.338  -11.843 -14.441 1.00 62.38  ? 203 LMT A C5    1 
HETATM 1212 C C6    . LMT C 3 .   ? -4.336  -10.318 -14.502 1.00 57.41  ? 203 LMT A C6    1 
HETATM 1213 C C7    . LMT C 3 .   ? -5.551  -9.800  -15.261 1.00 56.66  ? 203 LMT A C7    1 
HETATM 1214 C C8    . LMT C 3 .   ? -5.687  -8.289  -15.143 1.00 52.93  ? 203 LMT A C8    1 
HETATM 1215 C C9    . LMT C 3 .   ? -7.020  -7.804  -15.694 1.00 50.56  ? 203 LMT A C9    1 
HETATM 1216 C C10   . LMT C 3 .   ? -7.099  -6.283  -15.736 1.00 59.85  ? 203 LMT A C10   1 
HETATM 1217 C C11   . LMT C 3 .   ? -8.273  -5.812  -16.591 1.00 59.98  ? 203 LMT A C11   1 
HETATM 1218 C C12   . LMT C 3 .   ? -8.912  -4.554  -16.037 1.00 59.80  ? 203 LMT A C12   1 
HETATM 1219 C C2    . LMT D 3 .   ? -20.071 12.091  -8.456  1.00 60.80  ? 204 LMT A C2    1 
HETATM 1220 C C3    . LMT D 3 .   ? -19.111 12.896  -7.581  1.00 60.60  ? 204 LMT A C3    1 
HETATM 1221 C C4    . LMT D 3 .   ? -17.899 13.373  -8.376  1.00 55.27  ? 204 LMT A C4    1 
HETATM 1222 C C5    . LMT D 3 .   ? -16.605 13.145  -7.599  1.00 50.52  ? 204 LMT A C5    1 
HETATM 1223 C C6    . LMT D 3 .   ? -16.245 11.662  -7.556  1.00 53.10  ? 204 LMT A C6    1 
HETATM 1224 C C7    . LMT D 3 .   ? -14.836 11.449  -7.004  1.00 50.85  ? 204 LMT A C7    1 
HETATM 1225 C C8    . LMT D 3 .   ? -14.319 10.046  -7.321  1.00 55.15  ? 204 LMT A C8    1 
HETATM 1226 C C9    . LMT D 3 .   ? -13.540 10.072  -8.629  1.00 52.48  ? 204 LMT A C9    1 
HETATM 1227 C C10   . LMT D 3 .   ? -12.582 8.893   -8.721  1.00 52.02  ? 204 LMT A C10   1 
HETATM 1228 C C11   . LMT D 3 .   ? -12.190 8.640   -10.178 1.00 52.36  ? 204 LMT A C11   1 
HETATM 1229 C C12   . LMT D 3 .   ? -11.137 7.554   -10.246 1.00 48.21  ? 204 LMT A C12   1 
HETATM 1230 O "O1'" . LMT E 3 .   ? -21.256 -2.420  2.270   1.00 93.45  ? 205 LMT A "O1'" 1 
HETATM 1231 C C1    . LMT E 3 .   ? -22.055 -3.507  1.806   1.00 94.24  ? 205 LMT A C1    1 
HETATM 1232 C C2    . LMT E 3 .   ? -21.231 -4.376  0.861   1.00 90.61  ? 205 LMT A C2    1 
HETATM 1233 C C3    . LMT E 3 .   ? -19.793 -4.504  1.355   1.00 85.76  ? 205 LMT A C3    1 
HETATM 1234 C C4    . LMT E 3 .   ? -18.848 -4.927  0.232   1.00 79.82  ? 205 LMT A C4    1 
HETATM 1235 C C5    . LMT E 3 .   ? -18.634 -3.806  -0.781  1.00 71.68  ? 205 LMT A C5    1 
HETATM 1236 C C6    . LMT E 3 .   ? -17.337 -4.025  -1.554  1.00 64.19  ? 205 LMT A C6    1 
HETATM 1237 C C7    . LMT E 3 .   ? -17.201 -3.084  -2.746  1.00 59.01  ? 205 LMT A C7    1 
HETATM 1238 C C8    . LMT E 3 .   ? -15.742 -3.001  -3.180  1.00 49.03  ? 205 LMT A C8    1 
HETATM 1239 C C9    . LMT E 3 .   ? -15.563 -2.196  -4.461  1.00 55.38  ? 205 LMT A C9    1 
HETATM 1240 C C10   . LMT E 3 .   ? -14.087 -1.883  -4.640  1.00 54.83  ? 205 LMT A C10   1 
HETATM 1241 C C11   . LMT E 3 .   ? -13.690 -1.684  -6.096  1.00 60.60  ? 205 LMT A C11   1 
HETATM 1242 C C12   . LMT E 3 .   ? -12.309 -2.251  -6.338  1.00 56.72  ? 205 LMT A C12   1 
HETATM 1243 C C4    . LMT F 3 .   ? 16.355  -11.269 -8.021  1.00 58.65  ? 206 LMT A C4    1 
HETATM 1244 C C5    . LMT F 3 .   ? 17.071  -10.915 -6.723  1.00 46.36  ? 206 LMT A C5    1 
HETATM 1245 C C6    . LMT F 3 .   ? 16.236  -11.393 -5.552  1.00 41.85  ? 206 LMT A C6    1 
HETATM 1246 C C7    . LMT F 3 .   ? 16.981  -11.264 -4.229  1.00 42.90  ? 206 LMT A C7    1 
HETATM 1247 C C8    . LMT F 3 .   ? 16.666  -12.443 -3.322  1.00 51.64  ? 206 LMT A C8    1 
HETATM 1248 C C9    . LMT F 3 .   ? 17.621  -12.480 -2.141  1.00 50.75  ? 206 LMT A C9    1 
HETATM 1249 C C10   . LMT F 3 .   ? 18.898  -11.716 -2.459  1.00 48.83  ? 206 LMT A C10   1 
HETATM 1250 C C11   . LMT F 3 .   ? 19.727  -11.513 -1.197  1.00 52.80  ? 206 LMT A C11   1 
HETATM 1251 C C12   . LMT F 3 .   ? 21.109  -10.982 -1.518  1.00 53.20  ? 206 LMT A C12   1 
HETATM 1252 O "O1'" . LMT G 3 .   ? 1.964   -15.238 -9.872  0.50 67.33  ? 207 LMT A "O1'" 1 
HETATM 1253 C C1    . LMT G 3 .   ? 1.100   -14.402 -9.103  1.00 67.04  ? 207 LMT A C1    1 
HETATM 1254 C C2    . LMT G 3 .   ? 0.209   -13.599 -10.043 1.00 65.25  ? 207 LMT A C2    1 
HETATM 1255 C C3    . LMT G 3 .   ? -0.913  -12.895 -9.285  1.00 66.12  ? 207 LMT A C3    1 
HETATM 1256 C C4    . LMT G 3 .   ? -1.168  -11.499 -9.844  1.00 62.39  ? 207 LMT A C4    1 
HETATM 1257 C C5    . LMT G 3 .   ? -2.650  -11.140 -9.787  1.00 58.57  ? 207 LMT A C5    1 
HETATM 1258 C C6    . LMT G 3 .   ? -2.924  -9.775  -10.407 1.00 57.43  ? 207 LMT A C6    1 
HETATM 1259 C C7    . LMT G 3 .   ? -4.427  -9.557  -10.569 1.00 58.79  ? 207 LMT A C7    1 
HETATM 1260 C C8    . LMT G 3 .   ? -4.763  -8.101  -10.864 1.00 60.61  ? 207 LMT A C8    1 
HETATM 1261 C C9    . LMT G 3 .   ? -6.084  -7.689  -10.220 1.00 66.93  ? 207 LMT A C9    1 
HETATM 1262 C C10   . LMT G 3 .   ? -7.098  -7.149  -11.227 1.00 62.54  ? 207 LMT A C10   1 
HETATM 1263 C C11   . LMT G 3 .   ? -6.958  -5.639  -11.399 0.50 65.56  ? 207 LMT A C11   1 
HETATM 1264 C C12   . LMT G 3 .   ? -8.085  -5.060  -12.232 0.50 63.72  ? 207 LMT A C12   1 
HETATM 1265 C "C1'" . LMT H 3 .   ? 11.637  -4.233  -15.656 1.00 70.68  ? 208 LMT A "C1'" 1 
HETATM 1266 O "O1'" . LMT H 3 .   ? 11.658  -3.072  -16.490 1.00 72.65  ? 208 LMT A "O1'" 1 
HETATM 1267 C C1    . LMT H 3 .   ? 11.332  -1.876  -15.777 1.00 70.52  ? 208 LMT A C1    1 
HETATM 1268 C C2    . LMT H 3 .   ? 12.597  -1.235  -15.202 1.00 74.85  ? 208 LMT A C2    1 
HETATM 1269 C C3    . LMT H 3 .   ? 12.782  0.221   -15.638 1.00 72.37  ? 208 LMT A C3    1 
HETATM 1270 C C4    . LMT H 3 .   ? 11.530  1.069   -15.402 1.00 69.75  ? 208 LMT A C4    1 
HETATM 1271 C C5    . LMT H 3 .   ? 11.343  1.379   -13.922 1.00 66.39  ? 208 LMT A C5    1 
HETATM 1272 C C6    . LMT H 3 .   ? 10.271  2.438   -13.694 1.00 65.93  ? 208 LMT A C6    1 
HETATM 1273 C C7    . LMT H 3 .   ? 9.485   2.150   -12.419 1.00 57.69  ? 208 LMT A C7    1 
HETATM 1274 C C8    . LMT H 3 .   ? 9.100   3.439   -11.711 1.00 55.85  ? 208 LMT A C8    1 
HETATM 1275 C C9    . LMT H 3 .   ? 8.380   3.141   -10.405 1.00 41.83  ? 208 LMT A C9    1 
HETATM 1276 C C10   . LMT H 3 .   ? 8.110   4.421   -9.613  1.00 45.78  ? 208 LMT A C10   1 
HETATM 1277 C C11   . LMT H 3 .   ? 7.594   4.116   -8.211  1.00 49.74  ? 208 LMT A C11   1 
HETATM 1278 C C12   . LMT H 3 .   ? 6.744   5.249   -7.669  1.00 45.25  ? 208 LMT A C12   1 
HETATM 1279 C C3    . LMT I 3 .   ? 15.684  -1.898  5.721   1.00 79.36  ? 209 LMT A C3    1 
HETATM 1280 C C4    . LMT I 3 .   ? 14.668  -2.940  5.266   1.00 75.25  ? 209 LMT A C4    1 
HETATM 1281 C C5    . LMT I 3 .   ? 13.675  -3.231  6.383   1.00 77.85  ? 209 LMT A C5    1 
HETATM 1282 C C6    . LMT I 3 .   ? 12.913  -4.526  6.130   1.00 78.60  ? 209 LMT A C6    1 
HETATM 1283 C C7    . LMT I 3 .   ? 12.432  -5.126  7.449   1.00 79.00  ? 209 LMT A C7    1 
HETATM 1284 C C8    . LMT I 3 .   ? 10.933  -5.394  7.422   1.00 76.33  ? 209 LMT A C8    1 
HETATM 1285 C C9    . LMT I 3 .   ? 10.649  -6.891  7.394   1.00 71.86  ? 209 LMT A C9    1 
HETATM 1286 C C10   . LMT I 3 .   ? 9.148   -7.159  7.344   1.00 70.66  ? 209 LMT A C10   1 
HETATM 1287 C C11   . LMT I 3 .   ? 8.852   -8.638  7.115   1.00 64.51  ? 209 LMT A C11   1 
HETATM 1288 C C12   . LMT I 3 .   ? 7.364   -8.900  7.193   1.00 69.99  ? 209 LMT A C12   1 
HETATM 1289 C C8    . LMT J 3 .   ? 24.894  3.423   2.138   1.00 75.47  ? 210 LMT A C8    1 
HETATM 1290 C C9    . LMT J 3 .   ? 23.898  2.272   2.064   1.00 75.87  ? 210 LMT A C9    1 
HETATM 1291 C C10   . LMT J 3 .   ? 22.918  2.314   3.231   1.00 75.94  ? 210 LMT A C10   1 
HETATM 1292 C C11   . LMT J 3 .   ? 22.091  1.036   3.300   1.00 75.09  ? 210 LMT A C11   1 
HETATM 1293 C C3    . LMT K 3 .   ? -13.452 -5.290  -9.601  1.00 94.56  ? 211 LMT A C3    1 
HETATM 1294 C C4    . LMT K 3 .   ? -13.135 -6.436  -8.644  1.00 97.04  ? 211 LMT A C4    1 
HETATM 1295 C C5    . LMT K 3 .   ? -11.996 -7.304  -9.172  1.00 95.32  ? 211 LMT A C5    1 
HETATM 1296 C C6    . LMT K 3 .   ? -11.455 -8.236  -8.090  1.00 92.71  ? 211 LMT A C6    1 
HETATM 1297 C C7    . LMT K 3 .   ? -10.065 -8.758  -8.452  1.00 89.92  ? 211 LMT A C7    1 
HETATM 1298 C C8    . LMT K 3 .   ? -9.559  -9.764  -7.421  1.00 89.32  ? 211 LMT A C8    1 
HETATM 1299 C C9    . LMT K 3 .   ? -8.515  -10.702 -8.021  1.00 88.02  ? 211 LMT A C9    1 
HETATM 1300 C C10   . LMT K 3 .   ? -8.468  -12.039 -7.285  1.00 89.28  ? 211 LMT A C10   1 
HETATM 1301 C C11   . LMT K 3 .   ? -7.450  -12.988 -7.913  1.00 89.55  ? 211 LMT A C11   1 
HETATM 1302 C C12   . LMT K 3 .   ? -6.602  -13.670 -6.860  1.00 87.82  ? 211 LMT A C12   1 
HETATM 1303 C C9    . LMT L 3 .   ? 27.204  0.306   -0.005  1.00 64.86  ? 212 LMT A C9    1 
HETATM 1304 C C10   . LMT L 3 .   ? 26.403  -0.906  0.461   1.00 63.23  ? 212 LMT A C10   1 
HETATM 1305 C C11   . LMT L 3 .   ? 25.498  -1.423  -0.652  1.00 61.97  ? 212 LMT A C11   1 
HETATM 1306 C C12   . LMT L 3 .   ? 24.541  -2.470  -0.122  1.00 62.38  ? 212 LMT A C12   1 
HETATM 1307 C C7    . LMT M 3 .   ? -15.472 -7.505  -3.781  1.00 90.59  ? 213 LMT A C7    1 
HETATM 1308 C C8    . LMT M 3 .   ? -14.301 -6.872  -4.527  1.00 90.99  ? 213 LMT A C8    1 
HETATM 1309 C C9    . LMT M 3 .   ? -13.010 -7.001  -3.727  1.00 88.30  ? 213 LMT A C9    1 
HETATM 1310 C C10   . LMT M 3 .   ? -11.980 -5.962  -4.162  1.00 88.61  ? 213 LMT A C10   1 
HETATM 1311 C C11   . LMT M 3 .   ? -10.648 -6.176  -3.446  1.00 89.85  ? 213 LMT A C11   1 
HETATM 1312 C C12   . LMT M 3 .   ? -9.605  -5.177  -3.898  1.00 85.31  ? 213 LMT A C12   1 
HETATM 1313 C C1    . EDO N 4 .   ? -8.140  15.603  10.132  1.00 39.47  ? 214 EDO A C1    1 
HETATM 1314 O O1    . EDO N 4 .   ? -8.937  14.466  10.414  1.00 31.52  ? 214 EDO A O1    1 
HETATM 1315 C C2    . EDO N 4 .   ? -8.492  16.085  8.736   1.00 41.35  ? 214 EDO A C2    1 
HETATM 1316 O O2    . EDO N 4 .   ? -7.689  15.375  7.778   1.00 55.18  ? 214 EDO A O2    1 
HETATM 1317 C C1    . EDO O 4 .   ? 2.758   7.091   6.425   0.50 32.55  ? 215 EDO A C1    1 
HETATM 1318 O O1    . EDO O 4 .   ? 3.485   8.207   6.961   0.50 24.37  ? 215 EDO A O1    1 
HETATM 1319 C C2    . EDO O 4 .   ? 1.814   7.537   5.325   0.50 25.72  ? 215 EDO A C2    1 
HETATM 1320 O O2    . EDO O 4 .   ? 2.541   8.347   4.378   0.50 25.69  ? 215 EDO A O2    1 
HETATM 1321 C C1    . EDO P 4 .   ? -6.123  2.287   19.035  1.00 48.30  ? 216 EDO A C1    1 
HETATM 1322 O O1    . EDO P 4 .   ? -5.446  3.476   19.472  1.00 66.89  ? 216 EDO A O1    1 
HETATM 1323 C C2    . EDO P 4 .   ? -7.437  2.163   19.801  1.00 53.42  ? 216 EDO A C2    1 
HETATM 1324 O O2    . EDO P 4 .   ? -8.541  2.254   18.895  1.00 50.63  ? 216 EDO A O2    1 
HETATM 1325 C C1    . EDO Q 4 .   ? -21.602 15.892  -3.331  1.00 67.24  ? 217 EDO A C1    1 
HETATM 1326 O O1    . EDO Q 4 .   ? -20.793 15.960  -2.149  1.00 63.64  ? 217 EDO A O1    1 
HETATM 1327 C C2    . EDO Q 4 .   ? -20.781 16.280  -4.552  1.00 65.43  ? 217 EDO A C2    1 
HETATM 1328 O O2    . EDO Q 4 .   ? -20.630 15.138  -5.399  1.00 67.24  ? 217 EDO A O2    1 
HETATM 1329 C C     . UNL R 5 .   ? 10.853  -12.061 4.043   1.00 64.79  ? 218 UNL A C     1 
HETATM 1330 C C     . UNL S 5 .   ? -15.581 2.142   -8.100  1.00 54.37  ? 219 UNL A C     1 
HETATM 1331 C C     . UNL T 5 .   ? -6.320  -11.803 -2.126  1.00 67.76  ? 221 UNL A C     1 
HETATM 1332 C C     . UNL U 5 .   ? 0.113   -6.189  17.041  1.00 70.17  ? 223 UNL A C     1 
HETATM 1333 S S     . SO4 V 6 .   ? -16.266 2.232   18.418  0.25 28.13  ? 250 SO4 A S     1 
HETATM 1334 O O1    . SO4 V 6 .   ? -15.003 1.497   18.516  0.25 23.90  ? 250 SO4 A O1    1 
HETATM 1335 O O2    . SO4 V 6 .   ? -17.362 1.283   18.181  0.25 18.52  ? 250 SO4 A O2    1 
HETATM 1336 O O3    . SO4 V 6 .   ? -16.537 2.929   19.671  0.25 16.18  ? 250 SO4 A O3    1 
HETATM 1337 O O4    . SO4 V 6 .   ? -16.097 3.174   17.298  0.25 12.16  ? 250 SO4 A O4    1 
HETATM 1338 S S     . SO4 W 6 .   ? -31.853 12.870  9.090   0.33 125.95 ? 251 SO4 A S     1 
HETATM 1339 O O1    . SO4 W 6 .   ? -30.676 12.202  9.642   0.33 125.90 ? 251 SO4 A O1    1 
HETATM 1340 O O2    . SO4 W 6 .   ? -32.657 11.904  8.346   0.33 126.17 ? 251 SO4 A O2    1 
HETATM 1341 O O3    . SO4 W 6 .   ? -32.650 13.434  10.178  0.33 125.84 ? 251 SO4 A O3    1 
HETATM 1342 O O4    . SO4 W 6 .   ? -31.427 13.942  8.193   0.33 125.97 ? 251 SO4 A O4    1 
HETATM 1343 O O     . HOH X 7 .   ? -21.793 8.533   15.335  1.00 39.49  ? 301 HOH A O     1 
HETATM 1344 O O     . HOH X 7 .   ? -3.393  2.463   0.864   1.00 24.71  ? 302 HOH A O     1 
HETATM 1345 O O     . HOH X 7 .   ? -9.281  14.474  3.097   1.00 27.90  ? 303 HOH A O     1 
HETATM 1346 O O     . HOH X 7 .   ? 2.170   9.610   1.142   1.00 29.15  ? 304 HOH A O     1 
HETATM 1347 O O     . HOH X 7 .   ? -10.003 -5.315  14.959  1.00 29.92  ? 305 HOH A O     1 
HETATM 1348 O O     . HOH X 7 .   ? -15.416 -3.087  18.055  0.50 21.45  ? 306 HOH A O     1 
HETATM 1349 O O     . HOH X 7 .   ? -15.735 5.903   17.038  1.00 40.53  ? 307 HOH A O     1 
HETATM 1350 O O     . HOH X 7 .   ? -4.380  11.291  3.166   1.00 34.08  ? 308 HOH A O     1 
HETATM 1351 O O     . HOH X 7 .   ? -18.739 -0.811  7.063   1.00 41.25  ? 309 HOH A O     1 
HETATM 1352 O O     . HOH X 7 .   ? 6.659   -12.935 -12.052 1.00 38.57  ? 310 HOH A O     1 
HETATM 1353 O O     . HOH X 7 .   ? -6.019  13.444  2.709   1.00 32.91  ? 311 HOH A O     1 
HETATM 1354 O O     . HOH X 7 .   ? -15.412 11.838  16.404  1.00 45.70  ? 312 HOH A O     1 
HETATM 1355 O O     . HOH X 7 .   ? -20.381 18.671  11.185  1.00 36.48  ? 313 HOH A O     1 
HETATM 1356 O O     . HOH X 7 .   ? -11.575 14.766  11.066  1.00 45.89  ? 314 HOH A O     1 
HETATM 1357 O O     . HOH X 7 .   ? -12.237 22.261  7.816   1.00 39.93  ? 315 HOH A O     1 
HETATM 1358 O O     . HOH X 7 .   ? -12.403 -6.055  11.580  1.00 40.82  ? 316 HOH A O     1 
HETATM 1359 O O     . HOH X 7 .   ? 9.709   -10.952 -12.245 1.00 40.04  ? 317 HOH A O     1 
HETATM 1360 O O     . HOH X 7 .   ? -4.733  -9.141  11.515  1.00 38.27  ? 318 HOH A O     1 
HETATM 1361 O O     . HOH X 7 .   ? 17.683  -7.337  -7.866  1.00 37.08  ? 319 HOH A O     1 
HETATM 1362 O O     . HOH X 7 .   ? -13.712 -5.422  7.990   1.00 34.17  ? 320 HOH A O     1 
HETATM 1363 O O     . HOH X 7 .   ? -5.566  1.590   -0.485  1.00 38.09  ? 321 HOH A O     1 
HETATM 1364 O O     . HOH X 7 .   ? -18.164 25.311  7.480   1.00 42.66  ? 322 HOH A O     1 
HETATM 1365 O O     . HOH X 7 .   ? -7.873  -6.656  16.940  1.00 51.20  ? 323 HOH A O     1 
HETATM 1366 O O     . HOH X 7 .   ? -20.132 24.953  3.503   1.00 41.97  ? 324 HOH A O     1 
HETATM 1367 O O     . HOH X 7 .   ? -22.486 20.921  7.287   1.00 41.10  ? 325 HOH A O     1 
HETATM 1368 O O     . HOH X 7 .   ? -21.219 8.724   -3.443  1.00 45.45  ? 326 HOH A O     1 
HETATM 1369 O O     . HOH X 7 .   ? -25.928 8.861   1.431   1.00 46.05  ? 327 HOH A O     1 
HETATM 1370 O O     . HOH X 7 .   ? -20.526 5.817   3.666   1.00 43.59  ? 328 HOH A O     1 
HETATM 1371 O O     . HOH X 7 .   ? -18.733 2.424   4.044   1.00 64.30  ? 329 HOH A O     1 
HETATM 1372 O O     . HOH X 7 .   ? -20.541 6.058   16.365  1.00 40.43  ? 330 HOH A O     1 
HETATM 1373 O O     . HOH X 7 .   ? -13.499 20.500  10.059  1.00 44.86  ? 331 HOH A O     1 
HETATM 1374 O O     . HOH X 7 .   ? -23.729 17.406  2.723   1.00 68.93  ? 332 HOH A O     1 
HETATM 1375 O O     . HOH X 7 .   ? -9.982  0.600   19.443  1.00 51.01  ? 333 HOH A O     1 
HETATM 1376 O O     . HOH X 7 .   ? 5.352   -11.690 -14.474 1.00 56.00  ? 334 HOH A O     1 
HETATM 1377 O O     . HOH X 7 .   ? -21.446 4.340   15.167  1.00 46.57  ? 335 HOH A O     1 
HETATM 1378 O O     . HOH X 7 .   ? -12.395 1.375   20.610  1.00 38.95  ? 336 HOH A O     1 
HETATM 1379 O O     . HOH X 7 .   ? -4.749  14.415  5.760   0.33 25.77  ? 337 HOH A O     1 
HETATM 1380 O O     . HOH X 7 .   ? 3.823   -8.586  -16.699 1.00 42.42  ? 338 HOH A O     1 
HETATM 1381 O O     . HOH X 7 .   ? -19.908 23.322  6.007   1.00 51.77  ? 339 HOH A O     1 
HETATM 1382 O O     . HOH X 7 .   ? -18.970 26.674  5.368   1.00 42.81  ? 340 HOH A O     1 
HETATM 1383 O O     . HOH X 7 .   ? -22.272 20.274  9.745   1.00 42.03  ? 341 HOH A O     1 
HETATM 1384 O O     . HOH X 7 .   ? -24.640 18.551  10.115  1.00 57.30  ? 342 HOH A O     1 
HETATM 1385 O O     . HOH X 7 .   ? -22.550 17.514  12.168  1.00 46.39  ? 343 HOH A O     1 
HETATM 1386 O O     . HOH X 7 .   ? -8.538  -8.996  9.044   1.00 56.00  ? 344 HOH A O     1 
HETATM 1387 O O     . HOH X 7 .   ? 27.071  -1.072  -5.607  1.00 50.12  ? 345 HOH A O     1 
HETATM 1388 O O     . HOH X 7 .   ? -13.817 -7.080  17.290  1.00 49.17  ? 346 HOH A O     1 
HETATM 1389 O O     . HOH X 7 .   ? -12.123 -7.740  13.526  1.00 56.39  ? 347 HOH A O     1 
HETATM 1390 O O     . HOH X 7 .   ? -18.779 25.749  9.943   1.00 37.82  ? 348 HOH A O     1 
HETATM 1391 O O     . HOH X 7 .   ? -17.448 13.591  16.713  1.00 49.48  ? 349 HOH A O     1 
HETATM 1392 O O     . HOH X 7 .   ? 9.469   -7.055  -13.397 1.00 44.38  ? 350 HOH A O     1 
HETATM 1393 O O     . HOH X 7 .   ? -21.052 5.086   -3.067  1.00 69.68  ? 351 HOH A O     1 
HETATM 1394 O O     . HOH X 7 .   ? -11.375 19.812  11.033  1.00 51.24  ? 352 HOH A O     1 
HETATM 1395 O O     . HOH X 7 .   ? -21.367 14.307  17.635  1.00 48.25  ? 353 HOH A O     1 
HETATM 1396 O O     . HOH X 7 .   ? -19.165 13.935  18.960  1.00 47.99  ? 354 HOH A O     1 
HETATM 1397 O O     . HOH X 7 .   ? -21.273 16.325  15.713  1.00 53.87  ? 355 HOH A O     1 
HETATM 1398 O O     . HOH X 7 .   ? -21.375 0.714   13.704  1.00 49.04  ? 356 HOH A O     1 
HETATM 1399 O O     . HOH X 7 .   ? -21.949 0.586   10.532  1.00 69.83  ? 357 HOH A O     1 
HETATM 1400 O O     . HOH X 7 .   ? -20.590 0.987   8.404   1.00 55.46  ? 358 HOH A O     1 
HETATM 1401 O O     . HOH X 7 .   ? -14.927 16.341  16.394  1.00 60.33  ? 359 HOH A O     1 
HETATM 1402 O O     . HOH X 7 .   ? -8.905  -1.016  20.773  1.00 53.40  ? 360 HOH A O     1 
HETATM 1403 O O     . HOH X 7 .   ? -14.094 -8.834  14.589  1.00 66.68  ? 361 HOH A O     1 
HETATM 1404 O O     . HOH X 7 .   ? -25.596 8.528   -0.921  1.00 64.64  ? 362 HOH A O     1 
HETATM 1405 O O     . HOH X 7 .   ? -5.657  -9.465  2.970   1.00 46.94  ? 363 HOH A O     1 
HETATM 1406 O O     . HOH X 7 .   ? -15.062 -6.493  6.012   1.00 64.38  ? 364 HOH A O     1 
HETATM 1407 O O     . HOH X 7 .   ? 4.572   -14.843 -11.684 1.00 62.89  ? 365 HOH A O     1 
HETATM 1408 O O     . HOH X 7 .   ? -14.641 -7.427  2.505   1.00 72.58  ? 367 HOH A O     1 
HETATM 1409 O O     . HOH X 7 .   ? -6.220  -1.496  21.282  1.00 68.91  ? 368 HOH A O     1 
HETATM 1410 O O     . HOH X 7 .   ? -11.970 -7.574  9.276   1.00 59.84  ? 369 HOH A O     1 
HETATM 1411 O O     . HOH X 7 .   ? 4.511   -8.291  -22.913 1.00 64.54  ? 372 HOH A O     1 
HETATM 1412 O O     . HOH X 7 .   ? 20.422  -6.351  -10.879 1.00 65.31  ? 374 HOH A O     1 
HETATM 1413 O O     . HOH X 7 .   ? -5.866  -5.292  18.857  1.00 67.24  ? 376 HOH A O     1 
HETATM 1414 O O     . HOH X 7 .   ? 2.486   -9.969  -18.799 1.00 62.57  ? 377 HOH A O     1 
HETATM 1415 O O     . HOH X 7 .   ? -19.552 4.923   9.743   1.00 48.96  ? 378 HOH A O     1 
HETATM 1416 O O     . HOH X 7 .   ? 38.812  -1.290  -0.020  1.00 59.87  ? 380 HOH A O     1 
HETATM 1417 O O     . HOH X 7 .   ? -4.543  0.364   20.265  1.00 80.34  ? 381 HOH A O     1 
HETATM 1418 O O     . HOH X 7 .   ? -22.253 14.541  -0.694  1.00 56.09  ? 382 HOH A O     1 
HETATM 1419 O O     . HOH X 7 .   ? 32.719  -3.376  -8.375  1.00 54.47  ? 384 HOH A O     1 
HETATM 1420 O O     . HOH X 7 .   ? 0.572   -8.964  13.130  1.00 72.93  ? 385 HOH A O     1 
HETATM 1421 O O     . HOH X 7 .   ? -23.559 9.920   -2.736  1.00 61.43  ? 387 HOH A O     1 
HETATM 1422 O O     . HOH X 7 .   ? -21.399 10.328  -5.842  1.00 68.45  ? 388 HOH A O     1 
HETATM 1423 O O     . HOH X 7 .   ? 19.623  -8.500  -9.330  1.00 52.59  ? 389 HOH A O     1 
HETATM 1424 O O     . HOH X 7 .   ? -22.902 1.290   -0.098  1.00 78.98  ? 390 HOH A O     1 
HETATM 1425 O O     . HOH X 7 .   ? 23.031  -9.033  -8.731  1.00 54.78  ? 391 HOH A O     1 
HETATM 1426 O O     . HOH X 7 .   ? -18.810 19.775  13.242  1.00 56.38  ? 392 HOH A O     1 
HETATM 1427 O O     . HOH X 7 .   ? -21.173 -0.275  -1.107  1.00 65.63  ? 394 HOH A O     1 
HETATM 1428 O O     . HOH X 7 .   ? -23.215 4.179   -0.545  1.00 70.38  ? 397 HOH A O     1 
HETATM 1429 O O     . HOH X 7 .   ? -30.916 16.456  9.789   1.00 65.10  ? 398 HOH A O     1 
HETATM 1430 O O     . HOH X 7 .   ? -27.740 17.903  10.641  1.00 67.44  ? 399 HOH A O     1 
HETATM 1431 O O     . HOH X 7 .   ? -0.820  0.019   5.961   1.00 43.99  ? 400 HOH A O     1 
HETATM 1432 O O     . HOH X 7 .   ? -16.588 -7.040  0.538   1.00 69.52  ? 402 HOH A O     1 
HETATM 1433 O O     . HOH X 7 .   ? -27.435 15.948  2.918   1.00 50.60  ? 403 HOH A O     1 
HETATM 1434 O O     . HOH X 7 .   ? -18.879 18.130  15.514  1.00 61.70  ? 405 HOH A O     1 
HETATM 1435 O O     . HOH X 7 .   ? -22.828 -1.834  5.325   1.00 71.46  ? 406 HOH A O     1 
HETATM 1436 O O     . HOH X 7 .   ? -21.911 -8.246  12.901  1.00 80.27  ? 407 HOH A O     1 
# 
loop_
_pdbx_poly_seq_scheme.asym_id 
_pdbx_poly_seq_scheme.entity_id 
_pdbx_poly_seq_scheme.seq_id 
_pdbx_poly_seq_scheme.mon_id 
_pdbx_poly_seq_scheme.ndb_seq_num 
_pdbx_poly_seq_scheme.pdb_seq_num 
_pdbx_poly_seq_scheme.auth_seq_num 
_pdbx_poly_seq_scheme.pdb_mon_id 
_pdbx_poly_seq_scheme.auth_mon_id 
_pdbx_poly_seq_scheme.pdb_strand_id 
_pdbx_poly_seq_scheme.pdb_ins_code 
_pdbx_poly_seq_scheme.hetero 
A 1 1   MET 1   1   1   MET MET A . n 
A 1 2   LYS 2   2   2   LYS LYS A . n 
A 1 3   ASP 3   3   3   ASP ASP A . n 
A 1 4   GLU 4   4   4   GLU GLU A . n 
A 1 5   VAL 5   5   5   VAL VAL A . n 
A 1 6   ALA 6   6   6   ALA ALA A . n 
A 1 7   LEU 7   7   7   LEU LEU A . n 
A 1 8   LEU 8   8   8   LEU LEU A . n 
A 1 9   ALA 9   9   9   ALA ALA A . n 
A 1 10  ALA 10  10  10  ALA ALA A . n 
A 1 11  VAL 11  11  11  VAL VAL A . n 
A 1 12  THR 12  12  12  THR THR A . n 
A 1 13  LEU 13  13  13  LEU LEU A . n 
A 1 14  LEU 14  14  14  LEU LEU A . n 
A 1 15  GLY 15  15  15  GLY GLY A . n 
A 1 16  VAL 16  16  16  VAL VAL A . n 
A 1 17  LEU 17  17  17  LEU LEU A . n 
A 1 18  LEU 18  18  18  LEU LEU A . n 
A 1 19  GLN 19  19  19  GLN GLN A . n 
A 1 20  ALA 20  20  20  ALA ALA A . n 
A 1 21  TYR 21  21  21  TYR TYR A . n 
A 1 22  PHE 22  22  22  PHE PHE A . n 
A 1 23  SER 23  23  23  SER SER A . n 
A 1 24  LEU 24  24  24  LEU LEU A . n 
A 1 25  GLN 25  25  25  GLN GLN A . n 
A 1 26  VAL 26  26  26  VAL VAL A . n 
A 1 27  ILE 27  27  27  ILE ILE A . n 
A 1 28  SER 28  28  28  SER SER A . n 
A 1 29  ALA 29  29  29  ALA ALA A . n 
A 1 30  ARG 30  30  30  ARG ARG A . n 
A 1 31  ARG 31  31  31  ARG ARG A . n 
A 1 32  ALA 32  32  32  ALA ALA A . n 
A 1 33  PHE 33  33  33  PHE PHE A . n 
A 1 34  ARG 34  34  34  ARG ARG A . n 
A 1 35  VAL 35  35  35  VAL VAL A . n 
A 1 36  SER 36  36  36  SER SER A . n 
A 1 37  PRO 37  37  37  PRO PRO A . n 
A 1 38  PRO 38  38  38  PRO PRO A . n 
A 1 39  LEU 39  39  39  LEU LEU A . n 
A 1 40  THR 40  40  40  THR THR A . n 
A 1 41  THR 41  41  41  THR THR A . n 
A 1 42  GLY 42  42  42  GLY GLY A . n 
A 1 43  PRO 43  43  43  PRO PRO A . n 
A 1 44  PRO 44  44  44  PRO PRO A . n 
A 1 45  GLU 45  45  45  GLU GLU A . n 
A 1 46  PHE 46  46  46  PHE PHE A . n 
A 1 47  GLU 47  47  47  GLU GLU A . n 
A 1 48  ARG 48  48  48  ARG ARG A . n 
A 1 49  VAL 49  49  49  VAL VAL A . n 
A 1 50  TYR 50  50  50  TYR TYR A . n 
A 1 51  ARG 51  51  51  ARG ARG A . n 
A 1 52  ALA 52  52  52  ALA ALA A . n 
A 1 53  GLN 53  53  53  GLN GLN A . n 
A 1 54  VAL 54  54  54  VAL VAL A . n 
A 1 55  ASN 55  55  55  ASN ASN A . n 
A 1 56  CYS 56  56  56  CYS CYS A . n 
A 1 57  SER 57  57  57  SER SER A . n 
A 1 58  GLU 58  58  58  GLU GLU A . n 
A 1 59  TYR 59  59  59  TYR TYR A . n 
A 1 60  PHE 60  60  60  PHE PHE A . n 
A 1 61  PRO 61  61  61  PRO PRO A . n 
A 1 62  LEU 62  62  62  LEU LEU A . n 
A 1 63  PHE 63  63  63  PHE PHE A . n 
A 1 64  LEU 64  64  64  LEU LEU A . n 
A 1 65  ALA 65  65  65  ALA ALA A . n 
A 1 66  THR 66  66  66  THR THR A . n 
A 1 67  LEU 67  67  67  LEU LEU A . n 
A 1 68  TRP 68  68  68  TRP TRP A . n 
A 1 69  VAL 69  69  69  VAL VAL A . n 
A 1 70  ALA 70  70  70  ALA ALA A . n 
A 1 71  GLY 71  71  71  GLY GLY A . n 
A 1 72  ILE 72  72  72  ILE ILE A . n 
A 1 73  PHE 73  73  73  PHE PHE A . n 
A 1 74  PHE 74  74  74  PHE PHE A . n 
A 1 75  HIS 75  75  75  HIS HIS A . n 
A 1 76  GLU 76  76  76  GLU GLU A . n 
A 1 77  GLY 77  77  77  GLY GLY A . n 
A 1 78  ALA 78  78  78  ALA ALA A . n 
A 1 79  ALA 79  79  79  ALA ALA A . n 
A 1 80  ALA 80  80  80  ALA ALA A . n 
A 1 81  LEU 81  81  81  LEU LEU A . n 
A 1 82  CYS 82  82  82  CYS CYS A . n 
A 1 83  GLY 83  83  83  GLY GLY A . n 
A 1 84  LEU 84  84  84  LEU LEU A . n 
A 1 85  VAL 85  85  85  VAL VAL A . n 
A 1 86  TYR 86  86  86  TYR TYR A . n 
A 1 87  LEU 87  87  87  LEU LEU A . n 
A 1 88  PHE 88  88  88  PHE PHE A . n 
A 1 89  ALA 89  89  89  ALA ALA A . n 
A 1 90  ARG 90  90  90  ARG ARG A . n 
A 1 91  LEU 91  91  91  LEU LEU A . n 
A 1 92  ARG 92  92  92  ARG ARG A . n 
A 1 93  TYR 93  93  93  TYR TYR A . n 
A 1 94  PHE 94  94  94  PHE PHE A . n 
A 1 95  GLN 95  95  95  GLN GLN A . n 
A 1 96  GLY 96  96  96  GLY GLY A . n 
A 1 97  TYR 97  97  97  TYR TYR A . n 
A 1 98  ALA 98  98  98  ALA ALA A . n 
A 1 99  ARG 99  99  99  ARG ARG A . n 
A 1 100 SER 100 100 100 SER SER A . n 
A 1 101 ALA 101 101 101 ALA ALA A . n 
A 1 102 GLN 102 102 102 GLN GLN A . n 
A 1 103 LEU 103 103 103 LEU LEU A . n 
A 1 104 ARG 104 104 104 ARG ARG A . n 
A 1 105 LEU 105 105 105 LEU LEU A . n 
A 1 106 ALA 106 106 106 ALA ALA A . n 
A 1 107 PRO 107 107 107 PRO PRO A . n 
A 1 108 LEU 108 108 108 LEU LEU A . n 
A 1 109 TYR 109 109 109 TYR TYR A . n 
A 1 110 ALA 110 110 110 ALA ALA A . n 
A 1 111 SER 111 111 111 SER SER A . n 
A 1 112 ALA 112 112 112 ALA ALA A . n 
A 1 113 ARG 113 113 113 ARG ARG A . n 
A 1 114 ALA 114 114 114 ALA ALA A . n 
A 1 115 LEU 115 115 115 LEU LEU A . n 
A 1 116 TRP 116 116 116 TRP TRP A . n 
A 1 117 LEU 117 117 117 LEU LEU A . n 
A 1 118 LEU 118 118 118 LEU LEU A . n 
A 1 119 VAL 119 119 119 VAL VAL A . n 
A 1 120 ALA 120 120 120 ALA ALA A . n 
A 1 121 LEU 121 121 121 LEU LEU A . n 
A 1 122 ALA 122 122 122 ALA ALA A . n 
A 1 123 ALA 123 123 123 ALA ALA A . n 
A 1 124 LEU 124 124 124 LEU LEU A . n 
A 1 125 GLY 125 125 125 GLY GLY A . n 
A 1 126 LEU 126 126 126 LEU LEU A . n 
A 1 127 LEU 127 127 127 LEU LEU A . n 
A 1 128 ALA 128 128 128 ALA ALA A . n 
A 1 129 HIS 129 129 129 HIS HIS A . n 
A 1 130 PHE 130 130 130 PHE PHE A . n 
A 1 131 LEU 131 131 131 LEU LEU A . n 
A 1 132 PRO 132 132 132 PRO PRO A . n 
A 1 133 ALA 133 133 133 ALA ALA A . n 
A 1 134 ALA 134 134 134 ALA ALA A . n 
A 1 135 LEU 135 135 135 LEU LEU A . n 
A 1 136 ARG 136 136 136 ARG ARG A . n 
A 1 137 ALA 137 137 137 ALA ALA A . n 
A 1 138 ALA 138 138 138 ALA ALA A . n 
A 1 139 LEU 139 139 139 LEU LEU A . n 
A 1 140 LEU 140 140 140 LEU LEU A . n 
A 1 141 GLY 141 141 141 GLY GLY A . n 
A 1 142 ARG 142 142 142 ARG ARG A . n 
A 1 143 LEU 143 143 143 LEU LEU A . n 
A 1 144 ARG 144 144 144 ARG ARG A . n 
A 1 145 THR 145 145 145 THR THR A . n 
A 1 146 LEU 146 146 146 LEU LEU A . n 
A 1 147 LEU 147 147 ?   ?   ?   A . n 
A 1 148 PRO 148 148 ?   ?   ?   A . n 
A 1 149 TRP 149 149 ?   ?   ?   A . n 
A 1 150 ALA 150 150 ?   ?   ?   A . n 
A 1 151 HIS 151 151 ?   ?   ?   A . n 
A 1 152 HIS 152 152 ?   ?   ?   A . n 
A 1 153 HIS 153 153 ?   ?   ?   A . n 
A 1 154 HIS 154 154 ?   ?   ?   A . n 
A 1 155 HIS 155 155 ?   ?   ?   A . n 
A 1 156 HIS 156 156 ?   ?   ?   A . n 
# 
loop_
_pdbx_nonpoly_scheme.asym_id 
_pdbx_nonpoly_scheme.entity_id 
_pdbx_nonpoly_scheme.mon_id 
_pdbx_nonpoly_scheme.ndb_seq_num 
_pdbx_nonpoly_scheme.pdb_seq_num 
_pdbx_nonpoly_scheme.auth_seq_num 
_pdbx_nonpoly_scheme.pdb_mon_id 
_pdbx_nonpoly_scheme.auth_mon_id 
_pdbx_nonpoly_scheme.pdb_strand_id 
_pdbx_nonpoly_scheme.pdb_ins_code 
B 2 GSH 1  201 201 GSH GTT A . 
C 3 LMT 1  203 203 LMT LMT A . 
D 3 LMT 1  204 204 LMT LMT A . 
E 3 LMT 1  205 205 LMT LMT A . 
F 3 LMT 1  206 206 LMT LMT A . 
G 3 LMT 1  207 207 LMT LMT A . 
H 3 LMT 1  208 208 LMT LMT A . 
I 3 LMT 1  209 209 LMT LMT A . 
J 3 LMT 1  210 210 LMT LMT A . 
K 3 LMT 1  211 211 LMT LMT A . 
L 3 LMT 1  212 212 LMT LMT A . 
M 3 LMT 1  213 213 LMT LMT A . 
N 4 EDO 1  214 214 EDO EDO A . 
O 4 EDO 1  215 215 EDO EDO A . 
P 4 EDO 1  216 216 EDO EDO A . 
Q 4 EDO 1  217 217 EDO EDO A . 
R 5 UNL 1  218 218 UNL UNK A . 
S 5 UNL 1  219 219 UNL UNK A . 
T 5 UNL 1  221 221 UNL UNK A . 
U 5 UNL 1  223 223 UNL UNK A . 
V 6 SO4 1  250 250 SO4 SO4 A . 
W 6 SO4 1  251 251 SO4 SO4 A . 
X 7 HOH 1  301 301 HOH HOH A . 
X 7 HOH 2  302 302 HOH HOH A . 
X 7 HOH 3  303 303 HOH HOH A . 
X 7 HOH 4  304 304 HOH HOH A . 
X 7 HOH 5  305 305 HOH HOH A . 
X 7 HOH 6  306 306 HOH HOH A . 
X 7 HOH 7  307 307 HOH HOH A . 
X 7 HOH 8  308 308 HOH HOH A . 
X 7 HOH 9  309 309 HOH HOH A . 
X 7 HOH 10 310 310 HOH HOH A . 
X 7 HOH 11 311 311 HOH HOH A . 
X 7 HOH 12 312 312 HOH HOH A . 
X 7 HOH 13 313 313 HOH HOH A . 
X 7 HOH 14 314 314 HOH HOH A . 
X 7 HOH 15 315 315 HOH HOH A . 
X 7 HOH 16 316 316 HOH HOH A . 
X 7 HOH 17 317 317 HOH HOH A . 
X 7 HOH 18 318 318 HOH HOH A . 
X 7 HOH 19 319 319 HOH HOH A . 
X 7 HOH 20 320 320 HOH HOH A . 
X 7 HOH 21 321 321 HOH HOH A . 
X 7 HOH 22 322 322 HOH HOH A . 
X 7 HOH 23 323 323 HOH HOH A . 
X 7 HOH 24 324 324 HOH HOH A . 
X 7 HOH 25 325 325 HOH HOH A . 
X 7 HOH 26 326 326 HOH HOH A . 
X 7 HOH 27 327 327 HOH HOH A . 
X 7 HOH 28 328 328 HOH HOH A . 
X 7 HOH 29 329 329 HOH HOH A . 
X 7 HOH 30 330 330 HOH HOH A . 
X 7 HOH 31 331 331 HOH HOH A . 
X 7 HOH 32 332 332 HOH HOH A . 
X 7 HOH 33 333 333 HOH HOH A . 
X 7 HOH 34 334 334 HOH HOH A . 
X 7 HOH 35 335 335 HOH HOH A . 
X 7 HOH 36 336 336 HOH HOH A . 
X 7 HOH 37 337 337 HOH HOH A . 
X 7 HOH 38 338 338 HOH HOH A . 
X 7 HOH 39 339 339 HOH HOH A . 
X 7 HOH 40 340 340 HOH HOH A . 
X 7 HOH 41 341 341 HOH HOH A . 
X 7 HOH 42 342 342 HOH HOH A . 
X 7 HOH 43 343 343 HOH HOH A . 
X 7 HOH 44 344 344 HOH HOH A . 
X 7 HOH 45 345 345 HOH HOH A . 
X 7 HOH 46 346 346 HOH HOH A . 
X 7 HOH 47 347 347 HOH HOH A . 
X 7 HOH 48 348 348 HOH HOH A . 
X 7 HOH 49 349 349 HOH HOH A . 
X 7 HOH 50 350 350 HOH HOH A . 
X 7 HOH 51 351 351 HOH HOH A . 
X 7 HOH 52 352 352 HOH HOH A . 
X 7 HOH 53 353 353 HOH HOH A . 
X 7 HOH 54 354 354 HOH HOH A . 
X 7 HOH 55 355 355 HOH HOH A . 
X 7 HOH 56 356 356 HOH HOH A . 
X 7 HOH 57 357 357 HOH HOH A . 
X 7 HOH 58 358 358 HOH HOH A . 
X 7 HOH 59 359 359 HOH HOH A . 
X 7 HOH 60 360 360 HOH HOH A . 
X 7 HOH 61 361 361 HOH HOH A . 
X 7 HOH 62 362 362 HOH HOH A . 
X 7 HOH 63 363 363 HOH HOH A . 
X 7 HOH 64 364 364 HOH HOH A . 
X 7 HOH 65 365 365 HOH HOH A . 
X 7 HOH 66 367 367 HOH HOH A . 
X 7 HOH 67 368 368 HOH HOH A . 
X 7 HOH 68 369 369 HOH HOH A . 
X 7 HOH 69 372 372 HOH HOH A . 
X 7 HOH 70 374 374 HOH HOH A . 
X 7 HOH 71 376 376 HOH HOH A . 
X 7 HOH 72 377 377 HOH HOH A . 
X 7 HOH 73 378 378 HOH HOH A . 
X 7 HOH 74 380 380 HOH HOH A . 
X 7 HOH 75 381 381 HOH HOH A . 
X 7 HOH 76 382 382 HOH HOH A . 
X 7 HOH 77 384 384 HOH HOH A . 
X 7 HOH 78 385 385 HOH HOH A . 
X 7 HOH 79 387 387 HOH HOH A . 
X 7 HOH 80 388 388 HOH HOH A . 
X 7 HOH 81 389 389 HOH HOH A . 
X 7 HOH 82 390 390 HOH HOH A . 
X 7 HOH 83 391 391 HOH HOH A . 
X 7 HOH 84 392 392 HOH HOH A . 
X 7 HOH 85 394 394 HOH HOH A . 
X 7 HOH 86 397 397 HOH HOH A . 
X 7 HOH 87 398 398 HOH HOH A . 
X 7 HOH 88 399 399 HOH HOH A . 
X 7 HOH 89 400 400 HOH HOH A . 
X 7 HOH 90 402 402 HOH HOH A . 
X 7 HOH 91 403 403 HOH HOH A . 
X 7 HOH 92 405 405 HOH HOH A . 
X 7 HOH 93 406 406 HOH HOH A . 
X 7 HOH 94 407 407 HOH HOH A . 
# 
_pdbx_struct_assembly.id                   1 
_pdbx_struct_assembly.details              author_and_software_defined_assembly 
_pdbx_struct_assembly.method_details       PISA 
_pdbx_struct_assembly.oligomeric_details   trimeric 
_pdbx_struct_assembly.oligomeric_count     3 
# 
_pdbx_struct_assembly_gen.assembly_id       1 
_pdbx_struct_assembly_gen.oper_expression   1,2,3 
_pdbx_struct_assembly_gen.asym_id_list      A,B,C,D,E,F,G,H,I,J,K,L,M,N,O,P,Q,R,S,T,U,V,W,X 
# 
loop_
_pdbx_struct_assembly_prop.biol_id 
_pdbx_struct_assembly_prop.type 
_pdbx_struct_assembly_prop.value 
_pdbx_struct_assembly_prop.details 
1 'ABSA (A^2)' 5870  ? 
1 MORE         -60   ? 
1 'SSA (A^2)'  20670 ? 
# 
loop_
_pdbx_struct_oper_list.id 
_pdbx_struct_oper_list.type 
_pdbx_struct_oper_list.name 
_pdbx_struct_oper_list.symmetry_operation 
_pdbx_struct_oper_list.matrix[1][1] 
_pdbx_struct_oper_list.matrix[1][2] 
_pdbx_struct_oper_list.matrix[1][3] 
_pdbx_struct_oper_list.vector[1] 
_pdbx_struct_oper_list.matrix[2][1] 
_pdbx_struct_oper_list.matrix[2][2] 
_pdbx_struct_oper_list.matrix[2][3] 
_pdbx_struct_oper_list.vector[2] 
_pdbx_struct_oper_list.matrix[3][1] 
_pdbx_struct_oper_list.matrix[3][2] 
_pdbx_struct_oper_list.matrix[3][3] 
_pdbx_struct_oper_list.vector[3] 
1 'identity operation'         1_555  x,y,z           1.0000000000  0.0000000000  0.0000000000  0.0000000000  0.0000000000  1.0000000000  0.0000000000 0.0000000000  0.0000000000  0.0000000000 1.0000000000 0.0000000000   
2 'crystal symmetry operation' 18_555 z,-x+1/2,-y+1/2 -0.1112686025 0.3147612587  -0.9426264627 -5.2539211367 -0.9746174129 -0.2199800769 0.0415892330 13.0353479606 -0.1942683624 0.9233277402 0.3312486793 -11.1586247962 
3 'crystal symmetry operation' 48_555 -y+1/2,-z+1/2,x -0.1112686025 -0.9746174129 -0.1942683624 9.9521128771  0.3147612587  -0.2199800769 0.9233277402 14.8243154933 -0.9426264627 0.0415892330 0.3312486793 -1.7983354927  
# 
_pdbx_struct_special_symmetry.id              1 
_pdbx_struct_special_symmetry.PDB_model_num   1 
_pdbx_struct_special_symmetry.auth_asym_id    A 
_pdbx_struct_special_symmetry.auth_comp_id    SO4 
_pdbx_struct_special_symmetry.auth_seq_id     251 
_pdbx_struct_special_symmetry.PDB_ins_code    ? 
_pdbx_struct_special_symmetry.label_asym_id   W 
_pdbx_struct_special_symmetry.label_comp_id   SO4 
_pdbx_struct_special_symmetry.label_seq_id    . 
# 
loop_
_pdbx_audit_revision_history.ordinal 
_pdbx_audit_revision_history.data_content_type 
_pdbx_audit_revision_history.major_revision 
_pdbx_audit_revision_history.minor_revision 
_pdbx_audit_revision_history.revision_date 
1 'Structure model' 1 0 2011-03-16 
2 'Structure model' 1 1 2011-07-13 
3 'Structure model' 1 2 2011-12-14 
4 'Structure model' 1 3 2023-11-01 
# 
_pdbx_audit_revision_details.ordinal             1 
_pdbx_audit_revision_details.revision_ordinal    1 
_pdbx_audit_revision_details.data_content_type   'Structure model' 
_pdbx_audit_revision_details.provider            repository 
_pdbx_audit_revision_details.type                'Initial release' 
_pdbx_audit_revision_details.description         ? 
_pdbx_audit_revision_details.details             ? 
# 
loop_
_pdbx_audit_revision_group.ordinal 
_pdbx_audit_revision_group.revision_ordinal 
_pdbx_audit_revision_group.data_content_type 
_pdbx_audit_revision_group.group 
1 2 'Structure model' 'Version format compliance' 
2 3 'Structure model' 'Database references'       
3 3 'Structure model' 'Non-polymer description'   
4 4 'Structure model' 'Data collection'           
5 4 'Structure model' 'Database references'       
6 4 'Structure model' 'Derived calculations'      
7 4 'Structure model' 'Refinement description'    
# 
loop_
_pdbx_audit_revision_category.ordinal 
_pdbx_audit_revision_category.revision_ordinal 
_pdbx_audit_revision_category.data_content_type 
_pdbx_audit_revision_category.category 
1 4 'Structure model' chem_comp_atom                
2 4 'Structure model' chem_comp_bond                
3 4 'Structure model' database_2                    
4 4 'Structure model' pdbx_initial_refinement_model 
5 4 'Structure model' struct_ref_seq_dif            
6 4 'Structure model' struct_site                   
# 
loop_
_pdbx_audit_revision_item.ordinal 
_pdbx_audit_revision_item.revision_ordinal 
_pdbx_audit_revision_item.data_content_type 
_pdbx_audit_revision_item.item 
1 4 'Structure model' '_database_2.pdbx_DOI'                
2 4 'Structure model' '_database_2.pdbx_database_accession' 
3 4 'Structure model' '_struct_ref_seq_dif.details'         
4 4 'Structure model' '_struct_site.pdbx_auth_asym_id'      
5 4 'Structure model' '_struct_site.pdbx_auth_comp_id'      
6 4 'Structure model' '_struct_site.pdbx_auth_seq_id'       
# 
loop_
_software.name 
_software.classification 
_software.version 
_software.citation_id 
_software.pdbx_ordinal 
BSS    'data collection' .        ? 1 
AMoRE  phasing           .        ? 2 
REFMAC refinement        5.5.0109 ? 3 
MOSFLM 'data reduction'  .        ? 4 
SCALA  'data scaling'    .        ? 5 
# 
_pdbx_entry_details.entry_id                 3PCV 
_pdbx_entry_details.nonpolymer_details       
;LIGANDS ASSINGED UNL IN THE COORDINATES WERE SUPPOSED TO BE THE MALTOSIDE PORTIONS OF DODECYL MALTOSIDE, BUT THE ELECTRON DENSITY WAS NOT ENOUGH TO DETERMINE THE CORRECT ORIENTATIONS OF THE MALTOSIDE GROUPS.
;
_pdbx_entry_details.sequence_details         ? 
_pdbx_entry_details.compound_details         ? 
_pdbx_entry_details.source_details           ? 
_pdbx_entry_details.has_ligand_of_interest   ? 
# 
_pdbx_validate_symm_contact.id                1 
_pdbx_validate_symm_contact.PDB_model_num     1 
_pdbx_validate_symm_contact.auth_atom_id_1    C1 
_pdbx_validate_symm_contact.auth_asym_id_1    A 
_pdbx_validate_symm_contact.auth_comp_id_1    EDO 
_pdbx_validate_symm_contact.auth_seq_id_1     214 
_pdbx_validate_symm_contact.PDB_ins_code_1    ? 
_pdbx_validate_symm_contact.label_alt_id_1    ? 
_pdbx_validate_symm_contact.site_symmetry_1   1_555 
_pdbx_validate_symm_contact.auth_atom_id_2    C2 
_pdbx_validate_symm_contact.auth_asym_id_2    A 
_pdbx_validate_symm_contact.auth_comp_id_2    EDO 
_pdbx_validate_symm_contact.auth_seq_id_2     214 
_pdbx_validate_symm_contact.PDB_ins_code_2    ? 
_pdbx_validate_symm_contact.label_alt_id_2    ? 
_pdbx_validate_symm_contact.site_symmetry_2   48_555 
_pdbx_validate_symm_contact.dist              2.01 
# 
_pdbx_validate_torsion.id              1 
_pdbx_validate_torsion.PDB_model_num   1 
_pdbx_validate_torsion.auth_comp_id    HIS 
_pdbx_validate_torsion.auth_asym_id    A 
_pdbx_validate_torsion.auth_seq_id     75 
_pdbx_validate_torsion.PDB_ins_code    ? 
_pdbx_validate_torsion.label_alt_id    ? 
_pdbx_validate_torsion.phi             -171.32 
_pdbx_validate_torsion.psi             128.32 
# 
loop_
_pdbx_unobs_or_zero_occ_atoms.id 
_pdbx_unobs_or_zero_occ_atoms.PDB_model_num 
_pdbx_unobs_or_zero_occ_atoms.polymer_flag 
_pdbx_unobs_or_zero_occ_atoms.occupancy_flag 
_pdbx_unobs_or_zero_occ_atoms.auth_asym_id 
_pdbx_unobs_or_zero_occ_atoms.auth_comp_id 
_pdbx_unobs_or_zero_occ_atoms.auth_seq_id 
_pdbx_unobs_or_zero_occ_atoms.PDB_ins_code 
_pdbx_unobs_or_zero_occ_atoms.auth_atom_id 
_pdbx_unobs_or_zero_occ_atoms.label_alt_id 
_pdbx_unobs_or_zero_occ_atoms.label_asym_id 
_pdbx_unobs_or_zero_occ_atoms.label_comp_id 
_pdbx_unobs_or_zero_occ_atoms.label_seq_id 
_pdbx_unobs_or_zero_occ_atoms.label_atom_id 
1   1 Y 1 A MET 1   ? CG    ? A MET 1   CG    
2   1 Y 1 A MET 1   ? SD    ? A MET 1   SD    
3   1 Y 1 A MET 1   ? CE    ? A MET 1   CE    
4   1 Y 1 A LYS 2   ? NZ    ? A LYS 2   NZ    
5   1 Y 1 A ASP 3   ? CG    ? A ASP 3   CG    
6   1 Y 1 A ASP 3   ? OD1   ? A ASP 3   OD1   
7   1 Y 1 A ASP 3   ? OD2   ? A ASP 3   OD2   
8   1 Y 1 A GLU 4   ? CG    ? A GLU 4   CG    
9   1 Y 1 A GLU 4   ? CD    ? A GLU 4   CD    
10  1 Y 1 A GLU 4   ? OE1   ? A GLU 4   OE1   
11  1 Y 1 A GLU 4   ? OE2   ? A GLU 4   OE2   
12  1 Y 1 A ARG 31  ? CG    ? A ARG 31  CG    
13  1 Y 1 A ARG 31  ? CD    ? A ARG 31  CD    
14  1 Y 1 A ARG 31  ? NE    ? A ARG 31  NE    
15  1 Y 1 A ARG 31  ? CZ    ? A ARG 31  CZ    
16  1 Y 1 A ARG 31  ? NH1   ? A ARG 31  NH1   
17  1 Y 1 A ARG 31  ? NH2   ? A ARG 31  NH2   
18  1 Y 1 A ARG 142 ? CD    ? A ARG 142 CD    
19  1 Y 1 A ARG 142 ? NE    ? A ARG 142 NE    
20  1 Y 1 A ARG 142 ? CZ    ? A ARG 142 CZ    
21  1 Y 1 A ARG 142 ? NH1   ? A ARG 142 NH1   
22  1 Y 1 A ARG 142 ? NH2   ? A ARG 142 NH2   
23  1 Y 1 A ARG 144 ? CG    ? A ARG 144 CG    
24  1 Y 1 A ARG 144 ? CD    ? A ARG 144 CD    
25  1 Y 1 A ARG 144 ? NE    ? A ARG 144 NE    
26  1 Y 1 A ARG 144 ? CZ    ? A ARG 144 CZ    
27  1 Y 1 A ARG 144 ? NH1   ? A ARG 144 NH1   
28  1 Y 1 A ARG 144 ? NH2   ? A ARG 144 NH2   
29  1 Y 1 A THR 145 ? CB    ? A THR 145 CB    
30  1 Y 1 A THR 145 ? OG1   ? A THR 145 OG1   
31  1 Y 1 A THR 145 ? CG2   ? A THR 145 CG2   
32  1 N 1 A LMT 203 ? C1B   ? C LMT 1   C1B   
33  1 N 1 A LMT 203 ? C2B   ? C LMT 1   C2B   
34  1 N 1 A LMT 203 ? C3B   ? C LMT 1   C3B   
35  1 N 1 A LMT 203 ? C4B   ? C LMT 1   C4B   
36  1 N 1 A LMT 203 ? C5B   ? C LMT 1   C5B   
37  1 N 1 A LMT 203 ? C6B   ? C LMT 1   C6B   
38  1 N 1 A LMT 203 ? O1B   ? C LMT 1   O1B   
39  1 N 1 A LMT 203 ? O2B   ? C LMT 1   O2B   
40  1 N 1 A LMT 203 ? O3B   ? C LMT 1   O3B   
41  1 N 1 A LMT 203 ? "O4'" ? C LMT 1   "O4'" 
42  1 N 1 A LMT 203 ? O5B   ? C LMT 1   O5B   
43  1 N 1 A LMT 203 ? O6B   ? C LMT 1   O6B   
44  1 N 1 A LMT 203 ? "C1'" ? C LMT 1   "C1'" 
45  1 N 1 A LMT 203 ? "C2'" ? C LMT 1   "C2'" 
46  1 N 1 A LMT 203 ? "C3'" ? C LMT 1   "C3'" 
47  1 N 1 A LMT 203 ? "C4'" ? C LMT 1   "C4'" 
48  1 N 1 A LMT 203 ? "C5'" ? C LMT 1   "C5'" 
49  1 N 1 A LMT 203 ? "C6'" ? C LMT 1   "C6'" 
50  1 N 1 A LMT 203 ? "O1'" ? C LMT 1   "O1'" 
51  1 N 1 A LMT 203 ? "O2'" ? C LMT 1   "O2'" 
52  1 N 1 A LMT 203 ? "O3'" ? C LMT 1   "O3'" 
53  1 N 1 A LMT 203 ? "O5'" ? C LMT 1   "O5'" 
54  1 N 1 A LMT 203 ? "O6'" ? C LMT 1   "O6'" 
55  1 N 1 A LMT 204 ? C1B   ? D LMT 1   C1B   
56  1 N 1 A LMT 204 ? C2B   ? D LMT 1   C2B   
57  1 N 1 A LMT 204 ? C3B   ? D LMT 1   C3B   
58  1 N 1 A LMT 204 ? C4B   ? D LMT 1   C4B   
59  1 N 1 A LMT 204 ? C5B   ? D LMT 1   C5B   
60  1 N 1 A LMT 204 ? C6B   ? D LMT 1   C6B   
61  1 N 1 A LMT 204 ? O1B   ? D LMT 1   O1B   
62  1 N 1 A LMT 204 ? O2B   ? D LMT 1   O2B   
63  1 N 1 A LMT 204 ? O3B   ? D LMT 1   O3B   
64  1 N 1 A LMT 204 ? "O4'" ? D LMT 1   "O4'" 
65  1 N 1 A LMT 204 ? O5B   ? D LMT 1   O5B   
66  1 N 1 A LMT 204 ? O6B   ? D LMT 1   O6B   
67  1 N 1 A LMT 204 ? "C1'" ? D LMT 1   "C1'" 
68  1 N 1 A LMT 204 ? "C2'" ? D LMT 1   "C2'" 
69  1 N 1 A LMT 204 ? "C3'" ? D LMT 1   "C3'" 
70  1 N 1 A LMT 204 ? "C4'" ? D LMT 1   "C4'" 
71  1 N 1 A LMT 204 ? "C5'" ? D LMT 1   "C5'" 
72  1 N 1 A LMT 204 ? "C6'" ? D LMT 1   "C6'" 
73  1 N 1 A LMT 204 ? "O1'" ? D LMT 1   "O1'" 
74  1 N 1 A LMT 204 ? "O2'" ? D LMT 1   "O2'" 
75  1 N 1 A LMT 204 ? "O3'" ? D LMT 1   "O3'" 
76  1 N 1 A LMT 204 ? "O5'" ? D LMT 1   "O5'" 
77  1 N 1 A LMT 204 ? "O6'" ? D LMT 1   "O6'" 
78  1 N 1 A LMT 204 ? C1    ? D LMT 1   C1    
79  1 N 1 A LMT 205 ? C1B   ? E LMT 1   C1B   
80  1 N 1 A LMT 205 ? C2B   ? E LMT 1   C2B   
81  1 N 1 A LMT 205 ? C3B   ? E LMT 1   C3B   
82  1 N 1 A LMT 205 ? C4B   ? E LMT 1   C4B   
83  1 N 1 A LMT 205 ? C5B   ? E LMT 1   C5B   
84  1 N 1 A LMT 205 ? C6B   ? E LMT 1   C6B   
85  1 N 1 A LMT 205 ? O1B   ? E LMT 1   O1B   
86  1 N 1 A LMT 205 ? O2B   ? E LMT 1   O2B   
87  1 N 1 A LMT 205 ? O3B   ? E LMT 1   O3B   
88  1 N 1 A LMT 205 ? "O4'" ? E LMT 1   "O4'" 
89  1 N 1 A LMT 205 ? O5B   ? E LMT 1   O5B   
90  1 N 1 A LMT 205 ? O6B   ? E LMT 1   O6B   
91  1 N 1 A LMT 205 ? "C1'" ? E LMT 1   "C1'" 
92  1 N 1 A LMT 205 ? "C2'" ? E LMT 1   "C2'" 
93  1 N 1 A LMT 205 ? "C3'" ? E LMT 1   "C3'" 
94  1 N 1 A LMT 205 ? "C4'" ? E LMT 1   "C4'" 
95  1 N 1 A LMT 205 ? "C5'" ? E LMT 1   "C5'" 
96  1 N 1 A LMT 205 ? "C6'" ? E LMT 1   "C6'" 
97  1 N 1 A LMT 205 ? "O2'" ? E LMT 1   "O2'" 
98  1 N 1 A LMT 205 ? "O3'" ? E LMT 1   "O3'" 
99  1 N 1 A LMT 205 ? "O5'" ? E LMT 1   "O5'" 
100 1 N 1 A LMT 205 ? "O6'" ? E LMT 1   "O6'" 
101 1 N 1 A LMT 206 ? C1B   ? F LMT 1   C1B   
102 1 N 1 A LMT 206 ? C2B   ? F LMT 1   C2B   
103 1 N 1 A LMT 206 ? C3B   ? F LMT 1   C3B   
104 1 N 1 A LMT 206 ? C4B   ? F LMT 1   C4B   
105 1 N 1 A LMT 206 ? C5B   ? F LMT 1   C5B   
106 1 N 1 A LMT 206 ? C6B   ? F LMT 1   C6B   
107 1 N 1 A LMT 206 ? O1B   ? F LMT 1   O1B   
108 1 N 1 A LMT 206 ? O2B   ? F LMT 1   O2B   
109 1 N 1 A LMT 206 ? O3B   ? F LMT 1   O3B   
110 1 N 1 A LMT 206 ? "O4'" ? F LMT 1   "O4'" 
111 1 N 1 A LMT 206 ? O5B   ? F LMT 1   O5B   
112 1 N 1 A LMT 206 ? O6B   ? F LMT 1   O6B   
113 1 N 1 A LMT 206 ? "C1'" ? F LMT 1   "C1'" 
114 1 N 1 A LMT 206 ? "C2'" ? F LMT 1   "C2'" 
115 1 N 1 A LMT 206 ? "C3'" ? F LMT 1   "C3'" 
116 1 N 1 A LMT 206 ? "C4'" ? F LMT 1   "C4'" 
117 1 N 1 A LMT 206 ? "C5'" ? F LMT 1   "C5'" 
118 1 N 1 A LMT 206 ? "C6'" ? F LMT 1   "C6'" 
119 1 N 1 A LMT 206 ? "O1'" ? F LMT 1   "O1'" 
120 1 N 1 A LMT 206 ? "O2'" ? F LMT 1   "O2'" 
121 1 N 1 A LMT 206 ? "O3'" ? F LMT 1   "O3'" 
122 1 N 1 A LMT 206 ? "O5'" ? F LMT 1   "O5'" 
123 1 N 1 A LMT 206 ? "O6'" ? F LMT 1   "O6'" 
124 1 N 1 A LMT 206 ? C1    ? F LMT 1   C1    
125 1 N 1 A LMT 206 ? C2    ? F LMT 1   C2    
126 1 N 1 A LMT 206 ? C3    ? F LMT 1   C3    
127 1 N 1 A LMT 207 ? C1B   ? G LMT 1   C1B   
128 1 N 1 A LMT 207 ? C2B   ? G LMT 1   C2B   
129 1 N 1 A LMT 207 ? C3B   ? G LMT 1   C3B   
130 1 N 1 A LMT 207 ? C4B   ? G LMT 1   C4B   
131 1 N 1 A LMT 207 ? C5B   ? G LMT 1   C5B   
132 1 N 1 A LMT 207 ? C6B   ? G LMT 1   C6B   
133 1 N 1 A LMT 207 ? O1B   ? G LMT 1   O1B   
134 1 N 1 A LMT 207 ? O2B   ? G LMT 1   O2B   
135 1 N 1 A LMT 207 ? O3B   ? G LMT 1   O3B   
136 1 N 1 A LMT 207 ? "O4'" ? G LMT 1   "O4'" 
137 1 N 1 A LMT 207 ? O5B   ? G LMT 1   O5B   
138 1 N 1 A LMT 207 ? O6B   ? G LMT 1   O6B   
139 1 N 1 A LMT 207 ? "C1'" ? G LMT 1   "C1'" 
140 1 N 1 A LMT 207 ? "C2'" ? G LMT 1   "C2'" 
141 1 N 1 A LMT 207 ? "C3'" ? G LMT 1   "C3'" 
142 1 N 1 A LMT 207 ? "C4'" ? G LMT 1   "C4'" 
143 1 N 1 A LMT 207 ? "C5'" ? G LMT 1   "C5'" 
144 1 N 1 A LMT 207 ? "C6'" ? G LMT 1   "C6'" 
145 1 N 1 A LMT 207 ? "O2'" ? G LMT 1   "O2'" 
146 1 N 1 A LMT 207 ? "O3'" ? G LMT 1   "O3'" 
147 1 N 1 A LMT 207 ? "O5'" ? G LMT 1   "O5'" 
148 1 N 1 A LMT 207 ? "O6'" ? G LMT 1   "O6'" 
149 1 N 1 A LMT 208 ? C1B   ? H LMT 1   C1B   
150 1 N 1 A LMT 208 ? C2B   ? H LMT 1   C2B   
151 1 N 1 A LMT 208 ? C3B   ? H LMT 1   C3B   
152 1 N 1 A LMT 208 ? C4B   ? H LMT 1   C4B   
153 1 N 1 A LMT 208 ? C5B   ? H LMT 1   C5B   
154 1 N 1 A LMT 208 ? C6B   ? H LMT 1   C6B   
155 1 N 1 A LMT 208 ? O1B   ? H LMT 1   O1B   
156 1 N 1 A LMT 208 ? O2B   ? H LMT 1   O2B   
157 1 N 1 A LMT 208 ? O3B   ? H LMT 1   O3B   
158 1 N 1 A LMT 208 ? "O4'" ? H LMT 1   "O4'" 
159 1 N 1 A LMT 208 ? O5B   ? H LMT 1   O5B   
160 1 N 1 A LMT 208 ? O6B   ? H LMT 1   O6B   
161 1 N 1 A LMT 208 ? "C2'" ? H LMT 1   "C2'" 
162 1 N 1 A LMT 208 ? "C3'" ? H LMT 1   "C3'" 
163 1 N 1 A LMT 208 ? "C4'" ? H LMT 1   "C4'" 
164 1 N 1 A LMT 208 ? "C5'" ? H LMT 1   "C5'" 
165 1 N 1 A LMT 208 ? "C6'" ? H LMT 1   "C6'" 
166 1 N 1 A LMT 208 ? "O2'" ? H LMT 1   "O2'" 
167 1 N 1 A LMT 208 ? "O3'" ? H LMT 1   "O3'" 
168 1 N 1 A LMT 208 ? "O5'" ? H LMT 1   "O5'" 
169 1 N 1 A LMT 208 ? "O6'" ? H LMT 1   "O6'" 
170 1 N 1 A LMT 209 ? C1B   ? I LMT 1   C1B   
171 1 N 1 A LMT 209 ? C2B   ? I LMT 1   C2B   
172 1 N 1 A LMT 209 ? C3B   ? I LMT 1   C3B   
173 1 N 1 A LMT 209 ? C4B   ? I LMT 1   C4B   
174 1 N 1 A LMT 209 ? C5B   ? I LMT 1   C5B   
175 1 N 1 A LMT 209 ? C6B   ? I LMT 1   C6B   
176 1 N 1 A LMT 209 ? O1B   ? I LMT 1   O1B   
177 1 N 1 A LMT 209 ? O2B   ? I LMT 1   O2B   
178 1 N 1 A LMT 209 ? O3B   ? I LMT 1   O3B   
179 1 N 1 A LMT 209 ? "O4'" ? I LMT 1   "O4'" 
180 1 N 1 A LMT 209 ? O5B   ? I LMT 1   O5B   
181 1 N 1 A LMT 209 ? O6B   ? I LMT 1   O6B   
182 1 N 1 A LMT 209 ? "C1'" ? I LMT 1   "C1'" 
183 1 N 1 A LMT 209 ? "C2'" ? I LMT 1   "C2'" 
184 1 N 1 A LMT 209 ? "C3'" ? I LMT 1   "C3'" 
185 1 N 1 A LMT 209 ? "C4'" ? I LMT 1   "C4'" 
186 1 N 1 A LMT 209 ? "C5'" ? I LMT 1   "C5'" 
187 1 N 1 A LMT 209 ? "C6'" ? I LMT 1   "C6'" 
188 1 N 1 A LMT 209 ? "O1'" ? I LMT 1   "O1'" 
189 1 N 1 A LMT 209 ? "O2'" ? I LMT 1   "O2'" 
190 1 N 1 A LMT 209 ? "O3'" ? I LMT 1   "O3'" 
191 1 N 1 A LMT 209 ? "O5'" ? I LMT 1   "O5'" 
192 1 N 1 A LMT 209 ? "O6'" ? I LMT 1   "O6'" 
193 1 N 1 A LMT 209 ? C1    ? I LMT 1   C1    
194 1 N 1 A LMT 209 ? C2    ? I LMT 1   C2    
195 1 N 1 A LMT 210 ? C1B   ? J LMT 1   C1B   
196 1 N 1 A LMT 210 ? C2B   ? J LMT 1   C2B   
197 1 N 1 A LMT 210 ? C3B   ? J LMT 1   C3B   
198 1 N 1 A LMT 210 ? C4B   ? J LMT 1   C4B   
199 1 N 1 A LMT 210 ? C5B   ? J LMT 1   C5B   
200 1 N 1 A LMT 210 ? C6B   ? J LMT 1   C6B   
201 1 N 1 A LMT 210 ? O1B   ? J LMT 1   O1B   
202 1 N 1 A LMT 210 ? O2B   ? J LMT 1   O2B   
203 1 N 1 A LMT 210 ? O3B   ? J LMT 1   O3B   
204 1 N 1 A LMT 210 ? "O4'" ? J LMT 1   "O4'" 
205 1 N 1 A LMT 210 ? O5B   ? J LMT 1   O5B   
206 1 N 1 A LMT 210 ? O6B   ? J LMT 1   O6B   
207 1 N 1 A LMT 210 ? "C1'" ? J LMT 1   "C1'" 
208 1 N 1 A LMT 210 ? "C2'" ? J LMT 1   "C2'" 
209 1 N 1 A LMT 210 ? "C3'" ? J LMT 1   "C3'" 
210 1 N 1 A LMT 210 ? "C4'" ? J LMT 1   "C4'" 
211 1 N 1 A LMT 210 ? "C5'" ? J LMT 1   "C5'" 
212 1 N 1 A LMT 210 ? "C6'" ? J LMT 1   "C6'" 
213 1 N 1 A LMT 210 ? "O1'" ? J LMT 1   "O1'" 
214 1 N 1 A LMT 210 ? "O2'" ? J LMT 1   "O2'" 
215 1 N 1 A LMT 210 ? "O3'" ? J LMT 1   "O3'" 
216 1 N 1 A LMT 210 ? "O5'" ? J LMT 1   "O5'" 
217 1 N 1 A LMT 210 ? "O6'" ? J LMT 1   "O6'" 
218 1 N 1 A LMT 210 ? C1    ? J LMT 1   C1    
219 1 N 1 A LMT 210 ? C2    ? J LMT 1   C2    
220 1 N 1 A LMT 210 ? C3    ? J LMT 1   C3    
221 1 N 1 A LMT 210 ? C4    ? J LMT 1   C4    
222 1 N 1 A LMT 210 ? C5    ? J LMT 1   C5    
223 1 N 1 A LMT 210 ? C6    ? J LMT 1   C6    
224 1 N 1 A LMT 210 ? C7    ? J LMT 1   C7    
225 1 N 1 A LMT 210 ? C12   ? J LMT 1   C12   
226 1 N 1 A LMT 211 ? C1B   ? K LMT 1   C1B   
227 1 N 1 A LMT 211 ? C2B   ? K LMT 1   C2B   
228 1 N 1 A LMT 211 ? C3B   ? K LMT 1   C3B   
229 1 N 1 A LMT 211 ? C4B   ? K LMT 1   C4B   
230 1 N 1 A LMT 211 ? C5B   ? K LMT 1   C5B   
231 1 N 1 A LMT 211 ? C6B   ? K LMT 1   C6B   
232 1 N 1 A LMT 211 ? O1B   ? K LMT 1   O1B   
233 1 N 1 A LMT 211 ? O2B   ? K LMT 1   O2B   
234 1 N 1 A LMT 211 ? O3B   ? K LMT 1   O3B   
235 1 N 1 A LMT 211 ? "O4'" ? K LMT 1   "O4'" 
236 1 N 1 A LMT 211 ? O5B   ? K LMT 1   O5B   
237 1 N 1 A LMT 211 ? O6B   ? K LMT 1   O6B   
238 1 N 1 A LMT 211 ? "C1'" ? K LMT 1   "C1'" 
239 1 N 1 A LMT 211 ? "C2'" ? K LMT 1   "C2'" 
240 1 N 1 A LMT 211 ? "C3'" ? K LMT 1   "C3'" 
241 1 N 1 A LMT 211 ? "C4'" ? K LMT 1   "C4'" 
242 1 N 1 A LMT 211 ? "C5'" ? K LMT 1   "C5'" 
243 1 N 1 A LMT 211 ? "C6'" ? K LMT 1   "C6'" 
244 1 N 1 A LMT 211 ? "O1'" ? K LMT 1   "O1'" 
245 1 N 1 A LMT 211 ? "O2'" ? K LMT 1   "O2'" 
246 1 N 1 A LMT 211 ? "O3'" ? K LMT 1   "O3'" 
247 1 N 1 A LMT 211 ? "O5'" ? K LMT 1   "O5'" 
248 1 N 1 A LMT 211 ? "O6'" ? K LMT 1   "O6'" 
249 1 N 1 A LMT 211 ? C1    ? K LMT 1   C1    
250 1 N 1 A LMT 211 ? C2    ? K LMT 1   C2    
251 1 N 1 A LMT 212 ? C1B   ? L LMT 1   C1B   
252 1 N 1 A LMT 212 ? C2B   ? L LMT 1   C2B   
253 1 N 1 A LMT 212 ? C3B   ? L LMT 1   C3B   
254 1 N 1 A LMT 212 ? C4B   ? L LMT 1   C4B   
255 1 N 1 A LMT 212 ? C5B   ? L LMT 1   C5B   
256 1 N 1 A LMT 212 ? C6B   ? L LMT 1   C6B   
257 1 N 1 A LMT 212 ? O1B   ? L LMT 1   O1B   
258 1 N 1 A LMT 212 ? O2B   ? L LMT 1   O2B   
259 1 N 1 A LMT 212 ? O3B   ? L LMT 1   O3B   
260 1 N 1 A LMT 212 ? "O4'" ? L LMT 1   "O4'" 
261 1 N 1 A LMT 212 ? O5B   ? L LMT 1   O5B   
262 1 N 1 A LMT 212 ? O6B   ? L LMT 1   O6B   
263 1 N 1 A LMT 212 ? "C1'" ? L LMT 1   "C1'" 
264 1 N 1 A LMT 212 ? "C2'" ? L LMT 1   "C2'" 
265 1 N 1 A LMT 212 ? "C3'" ? L LMT 1   "C3'" 
266 1 N 1 A LMT 212 ? "C4'" ? L LMT 1   "C4'" 
267 1 N 1 A LMT 212 ? "C5'" ? L LMT 1   "C5'" 
268 1 N 1 A LMT 212 ? "C6'" ? L LMT 1   "C6'" 
269 1 N 1 A LMT 212 ? "O1'" ? L LMT 1   "O1'" 
270 1 N 1 A LMT 212 ? "O2'" ? L LMT 1   "O2'" 
271 1 N 1 A LMT 212 ? "O3'" ? L LMT 1   "O3'" 
272 1 N 1 A LMT 212 ? "O5'" ? L LMT 1   "O5'" 
273 1 N 1 A LMT 212 ? "O6'" ? L LMT 1   "O6'" 
274 1 N 1 A LMT 212 ? C1    ? L LMT 1   C1    
275 1 N 1 A LMT 212 ? C2    ? L LMT 1   C2    
276 1 N 1 A LMT 212 ? C3    ? L LMT 1   C3    
277 1 N 1 A LMT 212 ? C4    ? L LMT 1   C4    
278 1 N 1 A LMT 212 ? C5    ? L LMT 1   C5    
279 1 N 1 A LMT 212 ? C6    ? L LMT 1   C6    
280 1 N 1 A LMT 212 ? C7    ? L LMT 1   C7    
281 1 N 1 A LMT 212 ? C8    ? L LMT 1   C8    
282 1 N 1 A LMT 213 ? C1B   ? M LMT 1   C1B   
283 1 N 1 A LMT 213 ? C2B   ? M LMT 1   C2B   
284 1 N 1 A LMT 213 ? C3B   ? M LMT 1   C3B   
285 1 N 1 A LMT 213 ? C4B   ? M LMT 1   C4B   
286 1 N 1 A LMT 213 ? C5B   ? M LMT 1   C5B   
287 1 N 1 A LMT 213 ? C6B   ? M LMT 1   C6B   
288 1 N 1 A LMT 213 ? O1B   ? M LMT 1   O1B   
289 1 N 1 A LMT 213 ? O2B   ? M LMT 1   O2B   
290 1 N 1 A LMT 213 ? O3B   ? M LMT 1   O3B   
291 1 N 1 A LMT 213 ? "O4'" ? M LMT 1   "O4'" 
292 1 N 1 A LMT 213 ? O5B   ? M LMT 1   O5B   
293 1 N 1 A LMT 213 ? O6B   ? M LMT 1   O6B   
294 1 N 1 A LMT 213 ? "C1'" ? M LMT 1   "C1'" 
295 1 N 1 A LMT 213 ? "C2'" ? M LMT 1   "C2'" 
296 1 N 1 A LMT 213 ? "C3'" ? M LMT 1   "C3'" 
297 1 N 1 A LMT 213 ? "C4'" ? M LMT 1   "C4'" 
298 1 N 1 A LMT 213 ? "C5'" ? M LMT 1   "C5'" 
299 1 N 1 A LMT 213 ? "C6'" ? M LMT 1   "C6'" 
300 1 N 1 A LMT 213 ? "O1'" ? M LMT 1   "O1'" 
301 1 N 1 A LMT 213 ? "O2'" ? M LMT 1   "O2'" 
302 1 N 1 A LMT 213 ? "O3'" ? M LMT 1   "O3'" 
303 1 N 1 A LMT 213 ? "O5'" ? M LMT 1   "O5'" 
304 1 N 1 A LMT 213 ? "O6'" ? M LMT 1   "O6'" 
305 1 N 1 A LMT 213 ? C1    ? M LMT 1   C1    
306 1 N 1 A LMT 213 ? C2    ? M LMT 1   C2    
307 1 N 1 A LMT 213 ? C3    ? M LMT 1   C3    
308 1 N 1 A LMT 213 ? C4    ? M LMT 1   C4    
309 1 N 1 A LMT 213 ? C5    ? M LMT 1   C5    
310 1 N 1 A LMT 213 ? C6    ? M LMT 1   C6    
# 
loop_
_pdbx_unobs_or_zero_occ_residues.id 
_pdbx_unobs_or_zero_occ_residues.PDB_model_num 
_pdbx_unobs_or_zero_occ_residues.polymer_flag 
_pdbx_unobs_or_zero_occ_residues.occupancy_flag 
_pdbx_unobs_or_zero_occ_residues.auth_asym_id 
_pdbx_unobs_or_zero_occ_residues.auth_comp_id 
_pdbx_unobs_or_zero_occ_residues.auth_seq_id 
_pdbx_unobs_or_zero_occ_residues.PDB_ins_code 
_pdbx_unobs_or_zero_occ_residues.label_asym_id 
_pdbx_unobs_or_zero_occ_residues.label_comp_id 
_pdbx_unobs_or_zero_occ_residues.label_seq_id 
1  1 Y 1 A LEU 147 ? A LEU 147 
2  1 Y 1 A PRO 148 ? A PRO 148 
3  1 Y 1 A TRP 149 ? A TRP 149 
4  1 Y 1 A ALA 150 ? A ALA 150 
5  1 Y 1 A HIS 151 ? A HIS 151 
6  1 Y 1 A HIS 152 ? A HIS 152 
7  1 Y 1 A HIS 153 ? A HIS 153 
8  1 Y 1 A HIS 154 ? A HIS 154 
9  1 Y 1 A HIS 155 ? A HIS 155 
10 1 Y 1 A HIS 156 ? A HIS 156 
# 
loop_
_chem_comp_atom.comp_id 
_chem_comp_atom.atom_id 
_chem_comp_atom.type_symbol 
_chem_comp_atom.pdbx_aromatic_flag 
_chem_comp_atom.pdbx_stereo_config 
_chem_comp_atom.pdbx_ordinal 
ALA N      N N N 1   
ALA CA     C N S 2   
ALA C      C N N 3   
ALA O      O N N 4   
ALA CB     C N N 5   
ALA OXT    O N N 6   
ALA H      H N N 7   
ALA H2     H N N 8   
ALA HA     H N N 9   
ALA HB1    H N N 10  
ALA HB2    H N N 11  
ALA HB3    H N N 12  
ALA HXT    H N N 13  
ARG N      N N N 14  
ARG CA     C N S 15  
ARG C      C N N 16  
ARG O      O N N 17  
ARG CB     C N N 18  
ARG CG     C N N 19  
ARG CD     C N N 20  
ARG NE     N N N 21  
ARG CZ     C N N 22  
ARG NH1    N N N 23  
ARG NH2    N N N 24  
ARG OXT    O N N 25  
ARG H      H N N 26  
ARG H2     H N N 27  
ARG HA     H N N 28  
ARG HB2    H N N 29  
ARG HB3    H N N 30  
ARG HG2    H N N 31  
ARG HG3    H N N 32  
ARG HD2    H N N 33  
ARG HD3    H N N 34  
ARG HE     H N N 35  
ARG HH11   H N N 36  
ARG HH12   H N N 37  
ARG HH21   H N N 38  
ARG HH22   H N N 39  
ARG HXT    H N N 40  
ASN N      N N N 41  
ASN CA     C N S 42  
ASN C      C N N 43  
ASN O      O N N 44  
ASN CB     C N N 45  
ASN CG     C N N 46  
ASN OD1    O N N 47  
ASN ND2    N N N 48  
ASN OXT    O N N 49  
ASN H      H N N 50  
ASN H2     H N N 51  
ASN HA     H N N 52  
ASN HB2    H N N 53  
ASN HB3    H N N 54  
ASN HD21   H N N 55  
ASN HD22   H N N 56  
ASN HXT    H N N 57  
ASP N      N N N 58  
ASP CA     C N S 59  
ASP C      C N N 60  
ASP O      O N N 61  
ASP CB     C N N 62  
ASP CG     C N N 63  
ASP OD1    O N N 64  
ASP OD2    O N N 65  
ASP OXT    O N N 66  
ASP H      H N N 67  
ASP H2     H N N 68  
ASP HA     H N N 69  
ASP HB2    H N N 70  
ASP HB3    H N N 71  
ASP HD2    H N N 72  
ASP HXT    H N N 73  
CYS N      N N N 74  
CYS CA     C N R 75  
CYS C      C N N 76  
CYS O      O N N 77  
CYS CB     C N N 78  
CYS SG     S N N 79  
CYS OXT    O N N 80  
CYS H      H N N 81  
CYS H2     H N N 82  
CYS HA     H N N 83  
CYS HB2    H N N 84  
CYS HB3    H N N 85  
CYS HG     H N N 86  
CYS HXT    H N N 87  
EDO C1     C N N 88  
EDO O1     O N N 89  
EDO C2     C N N 90  
EDO O2     O N N 91  
EDO H11    H N N 92  
EDO H12    H N N 93  
EDO HO1    H N N 94  
EDO H21    H N N 95  
EDO H22    H N N 96  
EDO HO2    H N N 97  
GLN N      N N N 98  
GLN CA     C N S 99  
GLN C      C N N 100 
GLN O      O N N 101 
GLN CB     C N N 102 
GLN CG     C N N 103 
GLN CD     C N N 104 
GLN OE1    O N N 105 
GLN NE2    N N N 106 
GLN OXT    O N N 107 
GLN H      H N N 108 
GLN H2     H N N 109 
GLN HA     H N N 110 
GLN HB2    H N N 111 
GLN HB3    H N N 112 
GLN HG2    H N N 113 
GLN HG3    H N N 114 
GLN HE21   H N N 115 
GLN HE22   H N N 116 
GLN HXT    H N N 117 
GLU N      N N N 118 
GLU CA     C N S 119 
GLU C      C N N 120 
GLU O      O N N 121 
GLU CB     C N N 122 
GLU CG     C N N 123 
GLU CD     C N N 124 
GLU OE1    O N N 125 
GLU OE2    O N N 126 
GLU OXT    O N N 127 
GLU H      H N N 128 
GLU H2     H N N 129 
GLU HA     H N N 130 
GLU HB2    H N N 131 
GLU HB3    H N N 132 
GLU HG2    H N N 133 
GLU HG3    H N N 134 
GLU HE2    H N N 135 
GLU HXT    H N N 136 
GLY N      N N N 137 
GLY CA     C N N 138 
GLY C      C N N 139 
GLY O      O N N 140 
GLY OXT    O N N 141 
GLY H      H N N 142 
GLY H2     H N N 143 
GLY HA2    H N N 144 
GLY HA3    H N N 145 
GLY HXT    H N N 146 
GSH N1     N N N 147 
GSH CA1    C N S 148 
GSH C1     C N N 149 
GSH O11    O N N 150 
GSH O12    O N N 151 
GSH CB1    C N N 152 
GSH CG1    C N N 153 
GSH CD1    C N N 154 
GSH OE1    O N N 155 
GSH N2     N N N 156 
GSH CA2    C N R 157 
GSH C2     C N N 158 
GSH O2     O N N 159 
GSH CB2    C N N 160 
GSH SG2    S N N 161 
GSH N3     N N N 162 
GSH CA3    C N N 163 
GSH C3     C N N 164 
GSH O31    O N N 165 
GSH O32    O N N 166 
GSH HN11   H N N 167 
GSH HN12   H N N 168 
GSH HA1    H N N 169 
GSH H12    H N N 170 
GSH HB12   H N N 171 
GSH HB13   H N N 172 
GSH HG12   H N N 173 
GSH HG13   H N N 174 
GSH HN2    H N N 175 
GSH HA2    H N N 176 
GSH HB22   H N N 177 
GSH HB23   H N N 178 
GSH HSG    H N N 179 
GSH HN3    H N N 180 
GSH HA31   H N N 181 
GSH HA32   H N N 182 
GSH H32    H N N 183 
HIS N      N N N 184 
HIS CA     C N S 185 
HIS C      C N N 186 
HIS O      O N N 187 
HIS CB     C N N 188 
HIS CG     C Y N 189 
HIS ND1    N Y N 190 
HIS CD2    C Y N 191 
HIS CE1    C Y N 192 
HIS NE2    N Y N 193 
HIS OXT    O N N 194 
HIS H      H N N 195 
HIS H2     H N N 196 
HIS HA     H N N 197 
HIS HB2    H N N 198 
HIS HB3    H N N 199 
HIS HD1    H N N 200 
HIS HD2    H N N 201 
HIS HE1    H N N 202 
HIS HE2    H N N 203 
HIS HXT    H N N 204 
HOH O      O N N 205 
HOH H1     H N N 206 
HOH H2     H N N 207 
ILE N      N N N 208 
ILE CA     C N S 209 
ILE C      C N N 210 
ILE O      O N N 211 
ILE CB     C N S 212 
ILE CG1    C N N 213 
ILE CG2    C N N 214 
ILE CD1    C N N 215 
ILE OXT    O N N 216 
ILE H      H N N 217 
ILE H2     H N N 218 
ILE HA     H N N 219 
ILE HB     H N N 220 
ILE HG12   H N N 221 
ILE HG13   H N N 222 
ILE HG21   H N N 223 
ILE HG22   H N N 224 
ILE HG23   H N N 225 
ILE HD11   H N N 226 
ILE HD12   H N N 227 
ILE HD13   H N N 228 
ILE HXT    H N N 229 
LEU N      N N N 230 
LEU CA     C N S 231 
LEU C      C N N 232 
LEU O      O N N 233 
LEU CB     C N N 234 
LEU CG     C N N 235 
LEU CD1    C N N 236 
LEU CD2    C N N 237 
LEU OXT    O N N 238 
LEU H      H N N 239 
LEU H2     H N N 240 
LEU HA     H N N 241 
LEU HB2    H N N 242 
LEU HB3    H N N 243 
LEU HG     H N N 244 
LEU HD11   H N N 245 
LEU HD12   H N N 246 
LEU HD13   H N N 247 
LEU HD21   H N N 248 
LEU HD22   H N N 249 
LEU HD23   H N N 250 
LEU HXT    H N N 251 
LMT C1B    C N R 252 
LMT C2B    C N R 253 
LMT C3B    C N S 254 
LMT C4B    C N S 255 
LMT C5B    C N R 256 
LMT C6B    C N N 257 
LMT O1B    O N N 258 
LMT O2B    O N N 259 
LMT O3B    O N N 260 
LMT "O4'"  O N N 261 
LMT O5B    O N N 262 
LMT O6B    O N N 263 
LMT "C1'"  C N R 264 
LMT "C2'"  C N R 265 
LMT "C3'"  C N R 266 
LMT "C4'"  C N S 267 
LMT "C5'"  C N R 268 
LMT "C6'"  C N N 269 
LMT "O1'"  O N N 270 
LMT "O2'"  O N N 271 
LMT "O3'"  O N N 272 
LMT "O5'"  O N N 273 
LMT "O6'"  O N N 274 
LMT C1     C N N 275 
LMT C2     C N N 276 
LMT C3     C N N 277 
LMT C4     C N N 278 
LMT C5     C N N 279 
LMT C6     C N N 280 
LMT C7     C N N 281 
LMT C8     C N N 282 
LMT C9     C N N 283 
LMT C10    C N N 284 
LMT C11    C N N 285 
LMT C12    C N N 286 
LMT H1B    H N N 287 
LMT H2B    H N N 288 
LMT H3B    H N N 289 
LMT H4B    H N N 290 
LMT H5B    H N N 291 
LMT "H6'2" H N N 292 
LMT "H6'1" H N N 293 
LMT H2O1   H N N 294 
LMT H3O1   H N N 295 
LMT H4O1   H N N 296 
LMT H6B    H N N 297 
LMT "H1'"  H N N 298 
LMT "H2'"  H N N 299 
LMT "H3'"  H N N 300 
LMT "H4'"  H N N 301 
LMT "H5'"  H N N 302 
LMT H6D    H N N 303 
LMT H6E    H N N 304 
LMT H2O2   H N N 305 
LMT H3O2   H N N 306 
LMT "H6'"  H N N 307 
LMT H12    H N N 308 
LMT H11    H N N 309 
LMT H22    H N N 310 
LMT H21    H N N 311 
LMT H32    H N N 312 
LMT H31    H N N 313 
LMT H42    H N N 314 
LMT H41    H N N 315 
LMT H52    H N N 316 
LMT H51    H N N 317 
LMT H62    H N N 318 
LMT H61    H N N 319 
LMT H72    H N N 320 
LMT H71    H N N 321 
LMT H82    H N N 322 
LMT H81    H N N 323 
LMT H92    H N N 324 
LMT H91    H N N 325 
LMT H102   H N N 326 
LMT H101   H N N 327 
LMT H112   H N N 328 
LMT H111   H N N 329 
LMT H123   H N N 330 
LMT H122   H N N 331 
LMT H121   H N N 332 
LYS N      N N N 333 
LYS CA     C N S 334 
LYS C      C N N 335 
LYS O      O N N 336 
LYS CB     C N N 337 
LYS CG     C N N 338 
LYS CD     C N N 339 
LYS CE     C N N 340 
LYS NZ     N N N 341 
LYS OXT    O N N 342 
LYS H      H N N 343 
LYS H2     H N N 344 
LYS HA     H N N 345 
LYS HB2    H N N 346 
LYS HB3    H N N 347 
LYS HG2    H N N 348 
LYS HG3    H N N 349 
LYS HD2    H N N 350 
LYS HD3    H N N 351 
LYS HE2    H N N 352 
LYS HE3    H N N 353 
LYS HZ1    H N N 354 
LYS HZ2    H N N 355 
LYS HZ3    H N N 356 
LYS HXT    H N N 357 
MET N      N N N 358 
MET CA     C N S 359 
MET C      C N N 360 
MET O      O N N 361 
MET CB     C N N 362 
MET CG     C N N 363 
MET SD     S N N 364 
MET CE     C N N 365 
MET OXT    O N N 366 
MET H      H N N 367 
MET H2     H N N 368 
MET HA     H N N 369 
MET HB2    H N N 370 
MET HB3    H N N 371 
MET HG2    H N N 372 
MET HG3    H N N 373 
MET HE1    H N N 374 
MET HE2    H N N 375 
MET HE3    H N N 376 
MET HXT    H N N 377 
PHE N      N N N 378 
PHE CA     C N S 379 
PHE C      C N N 380 
PHE O      O N N 381 
PHE CB     C N N 382 
PHE CG     C Y N 383 
PHE CD1    C Y N 384 
PHE CD2    C Y N 385 
PHE CE1    C Y N 386 
PHE CE2    C Y N 387 
PHE CZ     C Y N 388 
PHE OXT    O N N 389 
PHE H      H N N 390 
PHE H2     H N N 391 
PHE HA     H N N 392 
PHE HB2    H N N 393 
PHE HB3    H N N 394 
PHE HD1    H N N 395 
PHE HD2    H N N 396 
PHE HE1    H N N 397 
PHE HE2    H N N 398 
PHE HZ     H N N 399 
PHE HXT    H N N 400 
PRO N      N N N 401 
PRO CA     C N S 402 
PRO C      C N N 403 
PRO O      O N N 404 
PRO CB     C N N 405 
PRO CG     C N N 406 
PRO CD     C N N 407 
PRO OXT    O N N 408 
PRO H      H N N 409 
PRO HA     H N N 410 
PRO HB2    H N N 411 
PRO HB3    H N N 412 
PRO HG2    H N N 413 
PRO HG3    H N N 414 
PRO HD2    H N N 415 
PRO HD3    H N N 416 
PRO HXT    H N N 417 
SER N      N N N 418 
SER CA     C N S 419 
SER C      C N N 420 
SER O      O N N 421 
SER CB     C N N 422 
SER OG     O N N 423 
SER OXT    O N N 424 
SER H      H N N 425 
SER H2     H N N 426 
SER HA     H N N 427 
SER HB2    H N N 428 
SER HB3    H N N 429 
SER HG     H N N 430 
SER HXT    H N N 431 
SO4 S      S N N 432 
SO4 O1     O N N 433 
SO4 O2     O N N 434 
SO4 O3     O N N 435 
SO4 O4     O N N 436 
THR N      N N N 437 
THR CA     C N S 438 
THR C      C N N 439 
THR O      O N N 440 
THR CB     C N R 441 
THR OG1    O N N 442 
THR CG2    C N N 443 
THR OXT    O N N 444 
THR H      H N N 445 
THR H2     H N N 446 
THR HA     H N N 447 
THR HB     H N N 448 
THR HG1    H N N 449 
THR HG21   H N N 450 
THR HG22   H N N 451 
THR HG23   H N N 452 
THR HXT    H N N 453 
TRP N      N N N 454 
TRP CA     C N S 455 
TRP C      C N N 456 
TRP O      O N N 457 
TRP CB     C N N 458 
TRP CG     C Y N 459 
TRP CD1    C Y N 460 
TRP CD2    C Y N 461 
TRP NE1    N Y N 462 
TRP CE2    C Y N 463 
TRP CE3    C Y N 464 
TRP CZ2    C Y N 465 
TRP CZ3    C Y N 466 
TRP CH2    C Y N 467 
TRP OXT    O N N 468 
TRP H      H N N 469 
TRP H2     H N N 470 
TRP HA     H N N 471 
TRP HB2    H N N 472 
TRP HB3    H N N 473 
TRP HD1    H N N 474 
TRP HE1    H N N 475 
TRP HE3    H N N 476 
TRP HZ2    H N N 477 
TRP HZ3    H N N 478 
TRP HH2    H N N 479 
TRP HXT    H N N 480 
TYR N      N N N 481 
TYR CA     C N S 482 
TYR C      C N N 483 
TYR O      O N N 484 
TYR CB     C N N 485 
TYR CG     C Y N 486 
TYR CD1    C Y N 487 
TYR CD2    C Y N 488 
TYR CE1    C Y N 489 
TYR CE2    C Y N 490 
TYR CZ     C Y N 491 
TYR OH     O N N 492 
TYR OXT    O N N 493 
TYR H      H N N 494 
TYR H2     H N N 495 
TYR HA     H N N 496 
TYR HB2    H N N 497 
TYR HB3    H N N 498 
TYR HD1    H N N 499 
TYR HD2    H N N 500 
TYR HE1    H N N 501 
TYR HE2    H N N 502 
TYR HH     H N N 503 
TYR HXT    H N N 504 
VAL N      N N N 505 
VAL CA     C N S 506 
VAL C      C N N 507 
VAL O      O N N 508 
VAL CB     C N N 509 
VAL CG1    C N N 510 
VAL CG2    C N N 511 
VAL OXT    O N N 512 
VAL H      H N N 513 
VAL H2     H N N 514 
VAL HA     H N N 515 
VAL HB     H N N 516 
VAL HG11   H N N 517 
VAL HG12   H N N 518 
VAL HG13   H N N 519 
VAL HG21   H N N 520 
VAL HG22   H N N 521 
VAL HG23   H N N 522 
VAL HXT    H N N 523 
# 
loop_
_chem_comp_bond.comp_id 
_chem_comp_bond.atom_id_1 
_chem_comp_bond.atom_id_2 
_chem_comp_bond.value_order 
_chem_comp_bond.pdbx_aromatic_flag 
_chem_comp_bond.pdbx_stereo_config 
_chem_comp_bond.pdbx_ordinal 
ALA N     CA     sing N N 1   
ALA N     H      sing N N 2   
ALA N     H2     sing N N 3   
ALA CA    C      sing N N 4   
ALA CA    CB     sing N N 5   
ALA CA    HA     sing N N 6   
ALA C     O      doub N N 7   
ALA C     OXT    sing N N 8   
ALA CB    HB1    sing N N 9   
ALA CB    HB2    sing N N 10  
ALA CB    HB3    sing N N 11  
ALA OXT   HXT    sing N N 12  
ARG N     CA     sing N N 13  
ARG N     H      sing N N 14  
ARG N     H2     sing N N 15  
ARG CA    C      sing N N 16  
ARG CA    CB     sing N N 17  
ARG CA    HA     sing N N 18  
ARG C     O      doub N N 19  
ARG C     OXT    sing N N 20  
ARG CB    CG     sing N N 21  
ARG CB    HB2    sing N N 22  
ARG CB    HB3    sing N N 23  
ARG CG    CD     sing N N 24  
ARG CG    HG2    sing N N 25  
ARG CG    HG3    sing N N 26  
ARG CD    NE     sing N N 27  
ARG CD    HD2    sing N N 28  
ARG CD    HD3    sing N N 29  
ARG NE    CZ     sing N N 30  
ARG NE    HE     sing N N 31  
ARG CZ    NH1    sing N N 32  
ARG CZ    NH2    doub N N 33  
ARG NH1   HH11   sing N N 34  
ARG NH1   HH12   sing N N 35  
ARG NH2   HH21   sing N N 36  
ARG NH2   HH22   sing N N 37  
ARG OXT   HXT    sing N N 38  
ASN N     CA     sing N N 39  
ASN N     H      sing N N 40  
ASN N     H2     sing N N 41  
ASN CA    C      sing N N 42  
ASN CA    CB     sing N N 43  
ASN CA    HA     sing N N 44  
ASN C     O      doub N N 45  
ASN C     OXT    sing N N 46  
ASN CB    CG     sing N N 47  
ASN CB    HB2    sing N N 48  
ASN CB    HB3    sing N N 49  
ASN CG    OD1    doub N N 50  
ASN CG    ND2    sing N N 51  
ASN ND2   HD21   sing N N 52  
ASN ND2   HD22   sing N N 53  
ASN OXT   HXT    sing N N 54  
ASP N     CA     sing N N 55  
ASP N     H      sing N N 56  
ASP N     H2     sing N N 57  
ASP CA    C      sing N N 58  
ASP CA    CB     sing N N 59  
ASP CA    HA     sing N N 60  
ASP C     O      doub N N 61  
ASP C     OXT    sing N N 62  
ASP CB    CG     sing N N 63  
ASP CB    HB2    sing N N 64  
ASP CB    HB3    sing N N 65  
ASP CG    OD1    doub N N 66  
ASP CG    OD2    sing N N 67  
ASP OD2   HD2    sing N N 68  
ASP OXT   HXT    sing N N 69  
CYS N     CA     sing N N 70  
CYS N     H      sing N N 71  
CYS N     H2     sing N N 72  
CYS CA    C      sing N N 73  
CYS CA    CB     sing N N 74  
CYS CA    HA     sing N N 75  
CYS C     O      doub N N 76  
CYS C     OXT    sing N N 77  
CYS CB    SG     sing N N 78  
CYS CB    HB2    sing N N 79  
CYS CB    HB3    sing N N 80  
CYS SG    HG     sing N N 81  
CYS OXT   HXT    sing N N 82  
EDO C1    O1     sing N N 83  
EDO C1    C2     sing N N 84  
EDO C1    H11    sing N N 85  
EDO C1    H12    sing N N 86  
EDO O1    HO1    sing N N 87  
EDO C2    O2     sing N N 88  
EDO C2    H21    sing N N 89  
EDO C2    H22    sing N N 90  
EDO O2    HO2    sing N N 91  
GLN N     CA     sing N N 92  
GLN N     H      sing N N 93  
GLN N     H2     sing N N 94  
GLN CA    C      sing N N 95  
GLN CA    CB     sing N N 96  
GLN CA    HA     sing N N 97  
GLN C     O      doub N N 98  
GLN C     OXT    sing N N 99  
GLN CB    CG     sing N N 100 
GLN CB    HB2    sing N N 101 
GLN CB    HB3    sing N N 102 
GLN CG    CD     sing N N 103 
GLN CG    HG2    sing N N 104 
GLN CG    HG3    sing N N 105 
GLN CD    OE1    doub N N 106 
GLN CD    NE2    sing N N 107 
GLN NE2   HE21   sing N N 108 
GLN NE2   HE22   sing N N 109 
GLN OXT   HXT    sing N N 110 
GLU N     CA     sing N N 111 
GLU N     H      sing N N 112 
GLU N     H2     sing N N 113 
GLU CA    C      sing N N 114 
GLU CA    CB     sing N N 115 
GLU CA    HA     sing N N 116 
GLU C     O      doub N N 117 
GLU C     OXT    sing N N 118 
GLU CB    CG     sing N N 119 
GLU CB    HB2    sing N N 120 
GLU CB    HB3    sing N N 121 
GLU CG    CD     sing N N 122 
GLU CG    HG2    sing N N 123 
GLU CG    HG3    sing N N 124 
GLU CD    OE1    doub N N 125 
GLU CD    OE2    sing N N 126 
GLU OE2   HE2    sing N N 127 
GLU OXT   HXT    sing N N 128 
GLY N     CA     sing N N 129 
GLY N     H      sing N N 130 
GLY N     H2     sing N N 131 
GLY CA    C      sing N N 132 
GLY CA    HA2    sing N N 133 
GLY CA    HA3    sing N N 134 
GLY C     O      doub N N 135 
GLY C     OXT    sing N N 136 
GLY OXT   HXT    sing N N 137 
GSH N1    CA1    sing N N 138 
GSH N1    HN11   sing N N 139 
GSH N1    HN12   sing N N 140 
GSH CA1   C1     sing N N 141 
GSH CA1   CB1    sing N N 142 
GSH CA1   HA1    sing N N 143 
GSH C1    O11    doub N N 144 
GSH C1    O12    sing N N 145 
GSH O12   H12    sing N N 146 
GSH CB1   CG1    sing N N 147 
GSH CB1   HB12   sing N N 148 
GSH CB1   HB13   sing N N 149 
GSH CG1   CD1    sing N N 150 
GSH CG1   HG12   sing N N 151 
GSH CG1   HG13   sing N N 152 
GSH CD1   OE1    doub N N 153 
GSH CD1   N2     sing N N 154 
GSH N2    CA2    sing N N 155 
GSH N2    HN2    sing N N 156 
GSH CA2   C2     sing N N 157 
GSH CA2   CB2    sing N N 158 
GSH CA2   HA2    sing N N 159 
GSH C2    O2     doub N N 160 
GSH C2    N3     sing N N 161 
GSH CB2   SG2    sing N N 162 
GSH CB2   HB22   sing N N 163 
GSH CB2   HB23   sing N N 164 
GSH SG2   HSG    sing N N 165 
GSH N3    CA3    sing N N 166 
GSH N3    HN3    sing N N 167 
GSH CA3   C3     sing N N 168 
GSH CA3   HA31   sing N N 169 
GSH CA3   HA32   sing N N 170 
GSH C3    O31    doub N N 171 
GSH C3    O32    sing N N 172 
GSH O32   H32    sing N N 173 
HIS N     CA     sing N N 174 
HIS N     H      sing N N 175 
HIS N     H2     sing N N 176 
HIS CA    C      sing N N 177 
HIS CA    CB     sing N N 178 
HIS CA    HA     sing N N 179 
HIS C     O      doub N N 180 
HIS C     OXT    sing N N 181 
HIS CB    CG     sing N N 182 
HIS CB    HB2    sing N N 183 
HIS CB    HB3    sing N N 184 
HIS CG    ND1    sing Y N 185 
HIS CG    CD2    doub Y N 186 
HIS ND1   CE1    doub Y N 187 
HIS ND1   HD1    sing N N 188 
HIS CD2   NE2    sing Y N 189 
HIS CD2   HD2    sing N N 190 
HIS CE1   NE2    sing Y N 191 
HIS CE1   HE1    sing N N 192 
HIS NE2   HE2    sing N N 193 
HIS OXT   HXT    sing N N 194 
HOH O     H1     sing N N 195 
HOH O     H2     sing N N 196 
ILE N     CA     sing N N 197 
ILE N     H      sing N N 198 
ILE N     H2     sing N N 199 
ILE CA    C      sing N N 200 
ILE CA    CB     sing N N 201 
ILE CA    HA     sing N N 202 
ILE C     O      doub N N 203 
ILE C     OXT    sing N N 204 
ILE CB    CG1    sing N N 205 
ILE CB    CG2    sing N N 206 
ILE CB    HB     sing N N 207 
ILE CG1   CD1    sing N N 208 
ILE CG1   HG12   sing N N 209 
ILE CG1   HG13   sing N N 210 
ILE CG2   HG21   sing N N 211 
ILE CG2   HG22   sing N N 212 
ILE CG2   HG23   sing N N 213 
ILE CD1   HD11   sing N N 214 
ILE CD1   HD12   sing N N 215 
ILE CD1   HD13   sing N N 216 
ILE OXT   HXT    sing N N 217 
LEU N     CA     sing N N 218 
LEU N     H      sing N N 219 
LEU N     H2     sing N N 220 
LEU CA    C      sing N N 221 
LEU CA    CB     sing N N 222 
LEU CA    HA     sing N N 223 
LEU C     O      doub N N 224 
LEU C     OXT    sing N N 225 
LEU CB    CG     sing N N 226 
LEU CB    HB2    sing N N 227 
LEU CB    HB3    sing N N 228 
LEU CG    CD1    sing N N 229 
LEU CG    CD2    sing N N 230 
LEU CG    HG     sing N N 231 
LEU CD1   HD11   sing N N 232 
LEU CD1   HD12   sing N N 233 
LEU CD1   HD13   sing N N 234 
LEU CD2   HD21   sing N N 235 
LEU CD2   HD22   sing N N 236 
LEU CD2   HD23   sing N N 237 
LEU OXT   HXT    sing N N 238 
LMT C1B   C2B    sing N N 239 
LMT C1B   O1B    sing N N 240 
LMT C1B   O5B    sing N N 241 
LMT C1B   H1B    sing N N 242 
LMT C2B   C3B    sing N N 243 
LMT C2B   O2B    sing N N 244 
LMT C2B   H2B    sing N N 245 
LMT C3B   C4B    sing N N 246 
LMT C3B   O3B    sing N N 247 
LMT C3B   H3B    sing N N 248 
LMT C4B   C5B    sing N N 249 
LMT C4B   "O4'"  sing N N 250 
LMT C4B   H4B    sing N N 251 
LMT C5B   C6B    sing N N 252 
LMT C5B   O5B    sing N N 253 
LMT C5B   H5B    sing N N 254 
LMT C6B   O6B    sing N N 255 
LMT C6B   "H6'2" sing N N 256 
LMT C6B   "H6'1" sing N N 257 
LMT O1B   "C4'"  sing N N 258 
LMT O2B   H2O1   sing N N 259 
LMT O3B   H3O1   sing N N 260 
LMT "O4'" H4O1   sing N N 261 
LMT O6B   H6B    sing N N 262 
LMT "C1'" "C2'"  sing N N 263 
LMT "C1'" "O1'"  sing N N 264 
LMT "C1'" "O5'"  sing N N 265 
LMT "C1'" "H1'"  sing N N 266 
LMT "C2'" "C3'"  sing N N 267 
LMT "C2'" "O2'"  sing N N 268 
LMT "C2'" "H2'"  sing N N 269 
LMT "C3'" "C4'"  sing N N 270 
LMT "C3'" "O3'"  sing N N 271 
LMT "C3'" "H3'"  sing N N 272 
LMT "C4'" "C5'"  sing N N 273 
LMT "C4'" "H4'"  sing N N 274 
LMT "C5'" "C6'"  sing N N 275 
LMT "C5'" "O5'"  sing N N 276 
LMT "C5'" "H5'"  sing N N 277 
LMT "C6'" "O6'"  sing N N 278 
LMT "C6'" H6D    sing N N 279 
LMT "C6'" H6E    sing N N 280 
LMT "O1'" C1     sing N N 281 
LMT "O2'" H2O2   sing N N 282 
LMT "O3'" H3O2   sing N N 283 
LMT "O6'" "H6'"  sing N N 284 
LMT C1    C2     sing N N 285 
LMT C1    H12    sing N N 286 
LMT C1    H11    sing N N 287 
LMT C2    C3     sing N N 288 
LMT C2    H22    sing N N 289 
LMT C2    H21    sing N N 290 
LMT C3    C4     sing N N 291 
LMT C3    H32    sing N N 292 
LMT C3    H31    sing N N 293 
LMT C4    C5     sing N N 294 
LMT C4    H42    sing N N 295 
LMT C4    H41    sing N N 296 
LMT C5    C6     sing N N 297 
LMT C5    H52    sing N N 298 
LMT C5    H51    sing N N 299 
LMT C6    C7     sing N N 300 
LMT C6    H62    sing N N 301 
LMT C6    H61    sing N N 302 
LMT C7    C8     sing N N 303 
LMT C7    H72    sing N N 304 
LMT C7    H71    sing N N 305 
LMT C8    C9     sing N N 306 
LMT C8    H82    sing N N 307 
LMT C8    H81    sing N N 308 
LMT C9    C10    sing N N 309 
LMT C9    H92    sing N N 310 
LMT C9    H91    sing N N 311 
LMT C10   C11    sing N N 312 
LMT C10   H102   sing N N 313 
LMT C10   H101   sing N N 314 
LMT C11   C12    sing N N 315 
LMT C11   H112   sing N N 316 
LMT C11   H111   sing N N 317 
LMT C12   H123   sing N N 318 
LMT C12   H122   sing N N 319 
LMT C12   H121   sing N N 320 
LYS N     CA     sing N N 321 
LYS N     H      sing N N 322 
LYS N     H2     sing N N 323 
LYS CA    C      sing N N 324 
LYS CA    CB     sing N N 325 
LYS CA    HA     sing N N 326 
LYS C     O      doub N N 327 
LYS C     OXT    sing N N 328 
LYS CB    CG     sing N N 329 
LYS CB    HB2    sing N N 330 
LYS CB    HB3    sing N N 331 
LYS CG    CD     sing N N 332 
LYS CG    HG2    sing N N 333 
LYS CG    HG3    sing N N 334 
LYS CD    CE     sing N N 335 
LYS CD    HD2    sing N N 336 
LYS CD    HD3    sing N N 337 
LYS CE    NZ     sing N N 338 
LYS CE    HE2    sing N N 339 
LYS CE    HE3    sing N N 340 
LYS NZ    HZ1    sing N N 341 
LYS NZ    HZ2    sing N N 342 
LYS NZ    HZ3    sing N N 343 
LYS OXT   HXT    sing N N 344 
MET N     CA     sing N N 345 
MET N     H      sing N N 346 
MET N     H2     sing N N 347 
MET CA    C      sing N N 348 
MET CA    CB     sing N N 349 
MET CA    HA     sing N N 350 
MET C     O      doub N N 351 
MET C     OXT    sing N N 352 
MET CB    CG     sing N N 353 
MET CB    HB2    sing N N 354 
MET CB    HB3    sing N N 355 
MET CG    SD     sing N N 356 
MET CG    HG2    sing N N 357 
MET CG    HG3    sing N N 358 
MET SD    CE     sing N N 359 
MET CE    HE1    sing N N 360 
MET CE    HE2    sing N N 361 
MET CE    HE3    sing N N 362 
MET OXT   HXT    sing N N 363 
PHE N     CA     sing N N 364 
PHE N     H      sing N N 365 
PHE N     H2     sing N N 366 
PHE CA    C      sing N N 367 
PHE CA    CB     sing N N 368 
PHE CA    HA     sing N N 369 
PHE C     O      doub N N 370 
PHE C     OXT    sing N N 371 
PHE CB    CG     sing N N 372 
PHE CB    HB2    sing N N 373 
PHE CB    HB3    sing N N 374 
PHE CG    CD1    doub Y N 375 
PHE CG    CD2    sing Y N 376 
PHE CD1   CE1    sing Y N 377 
PHE CD1   HD1    sing N N 378 
PHE CD2   CE2    doub Y N 379 
PHE CD2   HD2    sing N N 380 
PHE CE1   CZ     doub Y N 381 
PHE CE1   HE1    sing N N 382 
PHE CE2   CZ     sing Y N 383 
PHE CE2   HE2    sing N N 384 
PHE CZ    HZ     sing N N 385 
PHE OXT   HXT    sing N N 386 
PRO N     CA     sing N N 387 
PRO N     CD     sing N N 388 
PRO N     H      sing N N 389 
PRO CA    C      sing N N 390 
PRO CA    CB     sing N N 391 
PRO CA    HA     sing N N 392 
PRO C     O      doub N N 393 
PRO C     OXT    sing N N 394 
PRO CB    CG     sing N N 395 
PRO CB    HB2    sing N N 396 
PRO CB    HB3    sing N N 397 
PRO CG    CD     sing N N 398 
PRO CG    HG2    sing N N 399 
PRO CG    HG3    sing N N 400 
PRO CD    HD2    sing N N 401 
PRO CD    HD3    sing N N 402 
PRO OXT   HXT    sing N N 403 
SER N     CA     sing N N 404 
SER N     H      sing N N 405 
SER N     H2     sing N N 406 
SER CA    C      sing N N 407 
SER CA    CB     sing N N 408 
SER CA    HA     sing N N 409 
SER C     O      doub N N 410 
SER C     OXT    sing N N 411 
SER CB    OG     sing N N 412 
SER CB    HB2    sing N N 413 
SER CB    HB3    sing N N 414 
SER OG    HG     sing N N 415 
SER OXT   HXT    sing N N 416 
SO4 S     O1     doub N N 417 
SO4 S     O2     doub N N 418 
SO4 S     O3     sing N N 419 
SO4 S     O4     sing N N 420 
THR N     CA     sing N N 421 
THR N     H      sing N N 422 
THR N     H2     sing N N 423 
THR CA    C      sing N N 424 
THR CA    CB     sing N N 425 
THR CA    HA     sing N N 426 
THR C     O      doub N N 427 
THR C     OXT    sing N N 428 
THR CB    OG1    sing N N 429 
THR CB    CG2    sing N N 430 
THR CB    HB     sing N N 431 
THR OG1   HG1    sing N N 432 
THR CG2   HG21   sing N N 433 
THR CG2   HG22   sing N N 434 
THR CG2   HG23   sing N N 435 
THR OXT   HXT    sing N N 436 
TRP N     CA     sing N N 437 
TRP N     H      sing N N 438 
TRP N     H2     sing N N 439 
TRP CA    C      sing N N 440 
TRP CA    CB     sing N N 441 
TRP CA    HA     sing N N 442 
TRP C     O      doub N N 443 
TRP C     OXT    sing N N 444 
TRP CB    CG     sing N N 445 
TRP CB    HB2    sing N N 446 
TRP CB    HB3    sing N N 447 
TRP CG    CD1    doub Y N 448 
TRP CG    CD2    sing Y N 449 
TRP CD1   NE1    sing Y N 450 
TRP CD1   HD1    sing N N 451 
TRP CD2   CE2    doub Y N 452 
TRP CD2   CE3    sing Y N 453 
TRP NE1   CE2    sing Y N 454 
TRP NE1   HE1    sing N N 455 
TRP CE2   CZ2    sing Y N 456 
TRP CE3   CZ3    doub Y N 457 
TRP CE3   HE3    sing N N 458 
TRP CZ2   CH2    doub Y N 459 
TRP CZ2   HZ2    sing N N 460 
TRP CZ3   CH2    sing Y N 461 
TRP CZ3   HZ3    sing N N 462 
TRP CH2   HH2    sing N N 463 
TRP OXT   HXT    sing N N 464 
TYR N     CA     sing N N 465 
TYR N     H      sing N N 466 
TYR N     H2     sing N N 467 
TYR CA    C      sing N N 468 
TYR CA    CB     sing N N 469 
TYR CA    HA     sing N N 470 
TYR C     O      doub N N 471 
TYR C     OXT    sing N N 472 
TYR CB    CG     sing N N 473 
TYR CB    HB2    sing N N 474 
TYR CB    HB3    sing N N 475 
TYR CG    CD1    doub Y N 476 
TYR CG    CD2    sing Y N 477 
TYR CD1   CE1    sing Y N 478 
TYR CD1   HD1    sing N N 479 
TYR CD2   CE2    doub Y N 480 
TYR CD2   HD2    sing N N 481 
TYR CE1   CZ     doub Y N 482 
TYR CE1   HE1    sing N N 483 
TYR CE2   CZ     sing Y N 484 
TYR CE2   HE2    sing N N 485 
TYR CZ    OH     sing N N 486 
TYR OH    HH     sing N N 487 
TYR OXT   HXT    sing N N 488 
VAL N     CA     sing N N 489 
VAL N     H      sing N N 490 
VAL N     H2     sing N N 491 
VAL CA    C      sing N N 492 
VAL CA    CB     sing N N 493 
VAL CA    HA     sing N N 494 
VAL C     O      doub N N 495 
VAL C     OXT    sing N N 496 
VAL CB    CG1    sing N N 497 
VAL CB    CG2    sing N N 498 
VAL CB    HB     sing N N 499 
VAL CG1   HG11   sing N N 500 
VAL CG1   HG12   sing N N 501 
VAL CG1   HG13   sing N N 502 
VAL CG2   HG21   sing N N 503 
VAL CG2   HG22   sing N N 504 
VAL CG2   HG23   sing N N 505 
VAL OXT   HXT    sing N N 506 
# 
loop_
_pdbx_entity_nonpoly.entity_id 
_pdbx_entity_nonpoly.name 
_pdbx_entity_nonpoly.comp_id 
2 GLUTATHIONE              GSH 
3 DODECYL-BETA-D-MALTOSIDE LMT 
4 1,2-ETHANEDIOL           EDO 
5 'UNKNOWN LIGAND'         UNL 
6 'SULFATE ION'            SO4 
7 water                    HOH 
# 
_pdbx_initial_refinement_model.id               1 
_pdbx_initial_refinement_model.entity_id_list   ? 
_pdbx_initial_refinement_model.type             'experimental model' 
_pdbx_initial_refinement_model.source_name      PDB 
_pdbx_initial_refinement_model.accession_code   2UUI 
_pdbx_initial_refinement_model.details          'PDB ENTRY 2UUI' 
# 
